data_6LD6
#
_entry.id   6LD6
#
_cell.length_a   92.583
_cell.length_b   104.902
_cell.length_c   160.620
_cell.angle_alpha   90.000
_cell.angle_beta   91.160
_cell.angle_gamma   90.000
#
_symmetry.space_group_name_H-M   'P 1 21 1'
#
loop_
_entity.id
_entity.type
_entity.pdbx_description
1 polymer 'LacZ1 Beta-galactosidase'
2 water water
#
_entity_poly.entity_id   1
_entity_poly.type   'polypeptide(L)'
_entity_poly.pdbx_seq_one_letter_code
;NGMLYPQSNDSRIVFPLDGVWDFRTAGEDSYPAEWADAPLPEPLPMAVPGSYNDQNDELNLRAHYGWVVYQRSFAVPSRL
VAGQRMILRFDAATHAADVYLNGQLLGSHFGGFLPFEFDVTSALHAGENLLTVAVDNRIGSSTLPVGNDAGTAFMGSDNA
NVPAVAEAKKHARRQNLPNFDFFNFAGLNRHVELYTTPADAYIADIAITTERLDHIAGDACTAANALIAYDVTFGGDFPS
NPTDPNTPIQPSDPAINHADSSESAESDIQRATTYGRQVRISILDGEGTVVAGVTADIERSGDGTAKASGEIAIRDAKLW
NPGAAYLYTAVAELLPEGGAESSSRIIDAYRQTFGIRTVEVSGTTFLINGKPFYFKGFGKHEDSYFHGRGTDDVLNVKDV
SLIHWLHANSFRTSHYPYAESMYDLCDREGIVIIDEVPAVGMSWLQYANPLVAERHREAIRGMIARDKNHPCIVMWSIAN
EPGLDGDGERPRQAYDYFRPLYELAHASDPQNRPVTLVCCQNDYTTDITERTMDVVCINRYYGWYNLSGDLDAACHALNI
ELDFWENIGKPVMFTEYGADTIEGIHGTHGEMFSEEFQRDYYARINAEIDKRPWFIGEQLWNFADFATFQGIIRVEGNRK
GILTRDRQPKMAAHWLRERWAGIPDYGYKG
;
_entity_poly.pdbx_strand_id   A,B,C,D
#
# COMPACT_ATOMS: atom_id res chain seq x y z
N ASN A 1 -7.68 49.61 8.00
CA ASN A 1 -6.63 48.69 8.50
C ASN A 1 -7.15 47.45 9.29
N GLY A 2 -8.10 47.69 10.18
CA GLY A 2 -8.64 46.61 11.00
C GLY A 2 -9.53 45.66 10.17
N MET A 3 -9.42 44.36 10.49
CA MET A 3 -10.23 43.35 9.82
C MET A 3 -10.78 42.41 10.88
N LEU A 4 -11.45 42.97 11.89
CA LEU A 4 -12.06 42.14 12.92
C LEU A 4 -12.96 41.12 12.27
N TYR A 5 -12.82 39.87 12.73
CA TYR A 5 -13.64 38.81 12.22
C TYR A 5 -15.12 39.14 12.50
N PRO A 6 -16.00 39.02 11.52
CA PRO A 6 -17.40 39.39 11.71
C PRO A 6 -18.04 38.70 12.91
N GLN A 7 -18.72 39.49 13.68
CA GLN A 7 -19.35 39.07 14.91
C GLN A 7 -20.84 39.38 14.87
N SER A 8 -21.63 38.54 15.49
CA SER A 8 -23.05 38.82 15.72
C SER A 8 -23.29 39.05 17.22
N ASN A 9 -24.08 40.08 17.51
CA ASN A 9 -24.53 40.53 18.85
C ASN A 9 -25.72 41.50 18.72
N ASP A 10 -25.95 42.32 19.74
CA ASP A 10 -27.16 43.17 19.69
C ASP A 10 -27.04 44.31 18.68
N SER A 11 -25.82 44.70 18.30
CA SER A 11 -25.62 45.78 17.32
C SER A 11 -25.31 45.27 15.91
N ARG A 12 -25.10 43.96 15.71
CA ARG A 12 -24.41 43.44 14.54
C ARG A 12 -24.95 42.06 14.18
N ILE A 13 -25.13 41.78 12.91
CA ILE A 13 -25.55 40.43 12.52
C ILE A 13 -24.66 40.02 11.36
N VAL A 14 -24.32 38.72 11.31
CA VAL A 14 -23.48 38.11 10.27
C VAL A 14 -24.39 37.18 9.49
N PHE A 15 -24.43 37.33 8.17
CA PHE A 15 -25.15 36.48 7.22
C PHE A 15 -24.12 35.68 6.37
N PRO A 16 -23.85 34.41 6.70
CA PRO A 16 -22.89 33.60 5.92
C PRO A 16 -23.36 33.36 4.48
N LEU A 17 -22.39 33.30 3.54
CA LEU A 17 -22.74 33.17 2.13
C LEU A 17 -22.21 31.87 1.55
N ASP A 18 -21.74 31.01 2.44
CA ASP A 18 -21.14 29.73 2.15
C ASP A 18 -22.23 28.84 1.57
N GLY A 19 -21.83 27.80 0.84
CA GLY A 19 -22.83 26.85 0.30
C GLY A 19 -22.33 26.32 -1.02
N VAL A 20 -23.25 25.87 -1.85
CA VAL A 20 -22.90 25.35 -3.17
C VAL A 20 -23.24 26.46 -4.19
N TRP A 21 -22.21 27.01 -4.84
CA TRP A 21 -22.36 28.13 -5.74
C TRP A 21 -22.34 27.62 -7.20
N ASP A 22 -22.71 28.52 -8.12
CA ASP A 22 -22.50 28.28 -9.55
C ASP A 22 -21.06 28.61 -9.88
N PHE A 23 -20.50 27.98 -10.98
CA PHE A 23 -19.08 28.10 -11.27
C PHE A 23 -18.82 27.79 -12.74
N ARG A 24 -17.93 28.53 -13.36
CA ARG A 24 -17.46 28.20 -14.72
C ARG A 24 -15.96 28.45 -14.77
N THR A 25 -15.20 27.60 -15.46
CA THR A 25 -13.83 28.01 -15.78
C THR A 25 -13.89 29.09 -16.85
N ALA A 26 -12.80 29.85 -17.01
CA ALA A 26 -12.76 30.87 -18.06
C ALA A 26 -11.34 30.86 -18.64
N GLY A 27 -10.79 32.02 -19.18
CA GLY A 27 -9.62 31.95 -20.01
C GLY A 27 -8.30 32.13 -19.21
N GLU A 28 -7.21 31.91 -19.91
CA GLU A 28 -5.87 32.11 -19.36
C GLU A 28 -5.64 33.53 -18.89
N ASP A 29 -6.21 34.50 -19.58
CA ASP A 29 -6.10 35.85 -19.02
C ASP A 29 -7.38 36.69 -19.20
N SER A 30 -8.53 36.09 -19.42
CA SER A 30 -9.76 36.88 -19.42
C SER A 30 -10.91 36.00 -18.93
N TYR A 31 -12.04 36.64 -18.69
CA TYR A 31 -13.30 35.97 -18.44
C TYR A 31 -14.39 36.87 -18.99
N PRO A 32 -15.55 36.33 -19.39
CA PRO A 32 -16.53 37.18 -20.07
C PRO A 32 -17.17 38.15 -19.08
N ALA A 33 -17.08 39.45 -19.37
CA ALA A 33 -17.68 40.47 -18.48
C ALA A 33 -19.19 40.26 -18.31
N GLU A 34 -19.88 39.71 -19.31
CA GLU A 34 -21.31 39.58 -19.08
C GLU A 34 -21.67 38.47 -18.07
N TRP A 35 -20.70 37.66 -17.64
CA TRP A 35 -21.05 36.71 -16.57
C TRP A 35 -21.26 37.40 -15.22
N ALA A 36 -20.90 38.67 -15.08
CA ALA A 36 -21.26 39.31 -13.83
C ALA A 36 -22.61 40.01 -13.87
N ASP A 37 -23.25 40.07 -15.02
CA ASP A 37 -24.48 40.82 -15.24
C ASP A 37 -25.77 39.99 -15.23
N ALA A 38 -25.66 38.68 -15.31
CA ALA A 38 -26.82 37.80 -15.43
C ALA A 38 -26.35 36.41 -15.04
N PRO A 39 -27.25 35.52 -14.64
CA PRO A 39 -26.81 34.18 -14.21
C PRO A 39 -25.79 33.60 -15.19
N LEU A 40 -24.79 32.91 -14.62
CA LEU A 40 -23.81 32.20 -15.42
C LEU A 40 -24.53 31.17 -16.27
N PRO A 41 -24.15 31.00 -17.52
CA PRO A 41 -24.72 29.93 -18.33
C PRO A 41 -24.09 28.59 -18.01
N GLU A 42 -24.90 27.57 -18.16
CA GLU A 42 -24.54 26.18 -17.86
C GLU A 42 -23.59 25.98 -16.67
N PRO A 43 -23.95 26.48 -15.51
CA PRO A 43 -22.99 26.47 -14.39
C PRO A 43 -22.81 25.05 -13.87
N LEU A 44 -21.55 24.76 -13.42
CA LEU A 44 -21.12 23.69 -12.53
C LEU A 44 -21.36 24.07 -11.08
N PRO A 45 -21.66 23.10 -10.21
CA PRO A 45 -21.74 23.42 -8.80
C PRO A 45 -20.32 23.51 -8.24
N MET A 46 -20.16 24.36 -7.24
CA MET A 46 -18.90 24.44 -6.51
C MET A 46 -19.18 24.85 -5.07
N ALA A 47 -18.72 24.04 -4.12
CA ALA A 47 -18.88 24.34 -2.72
C ALA A 47 -17.89 25.43 -2.26
N VAL A 48 -18.36 26.34 -1.43
CA VAL A 48 -17.54 27.30 -0.77
C VAL A 48 -17.86 27.32 0.73
N PRO A 49 -16.81 27.29 1.53
CA PRO A 49 -15.40 27.40 1.13
C PRO A 49 -14.72 26.11 0.64
N GLY A 50 -13.64 26.28 -0.15
CA GLY A 50 -13.03 25.08 -0.67
C GLY A 50 -12.18 25.46 -1.85
N SER A 51 -11.03 24.81 -2.09
CA SER A 51 -10.37 24.93 -3.38
C SER A 51 -11.29 24.38 -4.49
N TYR A 52 -11.16 24.92 -5.72
CA TYR A 52 -12.00 24.28 -6.72
C TYR A 52 -11.33 23.08 -7.36
N ASN A 53 -10.03 22.85 -7.10
CA ASN A 53 -9.27 22.02 -8.04
C ASN A 53 -9.69 20.56 -7.93
N ASP A 54 -10.05 20.11 -6.71
CA ASP A 54 -10.33 18.71 -6.53
C ASP A 54 -11.83 18.48 -6.40
N GLN A 55 -12.66 19.46 -6.79
CA GLN A 55 -14.09 19.31 -6.73
C GLN A 55 -14.75 18.94 -8.04
N ASN A 56 -13.99 18.49 -9.04
CA ASN A 56 -14.62 18.03 -10.29
C ASN A 56 -13.66 17.04 -10.91
N ASP A 57 -14.08 15.80 -11.04
CA ASP A 57 -13.30 14.78 -11.72
C ASP A 57 -13.65 14.61 -13.16
N GLU A 58 -14.67 15.28 -13.69
CA GLU A 58 -14.83 15.30 -15.15
C GLU A 58 -13.88 16.26 -15.84
N LEU A 59 -13.60 17.40 -15.21
CA LEU A 59 -12.57 18.31 -15.63
C LEU A 59 -11.24 18.01 -14.93
N ASN A 60 -10.16 18.52 -15.50
CA ASN A 60 -8.85 18.46 -14.90
C ASN A 60 -8.49 19.86 -14.40
N LEU A 61 -9.17 20.28 -13.35
CA LEU A 61 -8.97 21.62 -12.81
C LEU A 61 -7.64 21.77 -12.10
N ARG A 62 -6.92 20.69 -11.77
CA ARG A 62 -5.54 20.86 -11.28
C ARG A 62 -4.66 21.47 -12.36
N ALA A 63 -4.93 21.18 -13.65
CA ALA A 63 -4.18 21.75 -14.77
C ALA A 63 -4.66 23.16 -15.17
N HIS A 64 -5.80 23.63 -14.65
CA HIS A 64 -6.31 24.95 -15.04
C HIS A 64 -5.31 26.09 -14.81
N TYR A 65 -5.21 26.98 -15.79
CA TYR A 65 -4.37 28.16 -15.72
C TYR A 65 -5.23 29.36 -16.08
N GLY A 66 -5.33 30.35 -15.18
CA GLY A 66 -6.08 31.58 -15.41
C GLY A 66 -7.26 31.74 -14.45
N TRP A 67 -8.35 32.22 -15.01
CA TRP A 67 -9.54 32.65 -14.28
C TRP A 67 -10.63 31.58 -14.16
N VAL A 68 -11.37 31.68 -13.09
CA VAL A 68 -12.63 30.95 -12.99
C VAL A 68 -13.62 31.95 -12.43
N VAL A 69 -14.90 31.66 -12.55
CA VAL A 69 -15.90 32.61 -12.08
C VAL A 69 -16.95 31.89 -11.22
N TYR A 70 -17.14 32.42 -10.01
CA TYR A 70 -18.10 31.94 -9.04
C TYR A 70 -19.32 32.87 -9.04
N GLN A 71 -20.46 32.35 -8.68
CA GLN A 71 -21.62 33.21 -8.60
C GLN A 71 -22.64 32.57 -7.68
N ARG A 72 -23.38 33.41 -6.97
CA ARG A 72 -24.62 32.94 -6.38
C ARG A 72 -25.62 34.08 -6.19
N SER A 73 -26.81 33.72 -5.72
CA SER A 73 -27.81 34.68 -5.29
C SER A 73 -28.04 34.58 -3.78
N PHE A 74 -28.53 35.68 -3.22
CA PHE A 74 -28.92 35.73 -1.82
C PHE A 74 -29.89 36.89 -1.64
N ALA A 75 -30.78 36.71 -0.69
CA ALA A 75 -31.76 37.69 -0.32
C ALA A 75 -31.70 37.83 1.19
N VAL A 76 -31.95 39.05 1.64
CA VAL A 76 -31.97 39.33 3.06
C VAL A 76 -33.16 40.23 3.37
N PRO A 77 -33.71 40.14 4.60
CA PRO A 77 -34.85 41.01 4.93
C PRO A 77 -34.44 42.48 4.98
N SER A 78 -35.38 43.33 4.50
CA SER A 78 -35.23 44.78 4.49
C SER A 78 -35.03 45.35 5.89
N ARG A 79 -35.69 44.78 6.89
CA ARG A 79 -35.51 45.32 8.24
C ARG A 79 -34.12 45.00 8.82
N LEU A 80 -33.39 44.13 8.22
CA LEU A 80 -32.06 43.89 8.73
C LEU A 80 -31.04 44.85 8.16
N VAL A 81 -31.24 45.29 6.94
CA VAL A 81 -30.25 46.15 6.34
C VAL A 81 -30.60 47.60 6.62
N ALA A 82 -31.86 47.89 6.93
CA ALA A 82 -32.32 49.25 7.11
C ALA A 82 -31.45 50.01 8.11
N GLY A 83 -30.89 51.13 7.66
CA GLY A 83 -30.02 51.94 8.48
C GLY A 83 -28.65 51.35 8.81
N GLN A 84 -28.30 50.15 8.32
CA GLN A 84 -27.01 49.62 8.74
C GLN A 84 -25.95 49.82 7.67
N ARG A 85 -24.70 49.69 8.09
CA ARG A 85 -23.60 49.62 7.15
C ARG A 85 -23.48 48.15 6.73
N MET A 86 -23.49 47.84 5.42
CA MET A 86 -23.45 46.48 4.90
C MET A 86 -22.10 46.21 4.29
N ILE A 87 -21.40 45.19 4.83
CA ILE A 87 -20.03 44.78 4.45
C ILE A 87 -20.05 43.33 3.93
N LEU A 88 -19.45 43.11 2.78
CA LEU A 88 -19.30 41.80 2.16
C LEU A 88 -17.87 41.39 2.42
N ARG A 89 -17.65 40.34 3.21
CA ARG A 89 -16.31 39.92 3.58
C ARG A 89 -15.94 38.57 2.90
N PHE A 90 -14.71 38.54 2.29
CA PHE A 90 -14.03 37.38 1.65
C PHE A 90 -12.87 37.02 2.52
N ASP A 91 -13.02 35.98 3.33
CA ASP A 91 -11.91 35.58 4.22
C ASP A 91 -10.63 35.26 3.43
N ALA A 92 -10.74 34.71 2.18
CA ALA A 92 -9.65 34.45 1.26
C ALA A 92 -10.21 33.99 -0.07
N ALA A 93 -9.66 34.55 -1.14
CA ALA A 93 -9.82 34.16 -2.53
C ALA A 93 -8.41 34.09 -3.15
N THR A 94 -8.04 32.93 -3.65
CA THR A 94 -6.67 32.63 -3.95
C THR A 94 -6.50 32.52 -5.45
N HIS A 95 -5.68 33.36 -6.09
CA HIS A 95 -4.82 34.38 -5.51
C HIS A 95 -5.38 35.83 -5.58
N ALA A 96 -6.19 36.11 -6.61
CA ALA A 96 -6.63 37.46 -6.87
C ALA A 96 -8.07 37.34 -7.26
N ALA A 97 -8.84 38.42 -7.12
CA ALA A 97 -10.27 38.28 -7.38
C ALA A 97 -10.79 39.63 -7.84
N ASP A 98 -11.83 39.59 -8.67
CA ASP A 98 -12.66 40.76 -8.98
C ASP A 98 -14.04 40.41 -8.49
N VAL A 99 -14.69 41.31 -7.81
CA VAL A 99 -15.97 41.04 -7.20
C VAL A 99 -17.01 42.00 -7.78
N TYR A 100 -18.19 41.45 -8.12
CA TYR A 100 -19.31 42.19 -8.68
C TYR A 100 -20.58 41.85 -7.94
N LEU A 101 -21.43 42.84 -7.76
CA LEU A 101 -22.71 42.65 -7.11
C LEU A 101 -23.73 43.38 -7.97
N ASN A 102 -24.68 42.66 -8.48
CA ASN A 102 -25.77 43.20 -9.26
C ASN A 102 -25.23 43.96 -10.46
N GLY A 103 -24.23 43.36 -11.14
CA GLY A 103 -23.56 43.93 -12.30
C GLY A 103 -22.61 45.07 -12.04
N GLN A 104 -22.36 45.45 -10.80
CA GLN A 104 -21.48 46.56 -10.51
C GLN A 104 -20.17 46.07 -9.88
N LEU A 105 -19.04 46.51 -10.44
CA LEU A 105 -17.76 46.25 -9.84
C LEU A 105 -17.68 46.81 -8.45
N LEU A 106 -17.47 45.94 -7.47
CA LEU A 106 -17.10 46.46 -6.16
C LEU A 106 -15.62 46.69 -6.07
N GLY A 107 -14.79 45.85 -6.65
CA GLY A 107 -13.38 46.03 -6.41
C GLY A 107 -12.66 44.71 -6.62
N SER A 108 -11.33 44.78 -6.45
CA SER A 108 -10.41 43.69 -6.73
C SER A 108 -9.49 43.56 -5.55
N HIS A 109 -8.76 42.42 -5.50
CA HIS A 109 -7.84 42.18 -4.41
C HIS A 109 -6.77 41.24 -4.91
N PHE A 110 -5.55 41.44 -4.43
CA PHE A 110 -4.46 40.48 -4.68
C PHE A 110 -3.91 40.04 -3.34
N GLY A 111 -3.64 38.71 -3.19
CA GLY A 111 -3.06 38.11 -1.97
C GLY A 111 -4.02 36.98 -1.56
N GLY A 112 -3.64 35.73 -1.84
CA GLY A 112 -4.50 34.56 -1.73
C GLY A 112 -4.90 34.10 -0.34
N PHE A 113 -4.34 34.70 0.73
CA PHE A 113 -4.32 34.10 2.07
C PHE A 113 -4.74 35.06 3.17
N LEU A 114 -5.24 36.25 2.84
CA LEU A 114 -5.64 37.23 3.80
C LEU A 114 -6.99 37.86 3.39
N PRO A 115 -7.80 38.29 4.35
CA PRO A 115 -9.18 38.69 4.05
C PRO A 115 -9.28 40.09 3.46
N PHE A 116 -10.38 40.31 2.72
CA PHE A 116 -10.73 41.62 2.18
C PHE A 116 -12.24 41.76 2.24
N GLU A 117 -12.71 42.99 2.27
CA GLU A 117 -14.13 43.22 2.36
C GLU A 117 -14.50 44.45 1.48
N PHE A 118 -15.82 44.65 1.28
CA PHE A 118 -16.36 45.77 0.51
C PHE A 118 -17.60 46.30 1.20
N ASP A 119 -17.76 47.63 1.20
CA ASP A 119 -19.00 48.29 1.63
C ASP A 119 -20.08 48.10 0.58
N VAL A 120 -21.15 47.34 0.86
CA VAL A 120 -22.11 47.14 -0.19
C VAL A 120 -23.46 47.78 0.16
N THR A 121 -23.44 48.71 1.12
CA THR A 121 -24.63 49.42 1.55
C THR A 121 -25.41 49.97 0.37
N SER A 122 -24.72 50.49 -0.65
CA SER A 122 -25.49 51.08 -1.71
C SER A 122 -25.69 50.18 -2.92
N ALA A 123 -24.86 49.14 -3.14
CA ALA A 123 -25.12 48.23 -4.26
C ALA A 123 -26.16 47.20 -3.94
N LEU A 124 -26.42 46.93 -2.66
CA LEU A 124 -27.47 45.98 -2.29
C LEU A 124 -28.86 46.47 -2.69
N HIS A 125 -29.75 45.56 -3.02
CA HIS A 125 -31.11 45.96 -3.25
C HIS A 125 -32.03 44.87 -2.70
N ALA A 126 -33.36 45.05 -2.85
CA ALA A 126 -34.25 44.18 -2.13
C ALA A 126 -34.49 42.95 -3.00
N GLY A 127 -34.97 41.86 -2.36
CA GLY A 127 -35.10 40.63 -3.11
C GLY A 127 -33.74 40.06 -3.46
N GLU A 128 -33.70 39.29 -4.55
CA GLU A 128 -32.54 38.50 -4.93
C GLU A 128 -31.35 39.38 -5.40
N ASN A 129 -30.17 39.18 -4.82
CA ASN A 129 -28.98 39.88 -5.28
C ASN A 129 -28.08 38.91 -6.02
N LEU A 130 -27.34 39.39 -7.02
CA LEU A 130 -26.48 38.51 -7.80
C LEU A 130 -24.98 38.83 -7.59
N LEU A 131 -24.25 37.90 -6.96
CA LEU A 131 -22.86 38.08 -6.49
C LEU A 131 -21.91 37.25 -7.36
N THR A 132 -21.06 37.90 -8.12
CA THR A 132 -20.12 37.18 -8.97
C THR A 132 -18.69 37.45 -8.53
N VAL A 133 -17.87 36.41 -8.50
CA VAL A 133 -16.53 36.55 -7.94
C VAL A 133 -15.63 35.84 -8.89
N ALA A 134 -14.87 36.60 -9.65
CA ALA A 134 -13.90 35.97 -10.58
C ALA A 134 -12.56 35.77 -9.89
N VAL A 135 -11.97 34.60 -10.02
CA VAL A 135 -10.78 34.27 -9.21
C VAL A 135 -9.60 33.85 -10.11
N ASP A 136 -8.46 34.49 -9.93
CA ASP A 136 -7.28 34.30 -10.80
C ASP A 136 -6.30 33.43 -10.04
N ASN A 137 -5.85 32.33 -10.63
CA ASN A 137 -4.93 31.43 -9.93
C ASN A 137 -3.48 31.65 -10.34
N ARG A 138 -3.21 32.66 -11.18
CA ARG A 138 -1.90 32.69 -11.80
C ARG A 138 -0.82 33.06 -10.83
N ILE A 139 0.30 32.32 -10.88
CA ILE A 139 1.48 32.77 -10.15
C ILE A 139 2.66 32.98 -11.11
N GLY A 140 3.59 33.86 -10.72
CA GLY A 140 4.79 34.01 -11.51
C GLY A 140 5.82 34.82 -10.78
N SER A 141 6.68 35.52 -11.56
CA SER A 141 7.88 36.16 -10.98
C SER A 141 7.52 37.39 -10.12
N SER A 142 6.30 37.93 -10.22
CA SER A 142 5.94 39.05 -9.38
C SER A 142 4.83 38.72 -8.37
N THR A 143 4.41 37.44 -8.23
CA THR A 143 3.39 37.07 -7.21
C THR A 143 4.05 36.52 -5.93
N LEU A 144 3.35 36.66 -4.81
CA LEU A 144 3.76 35.99 -3.60
C LEU A 144 2.63 35.05 -3.22
N PRO A 145 2.90 33.73 -3.22
CA PRO A 145 4.10 32.87 -3.38
C PRO A 145 4.50 32.97 -4.84
N VAL A 146 5.78 32.73 -5.10
CA VAL A 146 6.45 32.99 -6.36
C VAL A 146 6.21 31.83 -7.32
N GLY A 147 5.74 32.18 -8.53
CA GLY A 147 5.75 31.25 -9.64
C GLY A 147 7.02 31.41 -10.52
N ASN A 148 7.42 30.32 -11.20
CA ASN A 148 8.40 30.43 -12.27
C ASN A 148 7.69 30.71 -13.61
N ASP A 149 8.24 31.70 -14.37
CA ASP A 149 7.67 32.19 -15.64
C ASP A 149 7.94 31.20 -16.77
N ALA A 150 9.01 30.43 -16.65
CA ALA A 150 9.44 29.51 -17.69
C ALA A 150 10.21 28.42 -16.96
N GLY A 151 10.48 27.31 -17.62
CA GLY A 151 11.38 26.32 -17.07
C GLY A 151 10.59 25.19 -16.39
N THR A 152 10.93 24.90 -15.13
CA THR A 152 10.21 23.89 -14.41
C THR A 152 9.66 24.41 -13.10
N ALA A 153 8.86 23.57 -12.52
CA ALA A 153 8.45 23.86 -11.17
C ALA A 153 9.59 23.51 -10.20
N PHE A 154 9.48 24.04 -9.02
CA PHE A 154 10.45 23.77 -7.99
C PHE A 154 10.62 22.26 -7.80
N MET A 155 11.87 21.87 -7.73
CA MET A 155 12.32 20.51 -7.63
C MET A 155 11.85 19.65 -8.83
N GLY A 156 11.67 20.27 -10.00
CA GLY A 156 11.25 19.56 -11.19
C GLY A 156 12.49 19.07 -11.92
N SER A 157 12.36 17.92 -12.56
CA SER A 157 13.38 17.37 -13.46
C SER A 157 13.35 18.09 -14.85
N ASP A 158 14.51 18.15 -15.49
CA ASP A 158 14.62 18.68 -16.86
C ASP A 158 15.70 17.97 -17.66
N ASN A 159 15.57 17.97 -19.00
CA ASN A 159 16.71 17.66 -19.90
C ASN A 159 16.87 18.85 -20.85
N ALA A 160 17.26 20.00 -20.30
CA ALA A 160 17.13 21.24 -21.05
C ALA A 160 18.02 21.32 -22.28
N ASN A 161 19.13 20.58 -22.33
CA ASN A 161 20.06 20.58 -23.46
C ASN A 161 19.55 19.77 -24.66
N VAL A 162 18.43 19.06 -24.54
CA VAL A 162 17.88 18.26 -25.63
C VAL A 162 17.07 19.17 -26.57
N PRO A 163 17.49 19.33 -27.84
CA PRO A 163 16.77 20.26 -28.73
C PRO A 163 15.28 20.03 -28.78
N ALA A 164 14.84 18.79 -28.90
CA ALA A 164 13.40 18.52 -28.93
C ALA A 164 12.68 19.15 -27.71
N VAL A 165 13.32 19.08 -26.56
CA VAL A 165 12.73 19.57 -25.32
C VAL A 165 12.64 21.10 -25.31
N ALA A 166 13.73 21.79 -25.72
CA ALA A 166 13.68 23.26 -25.82
C ALA A 166 12.57 23.70 -26.77
N GLU A 167 12.43 23.00 -27.89
CA GLU A 167 11.41 23.34 -28.86
C GLU A 167 10.01 23.06 -28.31
N ALA A 168 9.82 21.89 -27.68
CA ALA A 168 8.48 21.55 -27.18
C ALA A 168 8.03 22.51 -26.05
N LYS A 169 8.98 22.98 -25.21
CA LYS A 169 8.69 24.00 -24.21
C LYS A 169 8.10 25.26 -24.79
N LYS A 170 8.58 25.74 -25.94
CA LYS A 170 7.96 26.94 -26.49
C LYS A 170 6.45 26.79 -26.75
N HIS A 171 5.93 25.58 -26.95
CA HIS A 171 4.53 25.40 -27.40
C HIS A 171 3.65 24.65 -26.41
N ALA A 172 4.18 24.33 -25.24
CA ALA A 172 3.47 23.62 -24.22
C ALA A 172 2.35 24.51 -23.73
N ARG A 173 1.24 23.86 -23.42
CA ARG A 173 0.15 24.52 -22.74
C ARG A 173 0.71 25.31 -21.54
N ARG A 174 0.22 26.54 -21.35
CA ARG A 174 0.65 27.37 -20.23
C ARG A 174 0.18 26.71 -18.93
N GLN A 175 1.08 26.53 -17.96
CA GLN A 175 0.61 26.22 -16.59
C GLN A 175 1.39 26.95 -15.50
N ASN A 176 0.77 27.08 -14.35
CA ASN A 176 1.47 27.66 -13.20
C ASN A 176 2.57 26.70 -12.76
N LEU A 177 3.78 27.24 -12.65
CA LEU A 177 4.96 26.48 -12.24
C LEU A 177 5.36 26.96 -10.86
N PRO A 178 4.93 26.30 -9.79
CA PRO A 178 5.21 26.82 -8.45
C PRO A 178 6.70 26.85 -8.21
N ASN A 179 7.20 27.98 -7.70
CA ASN A 179 8.56 27.93 -7.19
C ASN A 179 8.56 27.66 -5.68
N PHE A 180 7.58 26.84 -5.22
CA PHE A 180 7.33 26.40 -3.86
C PHE A 180 6.84 24.96 -3.90
N ASP A 181 7.12 24.22 -2.82
CA ASP A 181 6.91 22.78 -2.77
C ASP A 181 5.56 22.45 -2.16
N PHE A 182 4.48 23.04 -2.70
CA PHE A 182 3.10 22.60 -2.40
C PHE A 182 2.17 22.96 -3.56
N PHE A 183 1.11 22.19 -3.74
CA PHE A 183 0.25 22.41 -4.91
C PHE A 183 -0.45 23.81 -4.87
N ASN A 184 -0.60 24.44 -6.06
CA ASN A 184 -1.18 25.75 -6.19
C ASN A 184 -2.71 25.72 -6.18
N PHE A 185 -3.30 25.36 -5.04
CA PHE A 185 -4.77 25.25 -4.93
C PHE A 185 -5.40 26.61 -4.95
N ALA A 186 -6.53 26.75 -5.67
CA ALA A 186 -7.03 28.09 -5.92
C ALA A 186 -8.53 28.20 -5.67
N GLY A 187 -9.03 29.42 -5.61
CA GLY A 187 -10.49 29.59 -5.48
C GLY A 187 -10.84 30.23 -4.16
N LEU A 188 -12.13 30.06 -3.78
CA LEU A 188 -12.72 30.62 -2.54
C LEU A 188 -12.37 29.65 -1.39
N ASN A 189 -11.10 29.67 -1.01
CA ASN A 189 -10.56 28.76 0.01
C ASN A 189 -11.13 29.00 1.43
N ARG A 190 -11.64 30.23 1.76
CA ARG A 190 -12.21 30.44 3.08
C ARG A 190 -13.57 31.10 2.93
N HIS A 191 -14.18 31.36 4.07
CA HIS A 191 -15.62 31.65 4.09
C HIS A 191 -15.92 32.99 3.42
N VAL A 192 -17.16 33.14 3.00
CA VAL A 192 -17.67 34.38 2.46
C VAL A 192 -18.91 34.73 3.28
N GLU A 193 -18.99 36.02 3.72
CA GLU A 193 -20.15 36.47 4.50
C GLU A 193 -20.49 37.97 4.34
N LEU A 194 -21.79 38.24 4.43
CA LEU A 194 -22.29 39.59 4.54
C LEU A 194 -22.45 39.89 6.01
N TYR A 195 -22.10 41.08 6.45
CA TYR A 195 -22.33 41.43 7.82
C TYR A 195 -22.67 42.93 8.00
N THR A 196 -23.08 43.26 9.21
CA THR A 196 -23.78 44.51 9.58
C THR A 196 -23.02 45.20 10.68
N THR A 197 -22.74 46.49 10.55
CA THR A 197 -22.40 47.32 11.71
C THR A 197 -23.33 48.53 11.64
N PRO A 198 -23.56 49.22 12.77
CA PRO A 198 -24.11 50.58 12.72
C PRO A 198 -23.35 51.44 11.70
N ALA A 199 -24.07 52.40 11.09
CA ALA A 199 -23.49 53.23 10.03
C ALA A 199 -22.88 54.53 10.53
N ASP A 200 -23.44 55.15 11.56
CA ASP A 200 -23.00 56.51 11.91
C ASP A 200 -21.65 56.53 12.65
N ALA A 201 -21.35 55.47 13.41
CA ALA A 201 -20.15 55.33 14.22
C ALA A 201 -20.04 53.85 14.56
N TYR A 202 -18.88 53.22 14.35
CA TYR A 202 -18.77 51.80 14.67
C TYR A 202 -17.33 51.47 15.05
N ILE A 203 -17.15 50.35 15.78
CA ILE A 203 -15.81 49.83 16.09
C ILE A 203 -15.18 49.25 14.82
N ALA A 204 -14.01 49.78 14.41
CA ALA A 204 -13.32 49.29 13.23
C ALA A 204 -12.12 48.41 13.55
N ASP A 205 -11.54 48.52 14.75
CA ASP A 205 -10.38 47.76 15.13
C ASP A 205 -10.18 47.84 16.64
N ILE A 206 -9.63 46.77 17.17
CA ILE A 206 -9.17 46.70 18.55
C ILE A 206 -7.77 46.09 18.57
N ALA A 207 -6.94 46.54 19.47
CA ALA A 207 -5.68 45.89 19.70
C ALA A 207 -5.49 45.81 21.19
N ILE A 208 -5.18 44.61 21.71
CA ILE A 208 -4.91 44.41 23.13
C ILE A 208 -3.47 43.94 23.25
N THR A 209 -2.68 44.50 24.16
CA THR A 209 -1.32 43.98 24.34
C THR A 209 -1.07 43.69 25.84
N THR A 210 -0.12 42.78 26.12
CA THR A 210 0.40 42.61 27.46
C THR A 210 1.62 43.53 27.59
N GLU A 211 1.46 44.61 28.35
CA GLU A 211 2.57 45.50 28.48
C GLU A 211 3.56 45.05 29.52
N ARG A 212 3.08 44.47 30.63
CA ARG A 212 4.04 44.19 31.70
C ARG A 212 3.44 43.20 32.68
N LEU A 213 4.29 42.36 33.22
CA LEU A 213 3.91 41.43 34.30
C LEU A 213 4.81 41.67 35.51
N ASP A 214 4.21 41.93 36.66
CA ASP A 214 4.91 42.06 37.93
C ASP A 214 4.72 40.76 38.71
N HIS A 215 5.83 40.12 39.06
CA HIS A 215 5.84 38.96 39.96
C HIS A 215 4.94 37.82 39.45
N ILE A 216 5.42 37.26 38.36
CA ILE A 216 4.91 36.01 37.82
C ILE A 216 5.17 34.88 38.83
N ALA A 217 4.16 34.06 39.03
CA ALA A 217 4.22 32.93 39.94
C ALA A 217 5.24 31.90 39.45
N GLY A 218 5.72 31.06 40.37
CA GLY A 218 6.79 30.13 40.02
C GLY A 218 6.38 29.16 38.92
N ASP A 219 5.12 28.78 38.90
CA ASP A 219 4.55 27.91 37.90
C ASP A 219 4.00 28.71 36.68
N ALA A 220 4.24 30.02 36.60
CA ALA A 220 3.77 30.83 35.49
C ALA A 220 2.24 30.86 35.33
N CYS A 221 1.45 30.34 36.27
CA CYS A 221 0.00 30.35 36.10
C CYS A 221 -0.65 31.70 36.35
N THR A 222 -0.06 32.54 37.19
CA THR A 222 -0.64 33.84 37.45
C THR A 222 0.52 34.81 37.54
N ALA A 223 0.20 36.11 37.55
CA ALA A 223 1.15 37.14 37.94
C ALA A 223 0.42 38.03 38.95
N ALA A 224 1.19 38.62 39.89
CA ALA A 224 0.57 39.49 40.91
C ALA A 224 -0.13 40.64 40.23
N ASN A 225 0.46 41.18 39.17
CA ASN A 225 -0.22 42.19 38.39
C ASN A 225 0.13 42.04 36.91
N ALA A 226 -0.88 42.25 36.04
CA ALA A 226 -0.70 42.39 34.59
C ALA A 226 -1.12 43.78 34.08
N LEU A 227 -0.27 44.45 33.32
CA LEU A 227 -0.61 45.73 32.71
C LEU A 227 -0.90 45.43 31.26
N ILE A 228 -2.17 45.60 30.85
CA ILE A 228 -2.48 45.45 29.43
C ILE A 228 -2.76 46.85 28.85
N ALA A 229 -2.54 46.98 27.55
CA ALA A 229 -2.92 48.19 26.81
C ALA A 229 -4.02 47.85 25.84
N TYR A 230 -4.96 48.78 25.65
CA TYR A 230 -6.03 48.71 24.66
C TYR A 230 -5.95 49.91 23.72
N ASP A 231 -6.39 49.66 22.49
CA ASP A 231 -6.37 50.61 21.39
C ASP A 231 -7.59 50.26 20.55
N VAL A 232 -8.56 51.16 20.47
CA VAL A 232 -9.82 50.95 19.75
C VAL A 232 -9.92 52.00 18.67
N THR A 233 -10.20 51.58 17.48
CA THR A 233 -10.30 52.49 16.37
C THR A 233 -11.75 52.43 15.90
N PHE A 234 -12.28 53.57 15.50
CA PHE A 234 -13.67 53.64 15.13
C PHE A 234 -13.75 54.17 13.73
N GLY A 235 -14.86 53.85 13.04
CA GLY A 235 -15.14 54.46 11.76
C GLY A 235 -16.45 55.20 11.91
N GLY A 236 -16.78 55.95 10.87
CA GLY A 236 -18.02 56.69 10.80
C GLY A 236 -17.83 58.18 11.01
N ASP A 237 -18.98 58.87 10.95
CA ASP A 237 -19.12 60.37 10.98
C ASP A 237 -18.46 61.04 9.76
N GLY A 276 -16.88 64.53 21.92
CA GLY A 276 -17.84 64.12 22.96
C GLY A 276 -18.18 62.62 23.15
N ARG A 277 -17.47 61.69 22.50
CA ARG A 277 -17.93 60.30 22.50
C ARG A 277 -17.05 59.38 23.38
N GLN A 278 -17.65 58.29 23.87
CA GLN A 278 -16.93 57.41 24.76
C GLN A 278 -17.16 55.94 24.42
N VAL A 279 -16.17 55.13 24.78
CA VAL A 279 -16.27 53.69 24.71
C VAL A 279 -16.04 53.11 26.09
N ARG A 280 -16.91 52.21 26.51
CA ARG A 280 -16.70 51.40 27.71
C ARG A 280 -16.02 50.07 27.36
N ILE A 281 -14.96 49.75 28.10
CA ILE A 281 -14.14 48.56 27.91
C ILE A 281 -14.21 47.70 29.16
N SER A 282 -14.82 46.52 29.05
CA SER A 282 -14.94 45.63 30.19
C SER A 282 -14.06 44.42 29.93
N ILE A 283 -13.27 44.03 30.93
CA ILE A 283 -12.43 42.84 30.85
C ILE A 283 -13.17 41.73 31.58
N LEU A 284 -13.47 40.65 30.85
CA LEU A 284 -14.11 39.43 31.33
C LEU A 284 -13.05 38.34 31.51
N ASP A 285 -13.07 37.62 32.65
CA ASP A 285 -12.19 36.48 32.83
C ASP A 285 -12.82 35.23 32.16
N GLY A 286 -12.21 34.05 32.36
CA GLY A 286 -12.67 32.82 31.69
C GLY A 286 -14.06 32.32 32.12
N GLU A 287 -14.60 32.83 33.23
CA GLU A 287 -15.98 32.50 33.58
C GLU A 287 -16.98 33.57 33.17
N GLY A 288 -16.52 34.59 32.44
CA GLY A 288 -17.28 35.75 32.02
C GLY A 288 -17.40 36.83 33.08
N THR A 289 -16.76 36.68 34.21
CA THR A 289 -16.92 37.68 35.26
C THR A 289 -16.22 38.96 34.86
N VAL A 290 -16.85 40.12 35.11
CA VAL A 290 -16.15 41.38 34.84
C VAL A 290 -15.09 41.60 35.92
N VAL A 291 -13.83 41.77 35.52
CA VAL A 291 -12.75 41.93 36.50
C VAL A 291 -12.08 43.27 36.41
N ALA A 292 -12.41 44.05 35.41
CA ALA A 292 -11.82 45.33 35.21
C ALA A 292 -12.69 45.99 34.18
N GLY A 293 -12.65 47.31 34.16
CA GLY A 293 -13.51 48.03 33.26
C GLY A 293 -13.18 49.50 33.30
N VAL A 294 -13.12 50.17 32.16
CA VAL A 294 -12.85 51.59 32.15
C VAL A 294 -13.72 52.19 31.06
N THR A 295 -13.99 53.48 31.18
CA THR A 295 -14.66 54.25 30.13
C THR A 295 -13.63 55.26 29.62
N ALA A 296 -13.56 55.40 28.31
CA ALA A 296 -12.43 56.07 27.72
C ALA A 296 -12.96 57.05 26.71
N ASP A 297 -12.22 58.11 26.52
CA ASP A 297 -12.64 59.16 25.63
C ASP A 297 -12.18 58.79 24.24
N ILE A 298 -13.07 59.02 23.26
CA ILE A 298 -12.74 58.85 21.85
C ILE A 298 -12.25 60.18 21.26
N GLU A 299 -11.02 60.18 20.74
CA GLU A 299 -10.38 61.37 20.21
C GLU A 299 -10.05 61.17 18.74
N ARG A 300 -10.32 62.22 17.96
CA ARG A 300 -10.13 62.30 16.51
C ARG A 300 -8.69 62.69 16.15
N THR A 305 -10.12 57.84 12.12
CA THR A 305 -8.89 57.93 12.97
C THR A 305 -9.35 58.52 14.29
N ALA A 306 -10.66 58.39 14.52
CA ALA A 306 -11.17 58.27 15.87
C ALA A 306 -10.56 57.06 16.59
N LYS A 307 -10.15 57.25 17.86
CA LYS A 307 -9.35 56.30 18.57
C LYS A 307 -9.42 56.59 20.09
N ALA A 308 -9.68 55.54 20.83
CA ALA A 308 -9.59 55.41 22.26
C ALA A 308 -8.42 54.49 22.57
N SER A 309 -7.60 54.90 23.50
CA SER A 309 -6.37 54.24 23.88
C SER A 309 -6.14 54.45 25.38
N GLY A 310 -5.59 53.44 26.07
CA GLY A 310 -5.39 53.49 27.51
C GLY A 310 -4.73 52.20 28.00
N GLU A 311 -4.59 52.07 29.30
CA GLU A 311 -4.03 50.87 29.92
C GLU A 311 -4.98 50.44 31.03
N ILE A 312 -4.93 49.16 31.41
CA ILE A 312 -5.74 48.58 32.48
C ILE A 312 -4.89 47.64 33.32
N ALA A 313 -4.99 47.76 34.65
CA ALA A 313 -4.24 46.85 35.52
C ALA A 313 -5.14 45.69 35.86
N ILE A 314 -4.62 44.47 35.79
CA ILE A 314 -5.37 43.29 36.25
C ILE A 314 -4.60 42.60 37.37
N ARG A 315 -5.16 42.63 38.62
CA ARG A 315 -4.45 42.00 39.71
C ARG A 315 -4.72 40.52 39.69
N ASP A 316 -3.74 39.76 40.15
CA ASP A 316 -3.91 38.32 40.19
C ASP A 316 -4.23 37.79 38.79
N ALA A 317 -3.58 38.33 37.75
CA ALA A 317 -3.98 37.97 36.39
C ALA A 317 -3.68 36.51 36.11
N LYS A 318 -4.56 35.86 35.36
CA LYS A 318 -4.32 34.47 34.98
C LYS A 318 -3.64 34.43 33.63
N LEU A 319 -2.43 33.88 33.61
CA LEU A 319 -1.61 33.89 32.41
C LEU A 319 -1.98 32.78 31.42
N TRP A 320 -1.68 33.05 30.14
CA TRP A 320 -1.81 32.10 29.04
C TRP A 320 -0.48 31.43 28.83
N ASN A 321 -0.47 30.08 28.76
CA ASN A 321 0.77 29.33 28.58
C ASN A 321 0.56 28.25 27.54
N PRO A 322 1.61 27.87 26.81
CA PRO A 322 1.56 26.61 26.10
C PRO A 322 1.10 25.51 27.06
N GLY A 323 0.21 24.65 26.60
CA GLY A 323 -0.18 23.57 27.49
C GLY A 323 -1.12 23.97 28.60
N ALA A 324 -1.40 25.27 28.77
CA ALA A 324 -2.33 25.69 29.80
C ALA A 324 -2.88 27.04 29.37
N ALA A 325 -3.76 27.03 28.37
CA ALA A 325 -4.37 28.26 27.85
C ALA A 325 -5.23 28.93 28.92
N TYR A 326 -5.34 30.23 28.84
CA TYR A 326 -6.33 30.94 29.65
C TYR A 326 -6.62 32.16 28.84
N LEU A 327 -7.91 32.45 28.63
CA LEU A 327 -8.38 33.54 27.79
C LEU A 327 -9.29 34.52 28.53
N TYR A 328 -9.05 35.79 28.27
CA TYR A 328 -9.94 36.86 28.64
C TYR A 328 -10.73 37.37 27.43
N THR A 329 -11.72 38.20 27.71
CA THR A 329 -12.43 38.97 26.67
C THR A 329 -12.41 40.49 26.93
N ALA A 330 -12.12 41.26 25.90
CA ALA A 330 -12.28 42.69 25.98
C ALA A 330 -13.57 43.07 25.25
N VAL A 331 -14.58 43.55 25.99
CA VAL A 331 -15.84 43.95 25.39
C VAL A 331 -15.82 45.47 25.20
N ALA A 332 -15.81 45.89 23.96
CA ALA A 332 -15.83 47.31 23.67
C ALA A 332 -17.26 47.71 23.31
N GLU A 333 -17.81 48.70 24.02
CA GLU A 333 -19.17 49.18 23.79
C GLU A 333 -19.10 50.66 23.52
N LEU A 334 -19.44 51.03 22.27
CA LEU A 334 -19.54 52.44 21.93
C LEU A 334 -20.81 53.04 22.58
N LEU A 335 -20.60 54.20 23.40
CA LEU A 335 -21.77 54.73 24.11
C LEU A 335 -22.44 55.89 23.33
N PRO A 336 -23.76 56.10 23.56
CA PRO A 336 -24.44 57.28 23.01
C PRO A 336 -24.09 58.58 23.77
N SER A 344 -28.10 54.66 28.87
CA SER A 344 -28.17 53.20 29.07
C SER A 344 -28.02 52.29 27.80
N ARG A 345 -28.39 52.83 26.62
CA ARG A 345 -28.31 52.01 25.42
C ARG A 345 -26.87 51.95 24.87
N ILE A 346 -26.60 50.94 24.05
CA ILE A 346 -25.28 50.74 23.46
C ILE A 346 -25.39 50.95 21.95
N ILE A 347 -24.48 51.75 21.38
CA ILE A 347 -24.49 52.01 19.94
C ILE A 347 -23.84 50.86 19.14
N ASP A 348 -22.70 50.36 19.57
CA ASP A 348 -21.92 49.32 18.88
C ASP A 348 -21.21 48.50 19.93
N ALA A 349 -20.86 47.25 19.58
CA ALA A 349 -20.19 46.38 20.55
C ALA A 349 -19.36 45.35 19.80
N TYR A 350 -18.27 44.86 20.39
CA TYR A 350 -17.38 43.85 19.78
C TYR A 350 -16.68 43.15 20.94
N ARG A 351 -16.74 41.83 20.96
CA ARG A 351 -16.04 41.07 22.01
C ARG A 351 -14.71 40.53 21.48
N GLN A 352 -13.60 41.03 22.01
CA GLN A 352 -12.30 40.63 21.53
C GLN A 352 -11.66 39.69 22.54
N THR A 353 -11.44 38.43 22.14
CA THR A 353 -10.67 37.48 22.95
C THR A 353 -9.20 37.90 23.05
N PHE A 354 -8.54 37.61 24.19
CA PHE A 354 -7.08 37.82 24.29
C PHE A 354 -6.53 36.95 25.44
N GLY A 355 -5.23 36.86 25.52
CA GLY A 355 -4.59 36.14 26.59
C GLY A 355 -3.37 36.91 27.09
N ILE A 356 -3.13 36.77 28.39
CA ILE A 356 -2.18 37.61 29.05
C ILE A 356 -0.88 36.83 29.05
N ARG A 357 0.12 37.27 28.27
CA ARG A 357 1.41 36.59 28.32
C ARG A 357 2.49 37.50 27.71
N THR A 358 3.74 37.24 28.08
CA THR A 358 4.83 37.97 27.48
C THR A 358 5.71 36.99 26.73
N VAL A 359 6.39 37.56 25.73
CA VAL A 359 7.33 36.84 24.91
C VAL A 359 8.60 37.65 24.86
N GLU A 360 9.74 37.02 25.15
CA GLU A 360 10.97 37.80 25.01
C GLU A 360 12.15 36.89 24.72
N VAL A 361 12.94 37.29 23.74
CA VAL A 361 14.18 36.61 23.39
C VAL A 361 15.23 37.19 24.30
N SER A 362 15.93 36.36 25.05
CA SER A 362 17.00 36.90 25.89
C SER A 362 18.23 36.04 25.75
N GLY A 363 19.33 36.63 25.28
CA GLY A 363 20.47 35.91 24.76
C GLY A 363 20.02 34.75 23.88
N THR A 364 20.30 33.51 24.30
CA THR A 364 19.95 32.30 23.55
C THR A 364 18.73 31.58 24.16
N THR A 365 17.84 32.33 24.85
CA THR A 365 16.60 31.78 25.41
C THR A 365 15.40 32.46 24.78
N PHE A 366 14.31 31.72 24.73
CA PHE A 366 13.00 32.18 24.21
C PHE A 366 12.02 32.17 25.37
N LEU A 367 11.74 33.35 25.93
CA LEU A 367 11.07 33.41 27.21
C LEU A 367 9.59 33.71 27.01
N ILE A 368 8.74 32.79 27.49
CA ILE A 368 7.32 33.06 27.62
C ILE A 368 7.04 33.15 29.09
N ASN A 369 6.38 34.25 29.48
CA ASN A 369 6.16 34.62 30.88
C ASN A 369 7.42 34.36 31.72
N GLY A 370 8.55 34.83 31.18
CA GLY A 370 9.88 34.69 31.77
C GLY A 370 10.42 33.27 31.87
N LYS A 371 9.77 32.25 31.29
CA LYS A 371 10.31 30.91 31.43
C LYS A 371 10.93 30.45 30.10
N PRO A 372 12.08 29.75 30.14
CA PRO A 372 12.76 29.28 28.91
C PRO A 372 11.96 28.20 28.17
N PHE A 373 11.30 28.59 27.07
CA PHE A 373 10.41 27.71 26.32
C PHE A 373 11.16 26.84 25.35
N TYR A 374 10.65 25.65 25.06
CA TYR A 374 11.26 24.76 24.05
C TYR A 374 10.20 24.36 23.01
N PHE A 375 10.41 24.71 21.75
CA PHE A 375 9.41 24.40 20.73
C PHE A 375 9.50 22.90 20.38
N LYS A 376 8.37 22.19 20.47
CA LYS A 376 8.25 20.82 19.95
C LYS A 376 7.13 20.83 18.88
N GLY A 377 7.45 20.53 17.65
CA GLY A 377 6.38 20.65 16.68
C GLY A 377 6.82 20.33 15.26
N PHE A 378 6.32 21.10 14.30
CA PHE A 378 6.37 20.76 12.86
C PHE A 378 5.80 21.95 12.10
N GLY A 379 6.16 22.03 10.82
CA GLY A 379 5.43 22.93 9.93
C GLY A 379 4.18 22.17 9.56
N LYS A 380 3.12 22.87 9.42
CA LYS A 380 1.92 22.26 8.89
C LYS A 380 1.68 22.71 7.44
N HIS A 381 0.54 22.33 6.88
CA HIS A 381 -0.05 22.87 5.65
C HIS A 381 -1.57 22.92 5.85
N GLU A 382 -2.26 23.86 5.23
CA GLU A 382 -3.71 23.67 5.06
C GLU A 382 -3.96 22.90 3.77
N ASP A 383 -4.36 21.65 3.90
CA ASP A 383 -4.26 20.64 2.84
C ASP A 383 -4.99 19.41 3.30
N SER A 384 -5.90 18.92 2.46
CA SER A 384 -6.69 17.69 2.70
C SER A 384 -7.28 17.28 1.39
N TYR A 385 -7.56 15.98 1.31
CA TYR A 385 -8.15 15.32 0.14
C TYR A 385 -9.30 15.98 -0.61
N PHE A 386 -10.23 16.63 -0.04
CA PHE A 386 -11.18 17.09 -1.15
C PHE A 386 -11.32 18.61 -1.21
N HIS A 387 -10.93 19.24 -0.09
CA HIS A 387 -10.94 20.66 0.20
C HIS A 387 -9.78 21.38 -0.44
N GLY A 388 -8.64 20.68 -0.63
CA GLY A 388 -7.40 21.22 -1.10
C GLY A 388 -6.89 22.09 0.01
N ARG A 389 -6.84 23.41 -0.24
CA ARG A 389 -6.44 24.34 0.79
C ARG A 389 -7.66 24.92 1.48
N GLY A 390 -8.87 24.41 1.18
CA GLY A 390 -10.10 24.97 1.77
C GLY A 390 -10.17 24.75 3.28
N THR A 391 -10.51 25.78 4.02
CA THR A 391 -10.65 25.62 5.47
C THR A 391 -11.69 24.55 5.81
N ASP A 392 -11.41 23.80 6.87
CA ASP A 392 -12.25 22.68 7.30
C ASP A 392 -12.07 22.59 8.83
N ASP A 393 -13.07 22.98 9.55
CA ASP A 393 -12.83 23.09 10.98
C ASP A 393 -12.89 21.74 11.69
N VAL A 394 -13.64 20.76 11.12
CA VAL A 394 -13.51 19.36 11.55
C VAL A 394 -12.04 18.91 11.51
N LEU A 395 -11.35 19.19 10.39
CA LEU A 395 -9.93 18.84 10.36
C LEU A 395 -9.11 19.68 11.35
N ASN A 396 -9.39 21.00 11.46
CA ASN A 396 -8.63 21.83 12.40
C ASN A 396 -8.75 21.25 13.82
N VAL A 397 -9.97 20.91 14.22
CA VAL A 397 -10.21 20.34 15.55
C VAL A 397 -9.41 19.02 15.73
N LYS A 398 -9.47 18.12 14.72
CA LYS A 398 -8.79 16.83 14.84
C LYS A 398 -7.29 17.03 14.90
N ASP A 399 -6.79 17.94 14.08
CA ASP A 399 -5.38 18.20 14.00
C ASP A 399 -4.84 18.71 15.33
N VAL A 400 -5.60 19.61 15.99
CA VAL A 400 -5.23 20.13 17.30
C VAL A 400 -5.20 18.99 18.33
N SER A 401 -6.17 18.11 18.29
CA SER A 401 -6.07 16.95 19.19
C SER A 401 -4.89 16.02 18.83
N LEU A 402 -4.56 15.85 17.58
CA LEU A 402 -3.34 15.13 17.20
C LEU A 402 -2.06 15.79 17.76
N ILE A 403 -2.00 17.11 17.65
CA ILE A 403 -0.92 17.87 18.25
C ILE A 403 -0.79 17.52 19.73
N HIS A 404 -1.91 17.52 20.45
CA HIS A 404 -1.85 17.10 21.88
C HIS A 404 -1.46 15.63 22.00
N TRP A 405 -1.93 14.80 21.09
CA TRP A 405 -1.66 13.36 21.24
C TRP A 405 -0.16 13.10 21.13
N LEU A 406 0.48 13.83 20.20
CA LEU A 406 1.92 13.79 19.98
C LEU A 406 2.72 14.38 21.12
N HIS A 407 2.07 15.17 22.01
CA HIS A 407 2.81 15.99 22.99
C HIS A 407 3.69 17.05 22.32
N ALA A 408 3.32 17.51 21.10
CA ALA A 408 3.93 18.71 20.52
C ALA A 408 3.37 19.95 21.23
N ASN A 409 3.96 21.10 20.95
CA ASN A 409 3.37 22.29 21.57
C ASN A 409 3.24 23.48 20.63
N SER A 410 3.45 23.31 19.31
CA SER A 410 3.64 24.46 18.49
C SER A 410 3.63 24.01 17.03
N PHE A 411 3.40 24.98 16.14
CA PHE A 411 3.65 24.72 14.75
C PHE A 411 3.90 26.06 14.08
N ARG A 412 4.31 26.02 12.82
CA ARG A 412 4.43 27.23 11.99
C ARG A 412 3.36 27.25 10.91
N THR A 413 2.85 28.42 10.51
CA THR A 413 1.87 28.43 9.41
C THR A 413 2.59 28.41 8.03
N SER A 414 3.40 27.38 7.83
CA SER A 414 3.99 27.23 6.55
C SER A 414 2.90 27.01 5.46
N HIS A 415 2.95 27.72 4.32
CA HIS A 415 3.80 28.93 4.13
C HIS A 415 2.90 30.13 3.79
N TYR A 416 1.84 30.40 4.57
CA TYR A 416 0.89 31.47 4.28
C TYR A 416 0.08 31.58 5.57
N PRO A 417 -0.50 32.74 5.87
CA PRO A 417 -1.38 32.81 7.06
C PRO A 417 -2.53 31.83 6.89
N TYR A 418 -2.89 31.15 7.97
CA TYR A 418 -3.87 30.08 7.94
C TYR A 418 -5.24 30.68 8.13
N ALA A 419 -6.28 29.86 8.08
CA ALA A 419 -7.64 30.38 8.35
C ALA A 419 -7.78 30.91 9.80
N GLU A 420 -8.54 31.99 9.98
CA GLU A 420 -8.58 32.67 11.30
C GLU A 420 -9.01 31.72 12.45
N SER A 421 -9.98 30.83 12.18
CA SER A 421 -10.48 29.93 13.24
C SER A 421 -9.42 29.00 13.80
N MET A 422 -8.40 28.66 13.01
CA MET A 422 -7.36 27.79 13.54
C MET A 422 -6.56 28.50 14.64
N TYR A 423 -6.33 29.83 14.50
CA TYR A 423 -5.73 30.57 15.63
C TYR A 423 -6.66 30.67 16.82
N ASP A 424 -7.97 30.92 16.62
CA ASP A 424 -8.86 30.88 17.78
C ASP A 424 -8.80 29.54 18.49
N LEU A 425 -8.76 28.44 17.70
CA LEU A 425 -8.62 27.11 18.27
C LEU A 425 -7.32 26.97 19.08
N CYS A 426 -6.18 27.43 18.52
CA CYS A 426 -4.92 27.32 19.23
C CYS A 426 -4.86 28.25 20.46
N ASP A 427 -5.56 29.39 20.45
CA ASP A 427 -5.61 30.22 21.65
C ASP A 427 -6.24 29.44 22.79
N ARG A 428 -7.30 28.67 22.47
CA ARG A 428 -8.01 27.98 23.54
C ARG A 428 -7.38 26.65 23.88
N GLU A 429 -6.62 26.07 22.98
CA GLU A 429 -5.99 24.81 23.25
C GLU A 429 -4.53 24.93 23.69
N GLY A 430 -3.96 26.12 23.79
CA GLY A 430 -2.60 26.22 24.33
C GLY A 430 -1.52 25.70 23.41
N ILE A 431 -1.66 25.98 22.10
CA ILE A 431 -0.68 25.65 21.11
C ILE A 431 -0.06 26.95 20.60
N VAL A 432 1.27 26.99 20.59
CA VAL A 432 2.07 28.11 20.13
C VAL A 432 2.22 28.11 18.59
N ILE A 433 2.04 29.28 17.98
CA ILE A 433 2.17 29.45 16.54
C ILE A 433 3.28 30.43 16.15
N ILE A 434 3.99 30.08 15.09
CA ILE A 434 4.81 31.00 14.32
C ILE A 434 4.00 31.39 13.07
N ASP A 435 3.65 32.67 12.89
CA ASP A 435 2.74 33.07 11.84
C ASP A 435 3.56 33.55 10.63
N GLU A 436 3.36 32.92 9.48
CA GLU A 436 4.21 33.20 8.31
C GLU A 436 3.43 33.67 7.07
N VAL A 437 3.97 34.72 6.38
CA VAL A 437 3.47 35.29 5.12
C VAL A 437 3.80 34.41 3.91
N PRO A 438 3.09 34.56 2.80
CA PRO A 438 3.31 33.70 1.61
C PRO A 438 4.52 34.08 0.80
N ALA A 439 5.58 34.63 1.44
CA ALA A 439 6.79 35.08 0.73
C ALA A 439 7.70 33.89 0.59
N VAL A 440 7.28 32.94 -0.23
CA VAL A 440 8.03 31.69 -0.42
C VAL A 440 8.35 31.56 -1.90
N GLY A 441 9.53 31.04 -2.24
CA GLY A 441 9.98 31.04 -3.60
C GLY A 441 10.87 32.20 -4.06
N MET A 442 11.29 33.10 -3.16
CA MET A 442 11.88 34.37 -3.54
C MET A 442 13.40 34.26 -3.77
N SER A 443 13.88 35.05 -4.72
CA SER A 443 15.31 35.15 -4.97
C SER A 443 15.62 36.56 -5.54
N TRP A 444 16.86 36.76 -5.99
CA TRP A 444 17.32 38.09 -6.41
C TRP A 444 16.41 38.72 -7.49
N LEU A 445 15.86 37.90 -8.36
CA LEU A 445 14.93 38.43 -9.36
C LEU A 445 13.79 39.23 -8.69
N GLN A 446 13.25 38.71 -7.57
CA GLN A 446 12.18 39.39 -6.81
C GLN A 446 12.66 40.65 -6.08
N TYR A 447 13.90 40.67 -5.57
CA TYR A 447 14.28 41.75 -4.65
C TYR A 447 14.29 43.09 -5.37
N ALA A 448 14.51 43.06 -6.70
CA ALA A 448 14.65 44.24 -7.54
C ALA A 448 13.34 44.62 -8.21
N ASN A 449 12.26 43.95 -7.83
CA ASN A 449 10.96 44.14 -8.43
C ASN A 449 10.08 44.96 -7.49
N PRO A 450 9.79 46.23 -7.80
CA PRO A 450 8.99 47.07 -6.86
C PRO A 450 7.62 46.49 -6.52
N LEU A 451 7.00 45.78 -7.45
CA LEU A 451 5.68 45.28 -7.17
C LEU A 451 5.72 44.12 -6.16
N VAL A 452 6.83 43.37 -6.15
CA VAL A 452 6.96 42.28 -5.18
C VAL A 452 7.17 42.85 -3.81
N ALA A 453 8.02 43.88 -3.70
CA ALA A 453 8.31 44.53 -2.43
C ALA A 453 7.02 45.05 -1.79
N GLU A 454 6.17 45.69 -2.57
CA GLU A 454 4.90 46.20 -2.03
C GLU A 454 3.96 45.08 -1.61
N ARG A 455 3.84 44.03 -2.45
CA ARG A 455 3.01 42.90 -2.05
C ARG A 455 3.54 42.29 -0.77
N HIS A 456 4.87 42.26 -0.63
CA HIS A 456 5.48 41.67 0.56
C HIS A 456 5.12 42.48 1.78
N ARG A 457 5.21 43.84 1.68
CA ARG A 457 4.85 44.68 2.83
C ARG A 457 3.36 44.55 3.14
N GLU A 458 2.51 44.42 2.09
CA GLU A 458 1.07 44.27 2.31
C GLU A 458 0.77 43.00 3.08
N ALA A 459 1.39 41.89 2.70
CA ALA A 459 1.16 40.62 3.38
C ALA A 459 1.58 40.72 4.82
N ILE A 460 2.72 41.40 5.08
CA ILE A 460 3.18 41.54 6.46
C ILE A 460 2.21 42.38 7.27
N ARG A 461 1.87 43.56 6.74
CA ARG A 461 0.95 44.41 7.49
C ARG A 461 -0.38 43.70 7.65
N GLY A 462 -0.77 42.94 6.64
CA GLY A 462 -2.14 42.45 6.63
C GLY A 462 -2.24 41.27 7.58
N MET A 463 -1.22 40.40 7.56
CA MET A 463 -1.11 39.33 8.54
C MET A 463 -1.13 39.88 9.99
N ILE A 464 -0.27 40.85 10.30
CA ILE A 464 -0.17 41.31 11.67
C ILE A 464 -1.43 42.00 12.08
N ALA A 465 -2.00 42.77 11.17
CA ALA A 465 -3.25 43.46 11.50
C ALA A 465 -4.34 42.47 11.81
N ARG A 466 -4.38 41.36 11.07
CA ARG A 466 -5.39 40.34 11.24
C ARG A 466 -5.20 39.61 12.55
N ASP A 467 -3.96 39.25 12.87
CA ASP A 467 -3.63 38.26 13.91
C ASP A 467 -2.99 38.80 15.20
N LYS A 468 -2.80 40.14 15.33
CA LYS A 468 -2.04 40.75 16.44
C LYS A 468 -2.60 40.36 17.83
N ASN A 469 -3.89 40.10 17.93
CA ASN A 469 -4.52 39.81 19.22
C ASN A 469 -4.39 38.37 19.75
N HIS A 470 -4.01 37.35 18.92
CA HIS A 470 -3.84 35.99 19.42
C HIS A 470 -2.66 35.83 20.38
N PRO A 471 -2.91 35.33 21.61
CA PRO A 471 -1.78 35.02 22.50
C PRO A 471 -0.94 33.85 22.01
N CYS A 472 -1.54 32.92 21.23
CA CYS A 472 -0.79 31.77 20.75
C CYS A 472 0.30 32.16 19.74
N ILE A 473 0.22 33.31 19.09
CA ILE A 473 1.30 33.72 18.21
C ILE A 473 2.46 34.29 19.06
N VAL A 474 3.64 33.68 18.96
CA VAL A 474 4.80 34.17 19.69
C VAL A 474 5.85 34.77 18.79
N MET A 475 5.72 34.63 17.46
CA MET A 475 6.82 35.02 16.57
C MET A 475 6.25 35.12 15.15
N TRP A 476 6.76 36.07 14.37
CA TRP A 476 6.42 36.26 12.96
C TRP A 476 7.54 35.75 12.08
N SER A 477 7.18 35.10 10.96
CA SER A 477 8.11 34.77 9.86
C SER A 477 7.84 35.58 8.57
N ILE A 478 8.86 36.26 8.05
CA ILE A 478 8.67 37.19 6.93
C ILE A 478 8.99 36.56 5.61
N ALA A 479 9.48 35.32 5.60
CA ALA A 479 9.64 34.57 4.37
C ALA A 479 10.01 33.10 4.66
N ASN A 480 9.79 32.25 3.68
CA ASN A 480 10.29 30.88 3.73
C ASN A 480 11.31 30.66 2.60
N GLU A 481 12.51 30.27 2.97
CA GLU A 481 13.56 29.85 2.03
C GLU A 481 13.90 30.84 0.90
N PRO A 482 14.02 32.15 1.11
CA PRO A 482 14.55 33.02 0.04
C PRO A 482 16.08 32.80 -0.16
N GLY A 483 16.56 33.20 -1.34
CA GLY A 483 18.00 33.19 -1.62
C GLY A 483 18.70 34.29 -0.84
N LEU A 484 19.60 33.91 0.10
CA LEU A 484 20.33 34.85 0.92
C LEU A 484 21.86 34.78 0.80
N ASP A 485 22.44 33.68 0.21
CA ASP A 485 23.86 33.35 0.24
C ASP A 485 24.48 33.55 -1.15
N GLY A 486 25.72 33.04 -1.32
CA GLY A 486 26.47 33.23 -2.57
C GLY A 486 27.58 34.27 -2.47
N ASP A 487 27.99 34.79 -3.63
CA ASP A 487 29.11 35.73 -3.69
C ASP A 487 28.72 37.04 -4.38
N GLY A 488 29.75 37.85 -4.65
CA GLY A 488 29.48 39.19 -5.13
C GLY A 488 28.63 39.95 -4.13
N GLU A 489 27.69 40.69 -4.67
CA GLU A 489 26.78 41.53 -3.91
C GLU A 489 25.50 40.80 -3.46
N ARG A 490 25.33 39.55 -3.86
CA ARG A 490 24.08 38.84 -3.60
C ARG A 490 23.73 38.80 -2.11
N PRO A 491 24.63 38.39 -1.21
CA PRO A 491 24.26 38.43 0.24
C PRO A 491 23.84 39.80 0.70
N ARG A 492 24.53 40.86 0.25
CA ARG A 492 24.14 42.23 0.66
C ARG A 492 22.80 42.64 0.04
N GLN A 493 22.59 42.30 -1.24
CA GLN A 493 21.30 42.62 -1.85
C GLN A 493 20.17 41.93 -1.08
N ALA A 494 20.37 40.67 -0.66
CA ALA A 494 19.30 40.03 0.08
C ALA A 494 19.12 40.74 1.42
N TYR A 495 20.21 40.96 2.15
CA TYR A 495 20.13 41.71 3.40
C TYR A 495 19.34 42.99 3.25
N ASP A 496 19.62 43.77 2.21
CA ASP A 496 18.96 45.08 2.06
C ASP A 496 17.49 44.97 1.66
N TYR A 497 17.11 43.89 1.01
CA TYR A 497 15.70 43.63 0.80
C TYR A 497 15.01 43.28 2.13
N PHE A 498 15.62 42.43 2.95
CA PHE A 498 14.91 41.86 4.11
C PHE A 498 14.96 42.72 5.38
N ARG A 499 16.00 43.50 5.55
CA ARG A 499 16.12 44.25 6.81
C ARG A 499 14.97 45.21 7.02
N PRO A 500 14.48 45.94 5.98
CA PRO A 500 13.28 46.78 6.23
C PRO A 500 12.00 46.01 6.46
N LEU A 501 11.92 44.78 5.95
CA LEU A 501 10.73 43.96 6.22
C LEU A 501 10.76 43.44 7.66
N TYR A 502 11.95 43.08 8.17
CA TYR A 502 12.12 42.78 9.58
C TYR A 502 11.69 43.98 10.42
N GLU A 503 12.10 45.18 10.04
CA GLU A 503 11.73 46.34 10.83
C GLU A 503 10.24 46.56 10.75
N LEU A 504 9.65 46.35 9.53
CA LEU A 504 8.24 46.58 9.33
C LEU A 504 7.39 45.64 10.19
N ALA A 505 7.84 44.37 10.38
CA ALA A 505 7.16 43.41 11.27
C ALA A 505 7.23 43.82 12.74
N HIS A 506 8.33 44.39 13.17
CA HIS A 506 8.42 44.93 14.54
C HIS A 506 7.52 46.14 14.71
N ALA A 507 7.44 47.00 13.70
CA ALA A 507 6.66 48.22 13.89
C ALA A 507 5.14 47.99 13.75
N SER A 508 4.71 46.95 13.00
CA SER A 508 3.25 46.75 12.80
C SER A 508 2.63 46.03 13.98
N ASP A 509 3.48 45.36 14.80
CA ASP A 509 2.98 44.50 15.87
C ASP A 509 2.95 45.27 17.19
N PRO A 510 1.77 45.60 17.73
CA PRO A 510 1.77 46.32 19.01
C PRO A 510 2.41 45.52 20.12
N GLN A 511 2.54 44.23 19.95
CA GLN A 511 3.16 43.42 20.96
C GLN A 511 4.67 43.32 20.76
N ASN A 512 5.16 43.76 19.63
CA ASN A 512 6.61 43.70 19.34
C ASN A 512 7.21 42.28 19.59
N ARG A 513 6.55 41.23 19.05
CA ARG A 513 7.11 39.87 19.17
C ARG A 513 8.37 39.70 18.32
N PRO A 514 9.15 38.65 18.60
CA PRO A 514 10.34 38.33 17.77
C PRO A 514 9.92 38.08 16.32
N VAL A 515 10.91 38.24 15.43
CA VAL A 515 10.70 38.14 13.98
C VAL A 515 11.83 37.27 13.45
N THR A 516 11.47 36.27 12.65
CA THR A 516 12.42 35.43 12.05
C THR A 516 12.20 35.40 10.53
N LEU A 517 13.06 34.64 9.86
CA LEU A 517 13.00 34.40 8.43
C LEU A 517 13.39 32.95 8.34
N VAL A 518 12.57 32.09 7.79
CA VAL A 518 12.92 30.66 7.76
C VAL A 518 13.91 30.38 6.60
N CYS A 519 15.08 29.88 6.93
CA CYS A 519 16.19 29.79 5.97
C CYS A 519 16.30 28.39 5.34
N CYS A 520 16.47 28.32 3.98
CA CYS A 520 16.82 27.05 3.36
C CYS A 520 18.26 26.60 3.68
N GLN A 521 18.51 25.32 3.48
CA GLN A 521 19.81 24.70 3.49
C GLN A 521 20.68 25.51 2.59
N ASN A 522 21.65 26.21 3.14
CA ASN A 522 22.49 27.06 2.23
C ASN A 522 23.95 27.09 2.71
N ASP A 523 24.76 27.93 2.08
CA ASP A 523 26.09 28.25 2.58
C ASP A 523 25.92 29.27 3.70
N TYR A 524 25.90 28.76 4.92
CA TYR A 524 25.64 29.60 6.06
C TYR A 524 26.78 30.58 6.29
N THR A 525 27.96 30.33 5.71
CA THR A 525 29.08 31.24 5.84
C THR A 525 28.96 32.48 4.92
N THR A 526 28.22 32.45 3.81
CA THR A 526 28.04 33.67 3.02
C THR A 526 26.67 34.32 3.17
N ASP A 527 25.72 33.65 3.79
CA ASP A 527 24.45 34.28 4.15
C ASP A 527 24.72 35.29 5.26
N ILE A 528 24.40 36.58 5.07
CA ILE A 528 24.55 37.53 6.17
C ILE A 528 23.21 37.98 6.72
N THR A 529 22.13 37.36 6.29
CA THR A 529 20.83 37.84 6.73
C THR A 529 20.23 37.03 7.88
N GLU A 530 20.29 35.68 7.80
CA GLU A 530 19.60 34.83 8.79
C GLU A 530 20.11 35.13 10.20
N ARG A 531 21.45 35.32 10.35
CA ARG A 531 22.08 35.52 11.67
C ARG A 531 21.61 36.79 12.34
N THR A 532 20.99 37.70 11.60
CA THR A 532 20.50 38.94 12.23
C THR A 532 19.04 38.84 12.69
N MET A 533 18.36 37.75 12.43
CA MET A 533 16.98 37.64 12.88
C MET A 533 16.96 37.46 14.40
N ASP A 534 15.76 37.63 15.01
CA ASP A 534 15.68 37.57 16.47
C ASP A 534 15.78 36.15 16.95
N VAL A 535 15.29 35.17 16.14
CA VAL A 535 15.47 33.73 16.36
C VAL A 535 15.94 33.16 15.05
N VAL A 536 16.96 32.33 15.09
CA VAL A 536 17.43 31.68 13.89
C VAL A 536 16.61 30.42 13.62
N CYS A 537 16.02 30.35 12.45
CA CYS A 537 15.11 29.25 12.12
C CYS A 537 15.64 28.61 10.86
N ILE A 538 16.10 27.38 10.98
CA ILE A 538 16.79 26.76 9.86
C ILE A 538 16.10 25.50 9.40
N ASN A 539 16.13 25.32 8.09
CA ASN A 539 15.60 24.14 7.42
C ASN A 539 16.82 23.35 6.94
N ARG A 540 16.97 22.13 7.43
CA ARG A 540 18.16 21.37 7.10
C ARG A 540 17.76 19.94 6.85
N TYR A 541 18.31 19.33 5.81
CA TYR A 541 18.00 17.97 5.39
C TYR A 541 19.24 17.16 5.23
N TYR A 542 20.18 17.31 6.16
CA TYR A 542 21.37 16.46 6.17
C TYR A 542 20.97 14.99 6.23
N GLY A 543 21.49 14.20 5.27
CA GLY A 543 21.18 12.78 5.21
C GLY A 543 20.00 12.45 4.32
N TRP A 544 19.24 13.45 3.83
CA TRP A 544 18.13 13.28 2.89
C TRP A 544 18.55 13.85 1.55
N TYR A 545 18.60 15.21 1.41
CA TYR A 545 19.01 15.79 0.13
C TYR A 545 20.55 15.77 -0.08
N ASN A 546 21.29 15.39 0.95
CA ASN A 546 22.74 15.30 0.88
C ASN A 546 23.21 14.18 1.82
N LEU A 547 24.42 13.67 1.59
CA LEU A 547 24.89 12.55 2.41
C LEU A 547 23.76 11.53 2.55
N SER A 548 23.08 11.22 1.40
CA SER A 548 21.80 10.52 1.39
C SER A 548 21.88 9.16 2.09
N GLY A 549 21.03 8.94 3.10
CA GLY A 549 20.97 7.66 3.79
C GLY A 549 22.08 7.37 4.80
N ASP A 550 23.12 8.22 4.87
CA ASP A 550 24.25 8.08 5.79
C ASP A 550 23.99 8.96 7.02
N LEU A 551 23.47 8.38 8.10
CA LEU A 551 23.13 9.19 9.26
C LEU A 551 24.40 9.61 10.02
N ASP A 552 25.43 8.76 10.01
CA ASP A 552 26.69 9.15 10.62
C ASP A 552 27.22 10.39 9.92
N ALA A 553 27.36 10.35 8.61
CA ALA A 553 27.90 11.54 7.98
C ALA A 553 26.95 12.72 8.16
N ALA A 554 25.63 12.45 8.15
CA ALA A 554 24.64 13.52 8.30
C ALA A 554 24.79 14.19 9.66
N CYS A 555 24.94 13.40 10.74
CA CYS A 555 25.07 14.00 12.07
C CYS A 555 26.40 14.77 12.22
N HIS A 556 27.48 14.28 11.54
CA HIS A 556 28.79 14.96 11.54
C HIS A 556 28.73 16.30 10.81
N ALA A 557 28.05 16.34 9.63
CA ALA A 557 27.78 17.60 8.91
C ALA A 557 26.97 18.58 9.75
N LEU A 558 25.88 18.09 10.36
CA LEU A 558 25.05 18.91 11.25
C LEU A 558 25.89 19.56 12.38
N ASN A 559 26.67 18.74 13.09
CA ASN A 559 27.50 19.25 14.19
C ASN A 559 28.52 20.30 13.73
N ILE A 560 29.02 20.19 12.48
CA ILE A 560 29.87 21.23 11.91
C ILE A 560 29.07 22.51 11.74
N GLU A 561 27.86 22.44 11.17
CA GLU A 561 27.06 23.68 11.13
C GLU A 561 26.61 24.12 12.53
N LEU A 562 26.24 23.17 13.40
CA LEU A 562 25.92 23.53 14.79
C LEU A 562 27.07 24.31 15.45
N ASP A 563 28.33 23.91 15.14
CA ASP A 563 29.54 24.56 15.68
C ASP A 563 29.61 25.98 15.21
N PHE A 564 29.10 26.25 13.99
CA PHE A 564 29.02 27.61 13.48
C PHE A 564 27.98 28.41 14.25
N TRP A 565 26.76 27.83 14.47
CA TRP A 565 25.70 28.61 15.15
C TRP A 565 25.98 28.76 16.66
N GLU A 566 26.77 27.83 17.24
CA GLU A 566 27.15 27.93 18.64
C GLU A 566 27.77 29.28 18.98
N ASN A 567 28.51 29.86 18.05
CA ASN A 567 29.22 31.12 18.28
C ASN A 567 28.44 32.36 17.89
N ILE A 568 27.42 32.21 17.06
CA ILE A 568 26.62 33.36 16.70
C ILE A 568 25.92 33.94 17.91
N GLY A 569 25.57 33.14 18.94
CA GLY A 569 24.95 33.74 20.12
C GLY A 569 23.48 34.07 19.98
N LYS A 570 22.81 33.51 18.97
CA LYS A 570 21.32 33.64 18.84
C LYS A 570 20.59 32.31 19.25
N PRO A 571 19.36 32.37 19.79
CA PRO A 571 18.60 31.10 19.90
C PRO A 571 18.42 30.55 18.51
N VAL A 572 18.59 29.24 18.36
CA VAL A 572 18.44 28.52 17.08
C VAL A 572 17.43 27.39 17.25
N MET A 573 16.55 27.18 16.24
CA MET A 573 15.64 26.02 16.20
C MET A 573 15.56 25.47 14.77
N PHE A 574 15.24 24.16 14.65
CA PHE A 574 14.80 23.63 13.38
C PHE A 574 13.38 24.11 13.09
N THR A 575 13.14 24.57 11.86
CA THR A 575 11.78 24.73 11.35
C THR A 575 11.43 23.71 10.25
N GLU A 576 12.43 23.04 9.69
CA GLU A 576 12.19 21.88 8.84
C GLU A 576 13.34 20.91 9.00
N TYR A 577 13.00 19.62 9.00
CA TYR A 577 13.93 18.54 8.69
C TYR A 577 13.10 17.26 8.63
N GLY A 578 13.51 16.29 7.80
CA GLY A 578 12.78 15.01 7.76
C GLY A 578 13.09 14.24 6.48
N ALA A 579 12.19 13.29 6.16
CA ALA A 579 12.54 12.26 5.17
C ALA A 579 11.26 11.75 4.59
N ASP A 580 11.16 11.72 3.25
CA ASP A 580 9.94 11.21 2.62
C ASP A 580 9.76 9.76 3.04
N THR A 581 8.49 9.38 3.30
CA THR A 581 8.26 8.08 3.96
C THR A 581 6.92 7.52 3.49
N ILE A 582 6.96 6.36 2.82
CA ILE A 582 5.77 5.74 2.33
C ILE A 582 5.32 4.76 3.40
N GLU A 583 4.15 5.02 3.99
CA GLU A 583 3.67 4.13 5.03
C GLU A 583 3.54 2.73 4.47
N GLY A 584 4.06 1.75 5.22
CA GLY A 584 4.03 0.36 4.85
C GLY A 584 5.27 -0.13 4.14
N ILE A 585 6.22 0.75 3.81
CA ILE A 585 7.53 0.29 3.35
C ILE A 585 8.38 0.10 4.58
N HIS A 586 8.87 -1.10 4.75
CA HIS A 586 9.62 -1.47 5.91
C HIS A 586 10.96 -2.15 5.52
N GLY A 587 11.95 -2.09 6.45
CA GLY A 587 13.23 -2.77 6.32
C GLY A 587 13.87 -2.98 7.68
N THR A 588 14.66 -4.05 7.81
CA THR A 588 15.34 -4.24 9.07
C THR A 588 16.44 -3.20 9.25
N HIS A 589 17.03 -2.74 8.14
CA HIS A 589 18.04 -1.67 8.13
C HIS A 589 17.42 -0.68 7.16
N GLY A 590 16.70 0.25 7.75
CA GLY A 590 15.70 0.98 7.02
C GLY A 590 16.37 1.97 6.09
N GLU A 591 15.98 1.96 4.84
CA GLU A 591 16.54 2.82 3.82
C GLU A 591 15.56 3.95 3.52
N MET A 592 16.06 4.95 2.78
CA MET A 592 15.23 6.09 2.40
C MET A 592 13.91 5.62 1.82
N PHE A 593 12.81 6.17 2.35
CA PHE A 593 11.38 5.95 2.08
C PHE A 593 10.73 4.93 3.03
N SER A 594 11.52 4.23 3.85
CA SER A 594 10.91 3.29 4.78
C SER A 594 10.51 4.03 6.04
N GLU A 595 9.68 3.39 6.83
CA GLU A 595 9.24 4.00 8.08
C GLU A 595 10.37 3.98 9.06
N GLU A 596 11.16 2.93 9.00
CA GLU A 596 12.27 2.81 9.91
C GLU A 596 13.24 3.95 9.71
N PHE A 597 13.54 4.29 8.44
CA PHE A 597 14.54 5.29 8.18
C PHE A 597 14.07 6.64 8.71
N GLN A 598 12.75 6.90 8.66
CA GLN A 598 12.25 8.16 9.15
C GLN A 598 12.43 8.23 10.65
N ARG A 599 12.14 7.12 11.34
CA ARG A 599 12.34 7.07 12.79
C ARG A 599 13.82 7.16 13.14
N ASP A 600 14.69 6.44 12.41
CA ASP A 600 16.12 6.54 12.63
C ASP A 600 16.62 7.97 12.40
N TYR A 601 16.06 8.68 11.41
CA TYR A 601 16.49 10.03 11.09
C TYR A 601 16.32 10.97 12.29
N TYR A 602 15.11 10.99 12.88
CA TYR A 602 14.81 11.86 14.01
C TYR A 602 15.61 11.45 15.25
N ALA A 603 15.73 10.15 15.46
CA ALA A 603 16.45 9.66 16.64
C ALA A 603 17.88 10.13 16.61
N ARG A 604 18.52 10.03 15.43
CA ARG A 604 19.90 10.42 15.35
C ARG A 604 20.02 11.93 15.36
N ILE A 605 19.13 12.64 14.69
CA ILE A 605 19.35 14.10 14.58
C ILE A 605 19.04 14.74 15.91
N ASN A 606 17.99 14.26 16.59
CA ASN A 606 17.54 14.86 17.84
C ASN A 606 18.55 14.63 18.96
N ALA A 607 19.34 13.54 18.87
CA ALA A 607 20.34 13.26 19.88
C ALA A 607 21.47 14.27 19.79
N GLU A 608 21.77 14.78 18.58
CA GLU A 608 22.76 15.84 18.42
C GLU A 608 22.30 17.18 19.00
N ILE A 609 21.07 17.62 18.65
CA ILE A 609 20.71 18.97 19.02
C ILE A 609 20.45 19.04 20.53
N ASP A 610 20.13 17.89 21.15
CA ASP A 610 19.97 17.80 22.60
C ASP A 610 21.23 18.18 23.33
N LYS A 611 22.41 18.07 22.68
CA LYS A 611 23.65 18.46 23.32
C LYS A 611 23.89 19.98 23.24
N ARG A 612 22.97 20.77 22.65
CA ARG A 612 23.22 22.20 22.38
C ARG A 612 22.33 23.06 23.23
N PRO A 613 22.85 23.75 24.27
CA PRO A 613 21.96 24.45 25.21
C PRO A 613 21.18 25.57 24.56
N TRP A 614 21.76 26.11 23.51
CA TRP A 614 21.26 27.24 22.80
C TRP A 614 20.29 26.84 21.66
N PHE A 615 20.05 25.54 21.44
CA PHE A 615 19.11 25.07 20.41
C PHE A 615 17.76 24.95 21.08
N ILE A 616 16.86 25.88 20.81
CA ILE A 616 15.67 26.04 21.67
C ILE A 616 14.40 25.44 21.08
N GLY A 617 14.47 24.64 19.99
CA GLY A 617 13.21 24.16 19.41
C GLY A 617 13.43 23.16 18.27
N GLU A 618 12.46 22.25 18.03
CA GLU A 618 12.56 21.26 16.95
C GLU A 618 11.19 21.26 16.26
N GLN A 619 11.09 21.97 15.16
CA GLN A 619 9.89 21.91 14.33
C GLN A 619 10.29 21.17 13.07
N LEU A 620 9.85 19.93 12.93
CA LEU A 620 10.20 19.11 11.79
C LEU A 620 9.31 19.40 10.60
N TRP A 621 9.66 18.78 9.49
CA TRP A 621 8.86 18.81 8.25
C TRP A 621 8.49 17.35 7.94
N ASN A 622 7.18 16.98 7.92
CA ASN A 622 5.95 17.85 8.11
C ASN A 622 5.01 17.14 9.08
N PHE A 623 4.06 17.87 9.65
CA PHE A 623 2.94 17.24 10.33
C PHE A 623 2.30 16.09 9.54
N ALA A 624 1.89 16.35 8.28
CA ALA A 624 1.15 15.34 7.50
C ALA A 624 1.48 15.46 6.00
N ASP A 625 1.54 14.34 5.30
CA ASP A 625 1.71 14.36 3.83
C ASP A 625 0.69 15.29 3.20
N PHE A 626 1.15 16.03 2.16
CA PHE A 626 0.31 17.01 1.46
C PHE A 626 0.64 17.03 -0.03
N ALA A 627 -0.27 17.62 -0.80
CA ALA A 627 -0.23 17.66 -2.28
C ALA A 627 0.76 18.67 -2.77
N THR A 628 1.52 18.27 -3.80
CA THR A 628 2.44 19.17 -4.48
C THR A 628 2.21 19.08 -5.99
N PHE A 629 2.75 20.02 -6.73
CA PHE A 629 2.91 19.81 -8.16
C PHE A 629 3.59 18.46 -8.43
N GLN A 630 3.24 17.81 -9.54
CA GLN A 630 3.67 16.42 -9.81
C GLN A 630 5.11 16.43 -10.32
N GLY A 631 5.89 15.43 -9.93
CA GLY A 631 7.30 15.48 -10.32
C GLY A 631 8.01 14.24 -9.83
N ILE A 632 9.24 14.07 -10.29
CA ILE A 632 9.90 12.80 -10.03
C ILE A 632 10.31 12.58 -8.59
N ILE A 633 10.32 13.59 -7.72
CA ILE A 633 10.62 13.37 -6.31
C ILE A 633 9.39 13.41 -5.40
N ARG A 634 8.16 13.46 -5.97
CA ARG A 634 6.97 13.67 -5.16
C ARG A 634 6.04 12.48 -5.39
N VAL A 635 6.05 11.52 -4.49
CA VAL A 635 5.22 10.31 -4.64
C VAL A 635 3.85 10.62 -4.15
N GLU A 636 2.99 11.03 -5.08
CA GLU A 636 1.68 11.56 -4.75
C GLU A 636 1.79 12.73 -3.75
N GLY A 637 2.74 13.64 -3.98
CA GLY A 637 2.92 14.83 -3.14
C GLY A 637 4.13 14.65 -2.23
N ASN A 638 4.19 15.49 -1.20
CA ASN A 638 5.32 15.48 -0.28
C ASN A 638 5.02 14.41 0.77
N ARG A 639 5.92 13.45 0.95
CA ARG A 639 5.64 12.37 1.90
C ARG A 639 6.48 12.45 3.18
N LYS A 640 6.95 13.64 3.59
CA LYS A 640 7.69 13.84 4.84
C LYS A 640 6.76 13.96 6.05
N GLY A 641 5.46 13.79 5.88
CA GLY A 641 4.61 13.80 7.04
C GLY A 641 5.01 12.71 8.02
N ILE A 642 4.94 13.02 9.31
CA ILE A 642 5.01 11.93 10.27
C ILE A 642 3.64 11.28 10.37
N LEU A 643 2.59 11.98 9.91
CA LEU A 643 1.27 11.39 9.73
C LEU A 643 1.01 11.32 8.21
N THR A 644 0.18 10.37 7.79
CA THR A 644 -0.33 10.29 6.41
C THR A 644 -1.25 11.44 6.15
N ARG A 645 -1.63 11.60 4.88
CA ARG A 645 -2.57 12.66 4.53
C ARG A 645 -3.90 12.49 5.26
N ASP A 646 -4.30 11.26 5.53
CA ASP A 646 -5.46 10.88 6.30
C ASP A 646 -5.19 10.96 7.79
N ARG A 647 -4.03 11.54 8.18
CA ARG A 647 -3.68 11.79 9.60
C ARG A 647 -3.42 10.48 10.38
N GLN A 648 -2.93 9.48 9.71
CA GLN A 648 -2.57 8.28 10.48
C GLN A 648 -1.06 8.23 10.72
N PRO A 649 -0.63 7.62 11.85
CA PRO A 649 0.73 7.88 12.35
C PRO A 649 1.69 6.88 11.81
N LYS A 650 2.75 7.36 11.14
CA LYS A 650 3.82 6.46 10.75
C LYS A 650 4.66 6.15 11.97
N MET A 651 5.57 5.18 11.79
CA MET A 651 6.37 4.73 12.91
C MET A 651 7.08 5.90 13.57
N ALA A 652 7.62 6.85 12.77
CA ALA A 652 8.28 7.98 13.43
C ALA A 652 7.36 8.81 14.36
N ALA A 653 6.05 8.96 14.04
CA ALA A 653 5.15 9.67 14.93
C ALA A 653 5.11 9.03 16.33
N HIS A 654 5.10 7.70 16.40
CA HIS A 654 5.05 7.03 17.71
C HIS A 654 6.33 7.30 18.46
N TRP A 655 7.47 7.25 17.76
CA TRP A 655 8.76 7.47 18.40
C TRP A 655 8.84 8.91 18.87
N LEU A 656 8.28 9.84 18.07
CA LEU A 656 8.38 11.27 18.38
C LEU A 656 7.43 11.57 19.51
N ARG A 657 6.28 10.87 19.52
CA ARG A 657 5.35 11.09 20.63
C ARG A 657 5.98 10.66 21.95
N GLU A 658 6.74 9.56 21.95
CA GLU A 658 7.39 9.12 23.19
C GLU A 658 8.46 10.11 23.62
N ARG A 659 9.31 10.58 22.70
CA ARG A 659 10.30 11.64 23.01
C ARG A 659 9.65 12.94 23.53
N TRP A 660 8.58 13.38 22.90
CA TRP A 660 7.98 14.65 23.31
C TRP A 660 7.20 14.56 24.62
N ALA A 661 6.68 13.38 24.97
CA ALA A 661 6.06 13.23 26.27
C ALA A 661 7.07 13.43 27.42
N GLY A 662 8.37 13.18 27.20
CA GLY A 662 9.35 13.45 28.25
C GLY A 662 10.05 14.81 28.16
N ILE A 663 9.62 15.75 27.32
CA ILE A 663 10.26 17.07 27.20
C ILE A 663 9.24 18.11 27.64
N PRO A 664 9.56 18.90 28.70
CA PRO A 664 8.66 19.90 29.22
C PRO A 664 8.66 21.13 28.32
N ASP A 665 7.49 21.80 28.28
CA ASP A 665 7.41 23.11 27.63
C ASP A 665 8.48 24.10 28.12
N TYR A 666 8.72 24.17 29.43
CA TYR A 666 9.57 25.17 30.07
C TYR A 666 10.69 24.44 30.78
N GLY A 667 11.94 24.93 30.67
CA GLY A 667 13.05 24.39 31.46
C GLY A 667 13.82 23.20 30.89
N TYR A 668 13.50 22.73 29.70
CA TYR A 668 14.28 21.62 29.14
C TYR A 668 15.74 21.99 29.04
N LYS A 669 16.04 23.21 28.60
CA LYS A 669 17.41 23.75 28.64
C LYS A 669 17.56 25.02 29.55
N ASN B 1 13.83 -47.71 6.30
CA ASN B 1 13.59 -46.77 7.41
C ASN B 1 14.73 -45.64 7.50
N GLY B 2 16.02 -45.97 7.43
CA GLY B 2 17.03 -44.92 7.40
C GLY B 2 16.96 -44.08 6.12
N MET B 3 16.87 -42.74 6.27
CA MET B 3 16.93 -41.84 5.09
C MET B 3 18.02 -40.81 5.34
N LEU B 4 19.25 -41.29 5.43
CA LEU B 4 20.43 -40.43 5.43
C LEU B 4 20.46 -39.56 4.18
N TYR B 5 20.64 -38.25 4.34
CA TYR B 5 20.70 -37.41 3.16
C TYR B 5 21.90 -37.83 2.27
N PRO B 6 21.74 -37.89 0.96
CA PRO B 6 22.84 -38.30 0.09
C PRO B 6 24.07 -37.43 0.24
N GLN B 7 25.21 -38.09 0.15
CA GLN B 7 26.50 -37.53 0.48
C GLN B 7 27.49 -37.99 -0.58
N SER B 8 28.42 -37.14 -0.98
CA SER B 8 29.52 -37.51 -1.86
C SER B 8 30.81 -37.54 -1.04
N ASN B 9 31.64 -38.56 -1.27
CA ASN B 9 32.88 -38.85 -0.54
C ASN B 9 33.64 -39.88 -1.38
N ASP B 10 34.58 -40.62 -0.77
CA ASP B 10 35.42 -41.44 -1.64
C ASP B 10 34.69 -42.68 -2.12
N SER B 11 33.71 -43.14 -1.34
CA SER B 11 32.89 -44.31 -1.62
C SER B 11 31.56 -43.98 -2.33
N ARG B 12 31.15 -42.70 -2.38
CA ARG B 12 29.79 -42.30 -2.81
C ARG B 12 29.78 -41.03 -3.65
N ILE B 13 28.87 -40.98 -4.63
CA ILE B 13 28.66 -39.76 -5.39
C ILE B 13 27.14 -39.46 -5.51
N VAL B 14 26.78 -38.16 -5.41
CA VAL B 14 25.44 -37.64 -5.65
C VAL B 14 25.43 -36.93 -7.00
N PHE B 15 24.42 -37.22 -7.81
CA PHE B 15 24.24 -36.63 -9.14
C PHE B 15 22.87 -35.91 -9.08
N PRO B 16 22.86 -34.61 -8.80
CA PRO B 16 21.61 -33.87 -8.72
C PRO B 16 20.83 -33.89 -10.02
N LEU B 17 19.49 -33.94 -9.88
CA LEU B 17 18.59 -33.88 -11.03
C LEU B 17 17.73 -32.63 -11.08
N ASP B 18 18.00 -31.67 -10.22
CA ASP B 18 17.30 -30.37 -10.28
C ASP B 18 17.47 -29.68 -11.64
N GLY B 19 16.65 -28.68 -11.90
CA GLY B 19 16.86 -27.75 -12.99
C GLY B 19 15.57 -27.52 -13.77
N VAL B 20 15.59 -27.25 -15.08
CA VAL B 20 14.32 -27.01 -15.79
C VAL B 20 13.86 -28.29 -16.46
N TRP B 21 12.80 -28.91 -15.95
CA TRP B 21 12.23 -30.14 -16.48
C TRP B 21 11.18 -29.81 -17.52
N ASP B 22 10.69 -30.83 -18.19
CA ASP B 22 9.46 -30.77 -19.01
C ASP B 22 8.24 -31.09 -18.16
N PHE B 23 7.07 -30.54 -18.55
CA PHE B 23 5.91 -30.64 -17.64
C PHE B 23 4.62 -30.55 -18.46
N ARG B 24 3.58 -31.29 -17.99
CA ARG B 24 2.24 -31.21 -18.58
C ARG B 24 1.22 -31.39 -17.49
N THR B 25 0.12 -30.67 -17.61
CA THR B 25 -0.97 -31.00 -16.73
C THR B 25 -1.71 -32.18 -17.33
N ALA B 26 -2.47 -32.87 -16.50
CA ALA B 26 -3.21 -34.05 -16.90
C ALA B 26 -4.58 -34.00 -16.23
N GLY B 27 -5.20 -35.13 -15.95
CA GLY B 27 -6.63 -35.14 -15.66
C GLY B 27 -6.92 -35.08 -14.17
N GLU B 28 -8.21 -34.98 -13.85
CA GLU B 28 -8.61 -34.99 -12.42
C GLU B 28 -8.36 -36.34 -11.76
N ASP B 29 -8.42 -37.44 -12.49
CA ASP B 29 -8.15 -38.67 -11.77
C ASP B 29 -7.42 -39.65 -12.65
N SER B 30 -6.70 -39.19 -13.67
CA SER B 30 -5.80 -40.03 -14.45
C SER B 30 -4.80 -39.13 -15.17
N TYR B 31 -3.79 -39.79 -15.72
CA TYR B 31 -2.84 -39.19 -16.63
C TYR B 31 -2.55 -40.22 -17.71
N PRO B 32 -2.08 -39.80 -18.87
CA PRO B 32 -1.72 -40.84 -19.87
C PRO B 32 -0.43 -41.61 -19.50
N ALA B 33 -0.55 -42.93 -19.20
CA ALA B 33 0.63 -43.71 -18.78
C ALA B 33 1.66 -43.87 -19.90
N GLU B 34 1.26 -43.64 -21.17
CA GLU B 34 2.21 -43.73 -22.27
C GLU B 34 3.16 -42.51 -22.33
N TRP B 35 2.91 -41.47 -21.52
CA TRP B 35 3.82 -40.35 -21.48
C TRP B 35 5.14 -40.77 -20.88
N ALA B 36 5.14 -41.88 -20.14
CA ALA B 36 6.39 -42.39 -19.62
C ALA B 36 7.25 -43.05 -20.67
N ASP B 37 6.78 -43.23 -21.94
CA ASP B 37 7.53 -44.03 -22.90
C ASP B 37 8.25 -43.21 -23.95
N ALA B 38 8.00 -41.91 -23.98
CA ALA B 38 8.59 -41.02 -24.97
C ALA B 38 8.57 -39.60 -24.41
N PRO B 39 9.33 -38.67 -25.01
CA PRO B 39 9.29 -37.26 -24.54
C PRO B 39 7.86 -36.74 -24.48
N LEU B 40 7.50 -35.99 -23.40
CA LEU B 40 6.14 -35.47 -23.27
C LEU B 40 5.81 -34.65 -24.50
N PRO B 41 4.61 -34.78 -25.07
CA PRO B 41 4.24 -33.94 -26.21
C PRO B 41 4.02 -32.52 -25.71
N GLU B 42 4.48 -31.57 -26.52
CA GLU B 42 4.35 -30.13 -26.29
C GLU B 42 4.58 -29.67 -24.84
N PRO B 43 5.77 -29.92 -24.28
CA PRO B 43 5.94 -29.70 -22.84
C PRO B 43 6.03 -28.21 -22.49
N LEU B 44 5.60 -27.86 -21.26
CA LEU B 44 5.96 -26.61 -20.58
C LEU B 44 7.28 -26.76 -19.84
N PRO B 45 7.99 -25.66 -19.64
CA PRO B 45 9.13 -25.70 -18.73
C PRO B 45 8.65 -25.65 -17.30
N MET B 46 9.46 -26.24 -16.43
CA MET B 46 9.08 -26.27 -15.04
C MET B 46 10.34 -26.51 -14.22
N ALA B 47 10.70 -25.53 -13.36
CA ALA B 47 11.90 -25.69 -12.54
C ALA B 47 11.65 -26.64 -11.36
N VAL B 48 12.67 -27.35 -11.01
CA VAL B 48 12.64 -28.32 -9.91
C VAL B 48 13.89 -28.05 -9.10
N PRO B 49 13.78 -27.91 -7.78
CA PRO B 49 12.53 -28.01 -7.03
C PRO B 49 11.67 -26.76 -7.13
N GLY B 50 10.41 -26.87 -6.69
CA GLY B 50 9.54 -25.72 -6.67
C GLY B 50 8.11 -26.20 -6.71
N SER B 51 7.18 -25.48 -6.10
CA SER B 51 5.79 -25.75 -6.45
C SER B 51 5.57 -25.38 -7.91
N TYR B 52 4.68 -26.08 -8.56
CA TYR B 52 4.39 -25.71 -9.94
C TYR B 52 3.36 -24.60 -10.05
N ASN B 53 2.54 -24.35 -9.02
CA ASN B 53 1.34 -23.52 -9.19
C ASN B 53 1.63 -22.08 -9.61
N ASP B 54 2.74 -21.46 -9.15
CA ASP B 54 3.06 -20.09 -9.52
C ASP B 54 4.18 -20.00 -10.55
N GLN B 55 4.42 -21.05 -11.36
CA GLN B 55 5.48 -21.01 -12.36
C GLN B 55 4.95 -20.85 -13.77
N ASN B 56 3.67 -20.56 -13.93
CA ASN B 56 3.13 -20.26 -15.26
C ASN B 56 1.91 -19.35 -15.13
N ASP B 57 2.03 -18.12 -15.58
CA ASP B 57 0.94 -17.17 -15.52
C ASP B 57 0.03 -17.19 -16.76
N GLU B 58 0.31 -17.99 -17.79
CA GLU B 58 -0.70 -18.20 -18.83
C GLU B 58 -1.79 -19.18 -18.39
N LEU B 59 -1.45 -20.15 -17.57
CA LEU B 59 -2.38 -21.10 -17.01
C LEU B 59 -2.80 -20.66 -15.61
N ASN B 60 -3.91 -21.18 -15.12
CA ASN B 60 -4.28 -20.93 -13.72
C ASN B 60 -3.94 -22.20 -12.92
N LEU B 61 -2.63 -22.48 -12.77
CA LEU B 61 -2.24 -23.72 -12.09
C LEU B 61 -2.67 -23.74 -10.62
N ARG B 62 -2.98 -22.61 -10.00
CA ARG B 62 -3.42 -22.73 -8.64
C ARG B 62 -4.82 -23.34 -8.58
N ALA B 63 -5.61 -23.25 -9.67
CA ALA B 63 -6.92 -23.93 -9.69
C ALA B 63 -6.80 -25.41 -10.12
N HIS B 64 -5.56 -25.91 -10.36
CA HIS B 64 -5.47 -27.27 -10.91
C HIS B 64 -5.97 -28.31 -9.89
N TYR B 65 -6.79 -29.26 -10.35
CA TYR B 65 -7.23 -30.41 -9.54
C TYR B 65 -6.84 -31.74 -10.20
N GLY B 66 -6.00 -32.53 -9.54
CA GLY B 66 -5.62 -33.84 -10.07
C GLY B 66 -4.14 -34.05 -10.33
N TRP B 67 -3.81 -34.56 -11.53
CA TRP B 67 -2.49 -35.00 -11.93
C TRP B 67 -1.79 -34.00 -12.84
N VAL B 68 -0.45 -34.00 -12.71
CA VAL B 68 0.51 -33.35 -13.61
C VAL B 68 1.61 -34.35 -13.83
N VAL B 69 2.38 -34.17 -14.90
CA VAL B 69 3.46 -35.10 -15.23
C VAL B 69 4.70 -34.29 -15.52
N TYR B 70 5.73 -34.51 -14.73
CA TYR B 70 7.06 -34.00 -14.93
C TYR B 70 7.89 -35.03 -15.67
N GLN B 71 8.94 -34.56 -16.38
CA GLN B 71 9.85 -35.46 -17.07
C GLN B 71 11.15 -34.77 -17.43
N ARG B 72 12.26 -35.50 -17.39
CA ARG B 72 13.50 -34.92 -17.89
C ARG B 72 14.31 -36.11 -18.36
N SER B 73 15.41 -35.82 -19.08
CA SER B 73 16.45 -36.81 -19.42
C SER B 73 17.70 -36.56 -18.63
N PHE B 74 18.48 -37.63 -18.45
CA PHE B 74 19.80 -37.49 -17.89
C PHE B 74 20.68 -38.60 -18.43
N ALA B 75 22.00 -38.39 -18.36
CA ALA B 75 23.00 -39.34 -18.80
C ALA B 75 24.14 -39.30 -17.81
N VAL B 76 24.76 -40.46 -17.54
CA VAL B 76 25.87 -40.48 -16.60
C VAL B 76 26.93 -41.47 -17.11
N PRO B 77 28.25 -41.23 -16.96
CA PRO B 77 29.23 -42.13 -17.56
C PRO B 77 29.13 -43.54 -17.00
N SER B 78 29.26 -44.54 -17.88
CA SER B 78 29.26 -45.93 -17.43
C SER B 78 30.21 -46.15 -16.27
N ARG B 79 31.38 -45.52 -16.29
CA ARG B 79 32.37 -45.87 -15.28
C ARG B 79 31.85 -45.62 -13.88
N LEU B 80 30.74 -44.89 -13.73
CA LEU B 80 30.36 -44.44 -12.42
C LEU B 80 29.15 -45.14 -11.85
N VAL B 81 28.36 -45.71 -12.73
CA VAL B 81 27.39 -46.68 -12.32
C VAL B 81 28.07 -48.01 -12.06
N ALA B 82 29.20 -48.28 -12.74
CA ALA B 82 29.83 -49.60 -12.72
C ALA B 82 30.08 -50.10 -11.31
N GLY B 83 29.46 -51.23 -10.97
CA GLY B 83 29.63 -51.88 -9.69
C GLY B 83 28.88 -51.26 -8.52
N GLN B 84 28.05 -50.24 -8.75
CA GLN B 84 27.43 -49.52 -7.62
C GLN B 84 25.94 -49.81 -7.52
N ARG B 85 25.43 -49.61 -6.32
CA ARG B 85 24.00 -49.59 -6.11
C ARG B 85 23.54 -48.16 -6.39
N MET B 86 22.63 -48.01 -7.37
CA MET B 86 22.07 -46.75 -7.84
C MET B 86 20.72 -46.43 -7.18
N ILE B 87 20.68 -45.33 -6.43
CA ILE B 87 19.46 -44.93 -5.71
C ILE B 87 18.97 -43.59 -6.27
N LEU B 88 17.68 -43.54 -6.61
CA LEU B 88 17.04 -42.34 -7.12
C LEU B 88 16.15 -41.81 -5.99
N ARG B 89 16.45 -40.60 -5.51
CA ARG B 89 15.86 -40.04 -4.30
C ARG B 89 15.04 -38.80 -4.61
N PHE B 90 13.76 -38.79 -4.17
CA PHE B 90 12.87 -37.63 -4.25
C PHE B 90 12.77 -37.03 -2.86
N ASP B 91 13.34 -35.84 -2.63
CA ASP B 91 13.22 -35.25 -1.32
C ASP B 91 11.76 -35.00 -0.94
N ALA B 92 10.90 -34.59 -1.89
CA ALA B 92 9.46 -34.49 -1.64
C ALA B 92 8.71 -34.32 -2.95
N ALA B 93 7.63 -35.05 -3.07
CA ALA B 93 6.70 -34.82 -4.17
C ALA B 93 5.33 -34.62 -3.53
N THR B 94 4.71 -33.48 -3.78
CA THR B 94 3.51 -33.18 -3.06
C THR B 94 2.19 -33.35 -3.96
N HIS B 95 1.25 -34.26 -3.63
CA HIS B 95 1.28 -35.08 -2.44
C HIS B 95 1.64 -36.54 -2.74
N ALA B 96 1.40 -37.02 -3.95
CA ALA B 96 1.44 -38.45 -4.22
C ALA B 96 2.13 -38.53 -5.55
N ALA B 97 3.00 -39.54 -5.73
CA ALA B 97 3.73 -39.61 -6.98
C ALA B 97 3.79 -41.06 -7.47
N ASP B 98 3.69 -41.23 -8.80
CA ASP B 98 4.09 -42.43 -9.53
C ASP B 98 5.37 -42.09 -10.28
N VAL B 99 6.41 -42.93 -10.14
CA VAL B 99 7.69 -42.65 -10.78
C VAL B 99 8.03 -43.73 -11.83
N TYR B 100 8.44 -43.30 -13.01
CA TYR B 100 8.84 -44.21 -14.06
C TYR B 100 10.26 -43.88 -14.48
N LEU B 101 11.03 -44.92 -14.77
CA LEU B 101 12.38 -44.74 -15.37
C LEU B 101 12.49 -45.62 -16.61
N ASN B 102 12.71 -45.01 -17.76
CA ASN B 102 12.78 -45.74 -19.04
C ASN B 102 11.53 -46.59 -19.29
N GLY B 103 10.36 -46.10 -18.91
CA GLY B 103 9.11 -46.78 -19.15
C GLY B 103 8.68 -47.72 -18.06
N GLN B 104 9.58 -48.07 -17.16
CA GLN B 104 9.31 -48.95 -16.05
C GLN B 104 8.78 -48.19 -14.82
N LEU B 105 7.62 -48.59 -14.35
CA LEU B 105 7.11 -48.17 -13.07
C LEU B 105 7.97 -48.59 -11.88
N LEU B 106 8.74 -47.64 -11.35
CA LEU B 106 9.50 -47.89 -10.14
C LEU B 106 8.58 -48.09 -8.95
N GLY B 107 7.35 -47.53 -8.97
CA GLY B 107 6.61 -47.51 -7.74
C GLY B 107 5.98 -46.15 -7.47
N SER B 108 5.36 -46.03 -6.31
CA SER B 108 4.44 -44.97 -5.95
C SER B 108 4.67 -44.52 -4.52
N HIS B 109 4.29 -43.29 -4.23
CA HIS B 109 4.49 -42.75 -2.88
C HIS B 109 3.33 -41.85 -2.52
N PHE B 110 2.94 -41.88 -1.25
CA PHE B 110 1.91 -40.89 -0.86
C PHE B 110 2.42 -39.77 0.05
N GLY B 111 3.12 -39.91 1.14
CA GLY B 111 3.27 -38.64 1.92
C GLY B 111 3.86 -37.42 1.16
N GLY B 112 3.36 -36.19 1.46
CA GLY B 112 3.67 -35.02 0.64
C GLY B 112 4.92 -34.24 1.01
N PHE B 113 5.52 -34.56 2.14
CA PHE B 113 6.54 -33.73 2.75
C PHE B 113 7.74 -34.53 3.27
N LEU B 114 7.94 -35.77 2.80
CA LEU B 114 8.90 -36.66 3.42
C LEU B 114 9.51 -37.40 2.24
N PRO B 115 10.83 -37.62 2.27
CA PRO B 115 11.56 -38.14 1.09
C PRO B 115 11.30 -39.62 0.87
N PHE B 116 11.52 -40.03 -0.38
CA PHE B 116 11.38 -41.44 -0.72
C PHE B 116 12.36 -41.78 -1.83
N GLU B 117 12.66 -43.09 -1.98
CA GLU B 117 13.67 -43.47 -2.94
C GLU B 117 13.44 -44.90 -3.50
N PHE B 118 14.15 -45.17 -4.59
CA PHE B 118 14.04 -46.40 -5.37
C PHE B 118 15.44 -46.85 -5.76
N ASP B 119 15.67 -48.14 -5.68
CA ASP B 119 16.82 -48.76 -6.33
C ASP B 119 16.55 -48.85 -7.83
N VAL B 120 17.30 -48.09 -8.63
CA VAL B 120 17.20 -48.04 -10.08
C VAL B 120 18.39 -48.73 -10.78
N THR B 121 19.26 -49.42 -10.02
CA THR B 121 20.43 -50.15 -10.54
C THR B 121 20.11 -50.89 -11.82
N SER B 122 18.98 -51.60 -11.83
CA SER B 122 18.65 -52.42 -12.98
C SER B 122 17.84 -51.68 -14.00
N ALA B 123 17.20 -50.60 -13.63
CA ALA B 123 16.46 -49.92 -14.68
C ALA B 123 17.32 -48.93 -15.47
N LEU B 124 18.47 -48.53 -14.94
CA LEU B 124 19.30 -47.53 -15.63
C LEU B 124 20.01 -48.15 -16.79
N HIS B 125 20.12 -47.42 -17.91
CA HIS B 125 20.98 -47.92 -18.96
C HIS B 125 21.94 -46.83 -19.42
N ALA B 126 22.95 -47.25 -20.20
CA ALA B 126 23.91 -46.31 -20.79
C ALA B 126 23.20 -45.19 -21.55
N GLY B 127 23.85 -44.06 -21.71
CA GLY B 127 23.29 -42.94 -22.50
C GLY B 127 22.08 -42.20 -21.87
N GLU B 128 21.21 -41.69 -22.72
CA GLU B 128 20.06 -40.94 -22.22
C GLU B 128 19.03 -41.85 -21.56
N ASN B 129 18.72 -41.59 -20.29
CA ASN B 129 17.60 -42.16 -19.55
C ASN B 129 16.44 -41.19 -19.50
N LEU B 130 15.21 -41.70 -19.42
CA LEU B 130 14.02 -40.85 -19.42
C LEU B 130 13.31 -41.01 -18.10
N LEU B 131 13.23 -39.94 -17.33
CA LEU B 131 12.64 -40.02 -16.00
C LEU B 131 11.28 -39.33 -16.04
N THR B 132 10.21 -40.04 -15.68
CA THR B 132 8.85 -39.49 -15.80
C THR B 132 8.20 -39.59 -14.42
N VAL B 133 7.72 -38.43 -13.89
CA VAL B 133 7.10 -38.37 -12.55
C VAL B 133 5.70 -37.74 -12.63
N ALA B 134 4.70 -38.52 -12.19
CA ALA B 134 3.33 -38.07 -12.16
C ALA B 134 3.09 -37.61 -10.73
N VAL B 135 2.62 -36.39 -10.52
CA VAL B 135 2.41 -35.92 -9.15
C VAL B 135 0.96 -35.55 -8.99
N ASP B 136 0.34 -36.03 -7.93
CA ASP B 136 -1.10 -35.86 -7.71
C ASP B 136 -1.29 -34.89 -6.54
N ASN B 137 -2.06 -33.80 -6.74
CA ASN B 137 -2.24 -32.79 -5.68
C ASN B 137 -3.48 -32.98 -4.81
N ARG B 138 -4.23 -34.07 -4.99
CA ARG B 138 -5.57 -34.14 -4.43
C ARG B 138 -5.56 -34.43 -2.92
N ILE B 139 -6.51 -33.85 -2.23
CA ILE B 139 -6.67 -33.92 -0.78
C ILE B 139 -8.17 -34.16 -0.54
N GLY B 140 -8.46 -34.84 0.56
CA GLY B 140 -9.84 -35.11 0.93
C GLY B 140 -9.84 -35.66 2.34
N SER B 141 -10.95 -36.30 2.71
CA SER B 141 -11.16 -36.80 4.05
C SER B 141 -10.21 -37.92 4.44
N SER B 142 -9.52 -38.55 3.50
CA SER B 142 -8.56 -39.58 3.87
C SER B 142 -7.08 -39.18 3.62
N THR B 143 -6.78 -37.95 3.18
CA THR B 143 -5.40 -37.47 3.10
C THR B 143 -4.93 -36.75 4.39
N LEU B 144 -3.58 -36.78 4.57
CA LEU B 144 -2.90 -35.88 5.47
C LEU B 144 -1.91 -35.03 4.62
N PRO B 145 -2.14 -33.71 4.55
CA PRO B 145 -3.13 -32.92 5.29
C PRO B 145 -4.52 -33.12 4.75
N VAL B 146 -5.56 -32.84 5.53
CA VAL B 146 -6.96 -33.20 5.24
C VAL B 146 -7.58 -32.18 4.32
N GLY B 147 -8.19 -32.63 3.22
CA GLY B 147 -9.11 -31.81 2.47
C GLY B 147 -10.53 -32.19 2.78
N ASN B 148 -11.46 -31.35 2.45
CA ASN B 148 -12.87 -31.57 2.71
C ASN B 148 -13.45 -32.06 1.41
N ASP B 149 -14.31 -33.08 1.49
CA ASP B 149 -14.79 -33.68 0.24
C ASP B 149 -15.85 -32.84 -0.42
N ALA B 150 -16.51 -31.96 0.34
CA ALA B 150 -17.51 -31.07 -0.24
C ALA B 150 -17.63 -29.87 0.69
N GLY B 151 -18.55 -28.95 0.34
CA GLY B 151 -18.70 -27.73 1.13
C GLY B 151 -17.71 -26.64 0.75
N THR B 152 -17.03 -26.07 1.74
CA THR B 152 -16.09 -25.01 1.49
C THR B 152 -14.73 -25.36 2.06
N ALA B 153 -13.71 -24.53 1.74
CA ALA B 153 -12.40 -24.63 2.40
C ALA B 153 -12.53 -24.15 3.84
N PHE B 154 -11.49 -24.41 4.61
CA PHE B 154 -11.46 -24.00 5.99
C PHE B 154 -11.56 -22.47 6.06
N MET B 155 -12.37 -22.00 7.02
CA MET B 155 -12.73 -20.58 7.20
C MET B 155 -13.34 -19.98 5.92
N GLY B 156 -13.93 -20.86 5.08
CA GLY B 156 -14.72 -20.44 3.95
C GLY B 156 -16.08 -19.88 4.35
N SER B 157 -16.49 -18.88 3.60
CA SER B 157 -17.82 -18.28 3.67
C SER B 157 -18.87 -19.11 2.91
N ASP B 158 -20.14 -19.10 3.36
CA ASP B 158 -21.15 -19.81 2.58
C ASP B 158 -22.51 -19.20 2.76
N ASN B 159 -23.39 -19.42 1.77
CA ASN B 159 -24.84 -19.17 2.00
C ASN B 159 -25.57 -20.48 1.66
N ALA B 160 -25.34 -21.53 2.49
CA ALA B 160 -25.73 -22.91 2.11
C ALA B 160 -27.25 -23.09 1.93
N ASN B 161 -28.09 -22.18 2.48
CA ASN B 161 -29.56 -22.28 2.48
C ASN B 161 -30.20 -21.67 1.26
N VAL B 162 -29.44 -21.04 0.39
CA VAL B 162 -29.97 -20.47 -0.83
C VAL B 162 -30.03 -21.57 -1.88
N PRO B 163 -31.21 -21.85 -2.44
CA PRO B 163 -31.33 -23.00 -3.37
C PRO B 163 -30.41 -22.95 -4.53
N ALA B 164 -30.22 -21.79 -5.14
CA ALA B 164 -29.27 -21.60 -6.23
C ALA B 164 -27.85 -21.93 -5.78
N VAL B 165 -27.45 -21.57 -4.57
CA VAL B 165 -26.12 -21.96 -4.14
C VAL B 165 -26.00 -23.50 -4.09
N ALA B 166 -26.98 -24.18 -3.49
CA ALA B 166 -26.95 -25.63 -3.38
C ALA B 166 -26.91 -26.31 -4.72
N GLU B 167 -27.63 -25.79 -5.69
CA GLU B 167 -27.64 -26.40 -7.00
C GLU B 167 -26.32 -26.17 -7.73
N ALA B 168 -25.81 -24.93 -7.71
CA ALA B 168 -24.60 -24.67 -8.43
C ALA B 168 -23.46 -25.53 -7.88
N LYS B 169 -23.41 -25.74 -6.53
CA LYS B 169 -22.36 -26.59 -5.93
C LYS B 169 -22.21 -27.93 -6.64
N LYS B 170 -23.33 -28.54 -7.06
CA LYS B 170 -23.36 -29.88 -7.63
C LYS B 170 -22.58 -29.96 -8.91
N HIS B 171 -22.52 -28.85 -9.66
CA HIS B 171 -21.87 -28.79 -10.97
C HIS B 171 -20.62 -27.93 -10.99
N ALA B 172 -20.20 -27.39 -9.87
CA ALA B 172 -19.02 -26.55 -9.84
C ALA B 172 -17.79 -27.38 -10.25
N ARG B 173 -16.80 -26.70 -10.84
CA ARG B 173 -15.56 -27.39 -11.18
C ARG B 173 -14.93 -27.89 -9.87
N ARG B 174 -14.44 -29.14 -9.92
CA ARG B 174 -13.85 -29.80 -8.77
C ARG B 174 -12.60 -29.07 -8.33
N GLN B 175 -12.51 -28.74 -7.05
CA GLN B 175 -11.25 -28.23 -6.57
C GLN B 175 -10.94 -28.74 -5.16
N ASN B 176 -9.64 -28.83 -4.87
CA ASN B 176 -9.19 -29.17 -3.53
C ASN B 176 -9.69 -28.15 -2.54
N LEU B 177 -10.28 -28.62 -1.46
CA LEU B 177 -10.81 -27.72 -0.42
C LEU B 177 -10.03 -27.91 0.86
N PRO B 178 -8.91 -27.19 1.04
CA PRO B 178 -8.08 -27.44 2.24
C PRO B 178 -8.92 -27.29 3.48
N ASN B 179 -8.84 -28.33 4.36
CA ASN B 179 -9.31 -28.15 5.73
C ASN B 179 -8.20 -27.57 6.59
N PHE B 180 -7.35 -26.75 6.01
CA PHE B 180 -6.27 -26.14 6.73
C PHE B 180 -6.05 -24.73 6.15
N ASP B 181 -5.37 -23.89 6.91
CA ASP B 181 -5.24 -22.49 6.57
C ASP B 181 -3.92 -22.24 5.85
N PHE B 182 -3.59 -22.97 4.79
CA PHE B 182 -2.49 -22.60 3.92
C PHE B 182 -2.72 -23.19 2.52
N PHE B 183 -2.14 -22.54 1.53
CA PHE B 183 -2.36 -22.91 0.13
C PHE B 183 -1.86 -24.33 -0.17
N ASN B 184 -2.61 -25.07 -0.98
CA ASN B 184 -2.26 -26.45 -1.31
C ASN B 184 -1.22 -26.52 -2.44
N PHE B 185 -0.04 -25.95 -2.17
CA PHE B 185 1.02 -25.96 -3.17
C PHE B 185 1.51 -27.40 -3.41
N ALA B 186 1.75 -27.77 -4.69
CA ALA B 186 1.99 -29.16 -5.08
C ALA B 186 3.17 -29.28 -6.05
N GLY B 187 3.62 -30.51 -6.31
CA GLY B 187 4.72 -30.59 -7.27
C GLY B 187 5.97 -31.17 -6.66
N LEU B 188 7.02 -31.19 -7.44
CA LEU B 188 8.36 -31.54 -6.91
C LEU B 188 8.93 -30.37 -6.08
N ASN B 189 8.43 -30.24 -4.85
CA ASN B 189 8.77 -29.14 -3.96
C ASN B 189 10.19 -29.21 -3.48
N ARG B 190 10.79 -30.41 -3.43
CA ARG B 190 12.16 -30.51 -2.97
C ARG B 190 12.97 -31.27 -4.02
N HIS B 191 14.27 -31.38 -3.74
CA HIS B 191 15.27 -31.72 -4.73
C HIS B 191 15.12 -33.16 -5.19
N VAL B 192 15.56 -33.44 -6.40
CA VAL B 192 15.62 -34.81 -6.91
C VAL B 192 17.07 -35.15 -7.15
N GLU B 193 17.49 -36.35 -6.77
CA GLU B 193 18.88 -36.70 -7.02
C GLU B 193 19.08 -38.21 -7.17
N LEU B 194 20.03 -38.53 -8.03
CA LEU B 194 20.50 -39.89 -8.16
C LEU B 194 21.79 -40.04 -7.36
N TYR B 195 21.92 -41.08 -6.53
CA TYR B 195 23.19 -41.22 -5.82
C TYR B 195 23.65 -42.69 -5.81
N THR B 196 24.90 -42.86 -5.33
CA THR B 196 25.72 -44.07 -5.38
C THR B 196 26.00 -44.59 -3.99
N THR B 197 25.80 -45.89 -3.75
CA THR B 197 26.55 -46.53 -2.68
C THR B 197 27.21 -47.78 -3.22
N PRO B 198 28.21 -48.32 -2.52
CA PRO B 198 28.73 -49.63 -2.90
C PRO B 198 27.63 -50.67 -2.81
N ALA B 199 27.77 -51.71 -3.64
CA ALA B 199 26.71 -52.70 -3.81
C ALA B 199 26.76 -53.81 -2.77
N ASP B 200 27.94 -54.33 -2.47
CA ASP B 200 27.99 -55.52 -1.65
C ASP B 200 27.60 -55.22 -0.23
N ALA B 201 28.11 -54.12 0.32
CA ALA B 201 27.79 -53.75 1.69
C ALA B 201 27.86 -52.22 1.78
N TYR B 202 26.97 -51.62 2.55
CA TYR B 202 26.88 -50.16 2.55
C TYR B 202 26.24 -49.71 3.85
N ILE B 203 26.59 -48.49 4.28
CA ILE B 203 25.92 -47.93 5.44
C ILE B 203 24.51 -47.47 5.05
N ALA B 204 23.50 -47.95 5.78
CA ALA B 204 22.12 -47.68 5.45
C ALA B 204 21.46 -46.68 6.39
N ASP B 205 21.92 -46.59 7.63
CA ASP B 205 21.32 -45.69 8.60
C ASP B 205 22.32 -45.50 9.73
N ILE B 206 22.23 -44.36 10.37
CA ILE B 206 23.03 -43.99 11.52
C ILE B 206 22.10 -43.26 12.47
N ALA B 207 22.14 -43.59 13.75
CA ALA B 207 21.51 -42.77 14.79
C ALA B 207 22.55 -42.49 15.86
N ILE B 208 22.69 -41.21 16.27
CA ILE B 208 23.51 -40.77 17.42
C ILE B 208 22.59 -40.22 18.48
N THR B 209 22.83 -40.60 19.74
CA THR B 209 22.05 -40.06 20.85
C THR B 209 22.97 -39.57 21.96
N THR B 210 22.43 -38.64 22.77
CA THR B 210 23.09 -38.18 23.99
C THR B 210 22.46 -38.94 25.12
N GLU B 211 23.23 -39.89 25.68
CA GLU B 211 22.81 -40.78 26.76
C GLU B 211 22.86 -40.09 28.11
N ARG B 212 23.97 -39.42 28.39
CA ARG B 212 24.18 -38.88 29.73
C ARG B 212 25.26 -37.83 29.69
N LEU B 213 25.10 -36.79 30.49
CA LEU B 213 26.13 -35.77 30.71
C LEU B 213 26.45 -35.74 32.20
N ASP B 214 27.75 -35.63 32.49
CA ASP B 214 28.27 -35.57 33.86
C ASP B 214 28.91 -34.23 34.08
N HIS B 215 28.56 -33.60 35.19
CA HIS B 215 29.16 -32.35 35.63
C HIS B 215 29.08 -31.34 34.49
N ILE B 216 27.85 -30.82 34.25
CA ILE B 216 27.66 -29.79 33.22
C ILE B 216 28.11 -28.45 33.80
N ALA B 217 28.86 -27.66 33.02
CA ALA B 217 29.30 -26.33 33.45
C ALA B 217 28.12 -25.44 33.87
N GLY B 218 28.42 -24.44 34.70
CA GLY B 218 27.38 -23.52 35.12
C GLY B 218 26.71 -22.83 33.95
N ASP B 219 27.48 -22.54 32.89
CA ASP B 219 26.97 -21.90 31.70
C ASP B 219 26.47 -22.89 30.65
N ALA B 220 26.29 -24.16 31.00
CA ALA B 220 26.00 -25.25 30.05
C ALA B 220 26.91 -25.27 28.81
N CYS B 221 28.06 -24.61 28.77
CA CYS B 221 28.80 -24.66 27.50
C CYS B 221 29.54 -25.98 27.33
N THR B 222 29.78 -26.66 28.44
CA THR B 222 30.54 -27.92 28.39
C THR B 222 30.08 -28.81 29.50
N ALA B 223 30.43 -30.08 29.37
CA ALA B 223 30.35 -31.05 30.45
C ALA B 223 31.69 -31.78 30.55
N ALA B 224 32.05 -32.11 31.80
CA ALA B 224 33.27 -32.86 32.09
C ALA B 224 33.31 -34.12 31.26
N ASN B 225 32.22 -34.87 31.26
CA ASN B 225 32.12 -36.03 30.40
C ASN B 225 30.71 -36.20 29.82
N ALA B 226 30.66 -36.77 28.63
CA ALA B 226 29.40 -36.98 27.92
C ALA B 226 29.47 -38.36 27.31
N LEU B 227 28.41 -39.11 27.52
CA LEU B 227 28.28 -40.46 27.01
C LEU B 227 27.34 -40.41 25.81
N ILE B 228 27.83 -40.75 24.65
CA ILE B 228 26.96 -40.73 23.49
C ILE B 228 26.86 -42.16 23.01
N ALA B 229 25.71 -42.53 22.42
CA ALA B 229 25.53 -43.84 21.85
C ALA B 229 25.41 -43.72 20.35
N TYR B 230 25.96 -44.71 19.62
CA TYR B 230 25.84 -44.83 18.16
C TYR B 230 25.15 -46.13 17.76
N ASP B 231 24.53 -46.09 16.59
CA ASP B 231 23.78 -47.23 16.07
C ASP B 231 23.84 -47.11 14.56
N VAL B 232 24.53 -48.03 13.91
CA VAL B 232 24.68 -48.00 12.48
C VAL B 232 24.03 -49.24 11.90
N THR B 233 23.31 -49.08 10.82
CA THR B 233 22.60 -50.16 10.19
C THR B 233 23.21 -50.29 8.81
N PHE B 234 23.25 -51.53 8.31
CA PHE B 234 23.91 -51.83 7.06
C PHE B 234 22.97 -52.59 6.14
N GLY B 235 23.17 -52.38 4.85
CA GLY B 235 22.54 -53.18 3.83
C GLY B 235 23.60 -53.88 2.98
N GLY B 236 23.13 -54.84 2.19
CA GLY B 236 24.01 -55.70 1.42
C GLY B 236 23.98 -57.15 1.90
N ASP B 237 24.83 -57.95 1.22
CA ASP B 237 24.87 -59.42 1.30
C ASP B 237 23.46 -59.99 1.08
N GLY B 276 31.41 -61.25 10.68
CA GLY B 276 32.82 -60.94 10.99
C GLY B 276 33.37 -59.67 10.32
N ARG B 277 32.57 -58.60 10.36
CA ARG B 277 32.92 -57.34 9.71
C ARG B 277 32.89 -56.20 10.71
N GLN B 278 33.58 -55.09 10.37
CA GLN B 278 33.76 -54.00 11.33
C GLN B 278 33.51 -52.62 10.72
N VAL B 279 33.20 -51.65 11.58
CA VAL B 279 33.04 -50.28 11.16
C VAL B 279 33.77 -49.40 12.15
N ARG B 280 34.61 -48.52 11.62
CA ARG B 280 35.32 -47.56 12.43
C ARG B 280 34.51 -46.27 12.55
N ILE B 281 34.34 -45.83 13.77
CA ILE B 281 33.57 -44.66 14.12
C ILE B 281 34.55 -43.63 14.68
N SER B 282 34.66 -42.49 14.03
CA SER B 282 35.53 -41.44 14.50
C SER B 282 34.67 -40.23 14.82
N ILE B 283 34.88 -39.65 16.00
CA ILE B 283 34.25 -38.39 16.43
C ILE B 283 35.18 -37.22 16.17
N LEU B 284 34.77 -36.32 15.27
CA LEU B 284 35.45 -35.08 14.88
C LEU B 284 34.80 -33.88 15.56
N ASP B 285 35.62 -32.96 16.05
CA ASP B 285 35.09 -31.83 16.79
C ASP B 285 34.85 -30.68 15.82
N GLY B 286 34.51 -29.50 16.36
CA GLY B 286 34.22 -28.37 15.53
C GLY B 286 35.32 -28.08 14.52
N GLU B 287 36.56 -28.41 14.87
CA GLU B 287 37.72 -28.07 14.06
C GLU B 287 38.15 -29.19 13.16
N GLY B 288 37.49 -30.33 13.25
CA GLY B 288 37.89 -31.46 12.45
C GLY B 288 38.83 -32.42 13.15
N THR B 289 39.25 -32.11 14.37
CA THR B 289 40.12 -32.99 15.15
C THR B 289 39.39 -34.27 15.56
N VAL B 290 40.01 -35.41 15.26
CA VAL B 290 39.49 -36.69 15.76
C VAL B 290 39.76 -36.72 17.26
N VAL B 291 38.68 -36.64 18.07
CA VAL B 291 38.78 -36.58 19.51
C VAL B 291 38.48 -37.93 20.17
N ALA B 292 38.13 -38.94 19.40
CA ALA B 292 37.63 -40.22 19.89
C ALA B 292 37.37 -41.10 18.66
N GLY B 293 37.54 -42.39 18.85
CA GLY B 293 37.65 -43.37 17.79
C GLY B 293 37.42 -44.72 18.45
N VAL B 294 36.64 -45.59 17.82
CA VAL B 294 36.36 -46.94 18.30
C VAL B 294 36.08 -47.75 17.07
N THR B 295 36.31 -49.07 17.15
CA THR B 295 36.01 -50.01 16.07
C THR B 295 35.00 -51.04 16.56
N ALA B 296 33.87 -51.15 15.87
CA ALA B 296 32.73 -51.93 16.32
C ALA B 296 32.56 -53.16 15.45
N ASP B 297 32.02 -54.20 16.07
CA ASP B 297 31.65 -55.41 15.34
C ASP B 297 30.27 -55.30 14.71
N ILE B 298 30.16 -55.78 13.48
CA ILE B 298 28.88 -55.87 12.80
C ILE B 298 28.26 -57.26 13.00
N GLU B 299 27.07 -57.29 13.63
CA GLU B 299 26.31 -58.51 13.94
C GLU B 299 24.94 -58.45 13.29
N ARG B 300 24.48 -59.59 12.75
CA ARG B 300 23.11 -59.68 12.15
C ARG B 300 22.05 -60.01 13.22
N THR B 305 19.30 -58.57 9.46
CA THR B 305 19.48 -57.11 9.65
C THR B 305 20.82 -56.65 10.29
N ALA B 306 21.75 -56.08 9.49
CA ALA B 306 23.12 -55.92 9.93
C ALA B 306 23.32 -54.57 10.64
N LYS B 307 23.95 -54.63 11.82
CA LYS B 307 23.98 -53.54 12.78
C LYS B 307 25.30 -53.51 13.56
N ALA B 308 25.79 -52.32 13.85
CA ALA B 308 26.83 -52.09 14.85
C ALA B 308 26.31 -51.10 15.88
N SER B 309 26.55 -51.34 17.14
CA SER B 309 26.09 -50.38 18.11
C SER B 309 26.96 -50.38 19.36
N GLY B 310 26.99 -49.25 20.06
CA GLY B 310 27.79 -49.11 21.26
C GLY B 310 27.73 -47.69 21.80
N GLU B 311 28.68 -47.34 22.69
CA GLU B 311 28.77 -46.03 23.30
C GLU B 311 30.19 -45.50 23.24
N ILE B 312 30.27 -44.17 23.30
CA ILE B 312 31.53 -43.45 23.35
C ILE B 312 31.44 -42.37 24.43
N ALA B 313 32.44 -42.31 25.31
CA ALA B 313 32.57 -41.18 26.23
C ALA B 313 33.40 -40.08 25.59
N ILE B 314 33.04 -38.86 25.90
CA ILE B 314 33.72 -37.70 25.32
C ILE B 314 34.00 -36.76 26.50
N ARG B 315 35.31 -36.59 26.84
CA ARG B 315 35.73 -35.72 27.93
C ARG B 315 35.69 -34.26 27.47
N ASP B 316 35.34 -33.39 28.42
CA ASP B 316 35.20 -31.96 28.20
C ASP B 316 34.40 -31.68 26.92
N ALA B 317 33.26 -32.39 26.79
CA ALA B 317 32.43 -32.29 25.60
C ALA B 317 31.89 -30.87 25.50
N LYS B 318 31.88 -30.34 24.30
CA LYS B 318 31.30 -29.04 24.01
C LYS B 318 29.82 -29.26 23.69
N LEU B 319 28.94 -28.73 24.54
CA LEU B 319 27.51 -28.94 24.39
C LEU B 319 26.87 -28.01 23.35
N TRP B 320 25.77 -28.51 22.74
CA TRP B 320 24.92 -27.75 21.82
C TRP B 320 23.87 -27.01 22.64
N ASN B 321 23.82 -25.66 22.54
CA ASN B 321 22.75 -24.88 23.19
C ASN B 321 22.03 -23.93 22.22
N PRO B 322 20.76 -23.59 22.51
CA PRO B 322 20.13 -22.44 21.84
C PRO B 322 21.04 -21.22 21.95
N GLY B 323 21.30 -20.54 20.83
CA GLY B 323 22.13 -19.35 20.91
C GLY B 323 23.66 -19.57 20.94
N ALA B 324 24.11 -20.83 20.97
CA ALA B 324 25.49 -21.26 21.18
C ALA B 324 25.58 -22.71 20.73
N ALA B 325 25.49 -22.90 19.41
CA ALA B 325 25.53 -24.20 18.80
C ALA B 325 26.97 -24.76 18.81
N TYR B 326 27.07 -26.06 18.93
CA TYR B 326 28.38 -26.69 18.74
C TYR B 326 28.04 -28.02 18.09
N LEU B 327 28.70 -28.35 16.97
CA LEU B 327 28.44 -29.61 16.28
C LEU B 327 29.67 -30.49 16.13
N TYR B 328 29.50 -31.78 16.34
CA TYR B 328 30.48 -32.81 16.06
C TYR B 328 30.07 -33.57 14.82
N THR B 329 31.02 -34.32 14.24
CA THR B 329 30.77 -35.19 13.09
C THR B 329 31.09 -36.62 13.53
N ALA B 330 30.18 -37.58 13.26
CA ALA B 330 30.43 -39.02 13.38
C ALA B 330 30.77 -39.55 12.02
N VAL B 331 31.99 -40.01 11.84
CA VAL B 331 32.41 -40.57 10.57
C VAL B 331 32.39 -42.09 10.73
N ALA B 332 31.52 -42.77 9.98
CA ALA B 332 31.44 -44.21 10.01
C ALA B 332 32.09 -44.73 8.72
N GLU B 333 33.12 -45.57 8.88
CA GLU B 333 33.85 -46.14 7.75
C GLU B 333 33.77 -47.66 7.81
N LEU B 334 33.21 -48.25 6.80
CA LEU B 334 33.02 -49.69 6.85
C LEU B 334 34.35 -50.32 6.48
N LEU B 335 34.87 -51.23 7.36
CA LEU B 335 36.18 -51.78 6.98
C LEU B 335 36.06 -53.11 6.19
N PRO B 336 37.05 -53.43 5.31
CA PRO B 336 37.05 -54.80 4.73
C PRO B 336 37.62 -55.85 5.70
N SER B 344 43.91 -50.85 5.17
CA SER B 344 43.97 -49.38 5.01
C SER B 344 42.90 -48.79 4.02
N ARG B 345 42.26 -49.67 3.22
CA ARG B 345 41.15 -49.35 2.32
C ARG B 345 39.85 -49.17 3.13
N ILE B 346 38.93 -48.38 2.56
CA ILE B 346 37.59 -48.18 3.11
C ILE B 346 36.56 -48.72 2.13
N ILE B 347 35.62 -49.51 2.64
CA ILE B 347 34.56 -50.00 1.78
C ILE B 347 33.51 -48.92 1.57
N ASP B 348 32.99 -48.36 2.67
CA ASP B 348 31.97 -47.32 2.68
C ASP B 348 32.22 -46.31 3.83
N ALA B 349 31.67 -45.08 3.63
CA ALA B 349 31.87 -43.99 4.58
C ALA B 349 30.62 -43.14 4.60
N TYR B 350 30.37 -42.47 5.73
CA TYR B 350 29.30 -41.50 5.78
C TYR B 350 29.57 -40.61 6.96
N ARG B 351 29.39 -39.31 6.77
CA ARG B 351 29.65 -38.29 7.79
C ARG B 351 28.34 -37.74 8.36
N GLN B 352 28.08 -38.00 9.63
CA GLN B 352 26.81 -37.64 10.25
C GLN B 352 27.07 -36.59 11.32
N THR B 353 26.52 -35.42 11.11
CA THR B 353 26.59 -34.35 12.08
C THR B 353 25.72 -34.63 13.31
N PHE B 354 26.18 -34.20 14.47
CA PHE B 354 25.31 -34.33 15.62
C PHE B 354 25.70 -33.22 16.63
N GLY B 355 24.92 -33.06 17.65
CA GLY B 355 25.29 -32.15 18.73
C GLY B 355 24.96 -32.82 20.05
N ILE B 356 25.69 -32.44 21.10
CA ILE B 356 25.59 -33.12 22.38
C ILE B 356 24.72 -32.27 23.24
N ARG B 357 23.53 -32.75 23.53
CA ARG B 357 22.68 -32.00 24.43
C ARG B 357 21.63 -32.97 24.87
N THR B 358 21.05 -32.75 26.02
CA THR B 358 19.95 -33.54 26.56
C THR B 358 18.71 -32.64 26.66
N VAL B 359 17.53 -33.26 26.67
CA VAL B 359 16.25 -32.56 26.79
C VAL B 359 15.44 -33.33 27.78
N GLU B 360 14.81 -32.63 28.71
CA GLU B 360 14.02 -33.28 29.73
C GLU B 360 12.95 -32.34 30.20
N VAL B 361 11.69 -32.80 30.16
CA VAL B 361 10.56 -32.20 30.85
C VAL B 361 10.54 -32.69 32.30
N SER B 362 10.54 -31.75 33.22
CA SER B 362 10.58 -32.00 34.64
C SER B 362 9.60 -31.04 35.30
N GLY B 363 8.52 -31.56 35.85
CA GLY B 363 7.54 -30.70 36.51
C GLY B 363 6.95 -29.68 35.53
N THR B 364 7.08 -28.40 35.80
CA THR B 364 6.63 -27.40 34.82
C THR B 364 7.78 -26.74 34.08
N THR B 365 8.91 -27.47 33.90
CA THR B 365 10.08 -26.90 33.26
C THR B 365 10.48 -27.75 32.07
N PHE B 366 11.22 -27.13 31.19
CA PHE B 366 11.71 -27.73 29.97
C PHE B 366 13.20 -27.58 30.02
N LEU B 367 13.94 -28.67 30.22
CA LEU B 367 15.33 -28.55 30.62
C LEU B 367 16.20 -28.92 29.46
N ILE B 368 17.08 -28.04 29.04
CA ILE B 368 18.04 -28.38 28.03
C ILE B 368 19.41 -28.32 28.70
N ASN B 369 20.17 -29.38 28.50
CA ASN B 369 21.35 -29.56 29.33
C ASN B 369 21.08 -29.16 30.79
N GLY B 370 19.93 -29.54 31.35
CA GLY B 370 19.59 -29.26 32.73
C GLY B 370 19.24 -27.83 33.02
N LYS B 371 19.24 -26.95 32.02
CA LYS B 371 18.83 -25.60 32.34
C LYS B 371 17.40 -25.31 31.84
N PRO B 372 16.62 -24.50 32.56
CA PRO B 372 15.19 -24.32 32.23
C PRO B 372 15.05 -23.36 31.06
N PHE B 373 14.52 -23.86 29.93
CA PHE B 373 14.50 -23.15 28.66
C PHE B 373 13.21 -22.36 28.57
N TYR B 374 13.26 -21.21 27.88
CA TYR B 374 12.06 -20.47 27.51
C TYR B 374 12.00 -20.32 25.98
N PHE B 375 10.94 -20.78 25.34
CA PHE B 375 10.83 -20.66 23.90
C PHE B 375 10.42 -19.22 23.50
N LYS B 376 11.20 -18.57 22.64
CA LYS B 376 10.77 -17.37 21.94
C LYS B 376 10.77 -17.65 20.44
N GLY B 377 9.66 -17.42 19.78
CA GLY B 377 9.65 -17.63 18.33
C GLY B 377 8.22 -17.65 17.76
N PHE B 378 7.91 -18.61 16.89
CA PHE B 378 6.75 -18.50 16.02
C PHE B 378 6.57 -19.84 15.28
N GLY B 379 5.34 -20.05 14.82
CA GLY B 379 5.17 -20.91 13.68
C GLY B 379 5.74 -20.30 12.43
N LYS B 380 6.16 -21.13 11.53
CA LYS B 380 6.68 -20.69 10.24
C LYS B 380 5.82 -21.35 9.16
N HIS B 381 6.25 -21.12 7.91
CA HIS B 381 5.80 -21.89 6.77
C HIS B 381 6.96 -21.96 5.79
N GLU B 382 7.00 -23.02 5.03
CA GLU B 382 7.81 -22.94 3.81
C GLU B 382 6.90 -22.33 2.77
N ASP B 383 7.13 -21.05 2.46
CA ASP B 383 6.23 -20.33 1.56
C ASP B 383 6.96 -19.10 1.04
N SER B 384 6.89 -18.83 -0.26
CA SER B 384 7.47 -17.60 -0.75
C SER B 384 6.92 -17.37 -2.13
N TYR B 385 7.09 -16.14 -2.62
CA TYR B 385 6.73 -15.78 -4.00
C TYR B 385 7.46 -16.71 -4.95
N PHE B 386 6.80 -17.05 -6.04
CA PHE B 386 7.39 -17.86 -7.09
C PHE B 386 7.54 -19.36 -6.69
N HIS B 387 8.19 -19.65 -5.54
CA HIS B 387 8.55 -21.02 -5.19
C HIS B 387 7.40 -21.77 -4.62
N GLY B 388 6.47 -21.05 -4.01
CA GLY B 388 5.37 -21.65 -3.33
C GLY B 388 5.92 -22.33 -2.08
N ARG B 389 5.71 -23.65 -1.95
CA ARG B 389 6.29 -24.53 -0.93
C ARG B 389 7.66 -25.06 -1.33
N GLY B 390 8.18 -24.62 -2.49
CA GLY B 390 9.49 -25.11 -2.96
C GLY B 390 10.64 -24.69 -2.04
N THR B 391 11.53 -25.64 -1.76
CA THR B 391 12.66 -25.33 -0.91
C THR B 391 13.55 -24.25 -1.56
N ASP B 392 14.03 -23.31 -0.77
CA ASP B 392 14.88 -22.23 -1.25
C ASP B 392 15.95 -21.92 -0.19
N ASP B 393 17.21 -22.35 -0.39
CA ASP B 393 18.16 -22.14 0.71
C ASP B 393 18.63 -20.67 0.90
N VAL B 394 18.70 -19.85 -0.14
CA VAL B 394 18.86 -18.40 0.08
C VAL B 394 17.85 -17.92 1.12
N LEU B 395 16.57 -18.23 0.91
CA LEU B 395 15.57 -17.75 1.84
C LEU B 395 15.73 -18.42 3.23
N ASN B 396 16.09 -19.71 3.28
CA ASN B 396 16.33 -20.34 4.55
C ASN B 396 17.42 -19.61 5.30
N VAL B 397 18.53 -19.30 4.61
CA VAL B 397 19.63 -18.61 5.26
C VAL B 397 19.16 -17.24 5.72
N LYS B 398 18.46 -16.49 4.86
CA LYS B 398 17.89 -15.21 5.27
C LYS B 398 17.05 -15.36 6.51
N ASP B 399 16.08 -16.30 6.49
CA ASP B 399 15.14 -16.46 7.61
C ASP B 399 15.86 -16.76 8.93
N VAL B 400 16.87 -17.61 8.89
CA VAL B 400 17.68 -17.87 10.08
C VAL B 400 18.34 -16.59 10.64
N SER B 401 18.87 -15.72 9.78
CA SER B 401 19.36 -14.43 10.27
C SER B 401 18.21 -13.53 10.79
N LEU B 402 17.03 -13.54 10.18
CA LEU B 402 15.92 -12.76 10.74
C LEU B 402 15.55 -13.29 12.13
N ILE B 403 15.69 -14.61 12.34
CA ILE B 403 15.43 -15.19 13.63
C ILE B 403 16.41 -14.63 14.66
N HIS B 404 17.69 -14.50 14.26
CA HIS B 404 18.69 -13.85 15.13
C HIS B 404 18.41 -12.35 15.30
N TRP B 405 18.07 -11.68 14.20
CA TRP B 405 17.80 -10.24 14.32
C TRP B 405 16.67 -9.99 15.32
N LEU B 406 15.62 -10.86 15.33
CA LEU B 406 14.51 -10.73 16.27
C LEU B 406 14.83 -11.23 17.69
N HIS B 407 15.97 -11.93 17.91
CA HIS B 407 16.34 -12.47 19.23
C HIS B 407 15.40 -13.57 19.66
N ALA B 408 14.73 -14.15 18.68
CA ALA B 408 13.95 -15.37 18.84
C ALA B 408 14.90 -16.55 19.01
N ASN B 409 14.45 -17.64 19.59
CA ASN B 409 15.34 -18.80 19.65
C ASN B 409 14.80 -20.11 19.06
N SER B 410 13.60 -20.11 18.46
CA SER B 410 12.89 -21.35 18.12
C SER B 410 11.80 -21.09 17.09
N PHE B 411 11.46 -22.18 16.39
CA PHE B 411 10.20 -22.21 15.69
C PHE B 411 9.68 -23.64 15.67
N ARG B 412 8.41 -23.76 15.23
CA ARG B 412 7.73 -24.99 14.90
C ARG B 412 7.64 -25.18 13.37
N THR B 413 7.80 -26.43 12.89
CA THR B 413 7.62 -26.76 11.47
C THR B 413 6.13 -26.89 11.11
N SER B 414 5.38 -25.85 11.42
CA SER B 414 3.96 -25.81 11.03
C SER B 414 3.86 -25.82 9.49
N HIS B 415 3.05 -26.71 8.91
CA HIS B 415 2.35 -27.82 9.58
C HIS B 415 2.72 -29.12 8.85
N TYR B 416 4.03 -29.38 8.68
CA TYR B 416 4.57 -30.46 7.87
C TYR B 416 6.07 -30.45 8.12
N PRO B 417 6.72 -31.59 7.95
CA PRO B 417 8.17 -31.59 8.03
C PRO B 417 8.72 -30.63 6.99
N TYR B 418 9.73 -29.87 7.37
CA TYR B 418 10.31 -28.92 6.44
C TYR B 418 11.40 -29.61 5.64
N ALA B 419 12.10 -28.87 4.79
CA ALA B 419 13.20 -29.45 4.03
C ALA B 419 14.41 -29.69 4.92
N GLU B 420 15.14 -30.76 4.62
CA GLU B 420 16.26 -31.24 5.46
C GLU B 420 17.33 -30.17 5.68
N SER B 421 17.65 -29.42 4.63
CA SER B 421 18.68 -28.40 4.75
C SER B 421 18.37 -27.36 5.85
N MET B 422 17.09 -27.12 6.16
CA MET B 422 16.75 -26.13 7.18
C MET B 422 17.06 -26.65 8.56
N TYR B 423 16.84 -27.95 8.78
CA TYR B 423 17.31 -28.51 10.07
C TYR B 423 18.84 -28.47 10.19
N ASP B 424 19.59 -28.76 9.12
CA ASP B 424 21.06 -28.60 9.19
C ASP B 424 21.42 -27.16 9.52
N LEU B 425 20.64 -26.23 8.97
CA LEU B 425 20.97 -24.84 9.16
C LEU B 425 20.85 -24.50 10.64
N CYS B 426 19.75 -24.92 11.25
CA CYS B 426 19.43 -24.58 12.61
C CYS B 426 20.31 -25.33 13.59
N ASP B 427 20.82 -26.49 13.17
CA ASP B 427 21.88 -27.15 13.93
C ASP B 427 23.07 -26.21 14.04
N ARG B 428 23.54 -25.69 12.92
CA ARG B 428 24.72 -24.85 13.04
C ARG B 428 24.42 -23.44 13.59
N GLU B 429 23.16 -23.02 13.69
CA GLU B 429 22.87 -21.67 14.10
C GLU B 429 22.22 -21.58 15.49
N GLY B 430 22.10 -22.70 16.21
CA GLY B 430 21.56 -22.66 17.56
C GLY B 430 20.10 -22.26 17.65
N ILE B 431 19.27 -22.72 16.71
CA ILE B 431 17.84 -22.43 16.70
C ILE B 431 17.13 -23.77 16.96
N VAL B 432 16.31 -23.79 18.01
CA VAL B 432 15.55 -24.94 18.42
C VAL B 432 14.29 -25.12 17.56
N ILE B 433 13.91 -26.40 17.33
CA ILE B 433 12.80 -26.79 16.46
C ILE B 433 11.89 -27.77 17.17
N ILE B 434 10.59 -27.51 17.10
CA ILE B 434 9.52 -28.45 17.33
C ILE B 434 9.11 -28.98 15.95
N ASP B 435 9.28 -30.29 15.69
CA ASP B 435 9.15 -30.90 14.34
C ASP B 435 7.77 -31.52 14.25
N GLU B 436 7.01 -31.21 13.18
CA GLU B 436 5.58 -31.53 13.12
C GLU B 436 5.20 -32.28 11.83
N VAL B 437 4.37 -33.31 11.98
CA VAL B 437 3.87 -34.08 10.84
C VAL B 437 2.68 -33.37 10.23
N PRO B 438 2.38 -33.64 8.98
CA PRO B 438 1.30 -32.90 8.32
C PRO B 438 -0.09 -33.32 8.79
N ALA B 439 -0.29 -33.71 10.06
CA ALA B 439 -1.63 -34.15 10.53
C ALA B 439 -2.48 -32.94 10.96
N VAL B 440 -2.84 -32.13 9.96
CA VAL B 440 -3.66 -30.94 10.21
C VAL B 440 -4.98 -31.08 9.45
N GLY B 441 -6.07 -30.59 10.06
CA GLY B 441 -7.35 -30.74 9.43
C GLY B 441 -8.26 -31.85 9.94
N MET B 442 -7.86 -32.55 11.02
CA MET B 442 -8.44 -33.83 11.42
C MET B 442 -9.58 -33.63 12.37
N SER B 443 -10.57 -34.50 12.27
CA SER B 443 -11.59 -34.57 13.31
C SER B 443 -12.12 -36.01 13.32
N TRP B 444 -13.34 -36.23 13.86
CA TRP B 444 -13.79 -37.59 14.21
C TRP B 444 -13.95 -38.48 12.99
N LEU B 445 -14.22 -37.87 11.84
CA LEU B 445 -14.32 -38.61 10.60
C LEU B 445 -12.99 -39.29 10.22
N GLN B 446 -11.86 -38.61 10.44
CA GLN B 446 -10.58 -39.25 10.20
C GLN B 446 -10.26 -40.34 11.24
N TYR B 447 -10.65 -40.14 12.51
CA TYR B 447 -10.19 -41.06 13.54
C TYR B 447 -10.79 -42.46 13.35
N ALA B 448 -11.95 -42.52 12.74
CA ALA B 448 -12.62 -43.76 12.40
C ALA B 448 -12.12 -44.37 11.09
N ASN B 449 -11.13 -43.78 10.43
CA ASN B 449 -10.70 -44.23 9.12
C ASN B 449 -9.33 -44.89 9.26
N PRO B 450 -9.21 -46.22 9.15
CA PRO B 450 -7.89 -46.88 9.35
C PRO B 450 -6.84 -46.46 8.34
N LEU B 451 -7.24 -46.09 7.11
CA LEU B 451 -6.28 -45.58 6.13
C LEU B 451 -5.62 -44.29 6.60
N VAL B 452 -6.40 -43.39 7.23
CA VAL B 452 -5.80 -42.22 7.86
C VAL B 452 -4.87 -42.61 9.03
N ALA B 453 -5.32 -43.50 9.94
CA ALA B 453 -4.43 -43.90 11.06
C ALA B 453 -3.08 -44.41 10.53
N GLU B 454 -3.11 -45.15 9.42
CA GLU B 454 -1.88 -45.71 8.85
C GLU B 454 -1.00 -44.61 8.25
N ARG B 455 -1.61 -43.67 7.51
CA ARG B 455 -0.85 -42.56 6.95
C ARG B 455 -0.31 -41.71 8.06
N HIS B 456 -1.02 -41.66 9.19
CA HIS B 456 -0.58 -40.87 10.31
C HIS B 456 0.60 -41.53 10.94
N ARG B 457 0.56 -42.86 11.08
CA ARG B 457 1.73 -43.56 11.59
C ARG B 457 2.91 -43.43 10.67
N GLU B 458 2.68 -43.52 9.36
CA GLU B 458 3.78 -43.34 8.41
C GLU B 458 4.48 -41.98 8.55
N ALA B 459 3.69 -40.88 8.74
CA ALA B 459 4.29 -39.55 8.85
C ALA B 459 5.14 -39.44 10.10
N ILE B 460 4.62 -39.95 11.24
CA ILE B 460 5.39 -39.95 12.50
C ILE B 460 6.69 -40.75 12.35
N ARG B 461 6.63 -42.00 11.83
CA ARG B 461 7.86 -42.81 11.71
C ARG B 461 8.80 -42.22 10.69
N GLY B 462 8.25 -41.71 9.57
CA GLY B 462 9.13 -41.11 8.57
C GLY B 462 9.74 -39.81 9.07
N MET B 463 8.99 -39.00 9.81
CA MET B 463 9.61 -37.76 10.26
C MET B 463 10.78 -38.06 11.19
N ILE B 464 10.55 -38.93 12.17
CA ILE B 464 11.52 -39.20 13.21
C ILE B 464 12.73 -39.98 12.65
N ALA B 465 12.50 -40.87 11.66
CA ALA B 465 13.61 -41.56 10.99
C ALA B 465 14.52 -40.59 10.30
N ARG B 466 13.92 -39.56 9.64
CA ARG B 466 14.67 -38.59 8.84
C ARG B 466 15.44 -37.61 9.71
N ASP B 467 14.91 -37.26 10.88
CA ASP B 467 15.32 -36.09 11.63
C ASP B 467 15.90 -36.40 13.02
N LYS B 468 15.99 -37.68 13.40
CA LYS B 468 16.41 -38.04 14.78
C LYS B 468 17.81 -37.46 15.19
N ASN B 469 18.73 -37.29 14.28
CA ASN B 469 20.10 -36.89 14.57
C ASN B 469 20.28 -35.39 14.82
N HIS B 470 19.27 -34.57 14.57
CA HIS B 470 19.40 -33.09 14.67
C HIS B 470 19.33 -32.68 16.14
N PRO B 471 20.38 -32.12 16.69
CA PRO B 471 20.27 -31.61 18.06
C PRO B 471 19.32 -30.44 18.18
N CYS B 472 19.11 -29.69 17.10
CA CYS B 472 18.15 -28.61 17.16
C CYS B 472 16.74 -29.09 17.47
N ILE B 473 16.35 -30.30 17.06
CA ILE B 473 14.97 -30.74 17.31
C ILE B 473 14.86 -31.13 18.78
N VAL B 474 13.94 -30.51 19.50
CA VAL B 474 13.78 -30.77 20.94
C VAL B 474 12.44 -31.36 21.29
N MET B 475 11.44 -31.35 20.39
CA MET B 475 10.11 -31.91 20.67
C MET B 475 9.40 -32.27 19.36
N TRP B 476 8.45 -33.23 19.46
CA TRP B 476 7.72 -33.73 18.32
C TRP B 476 6.27 -33.24 18.44
N SER B 477 5.66 -32.81 17.35
CA SER B 477 4.21 -32.52 17.34
C SER B 477 3.46 -33.51 16.43
N ILE B 478 2.44 -34.16 16.97
CA ILE B 478 1.79 -35.25 16.24
C ILE B 478 0.56 -34.81 15.53
N ALA B 479 0.12 -33.56 15.71
CA ALA B 479 -0.98 -33.02 14.92
C ALA B 479 -1.09 -31.52 15.18
N ASN B 480 -1.79 -30.83 14.27
CA ASN B 480 -2.12 -29.43 14.56
C ASN B 480 -3.63 -29.30 14.53
N GLU B 481 -4.19 -28.82 15.63
CA GLU B 481 -5.60 -28.49 15.77
C GLU B 481 -6.57 -29.61 15.36
N PRO B 482 -6.37 -30.84 15.85
CA PRO B 482 -7.38 -31.87 15.60
C PRO B 482 -8.54 -31.62 16.53
N GLY B 483 -9.72 -32.04 16.11
CA GLY B 483 -10.88 -32.02 17.00
C GLY B 483 -10.67 -32.87 18.25
N LEU B 484 -10.75 -32.25 19.45
CA LEU B 484 -10.51 -32.94 20.73
C LEU B 484 -11.63 -32.81 21.74
N ASP B 485 -12.54 -31.83 21.60
CA ASP B 485 -13.42 -31.49 22.71
C ASP B 485 -14.87 -31.88 22.37
N GLY B 486 -15.82 -31.47 23.20
CA GLY B 486 -17.22 -31.74 22.89
C GLY B 486 -17.95 -32.65 23.87
N ASP B 487 -19.09 -33.21 23.48
CA ASP B 487 -19.71 -34.08 24.49
C ASP B 487 -19.81 -35.54 24.00
N GLY B 488 -20.51 -36.36 24.77
CA GLY B 488 -20.63 -37.79 24.45
C GLY B 488 -19.29 -38.50 24.53
N GLU B 489 -19.12 -39.42 23.62
CA GLU B 489 -17.90 -40.18 23.37
C GLU B 489 -16.84 -39.43 22.54
N ARG B 490 -17.17 -38.27 21.92
CA ARG B 490 -16.16 -37.57 21.10
C ARG B 490 -14.81 -37.37 21.79
N PRO B 491 -14.73 -36.80 23.01
CA PRO B 491 -13.42 -36.61 23.68
C PRO B 491 -12.64 -37.90 23.91
N ARG B 492 -13.30 -38.98 24.34
CA ARG B 492 -12.60 -40.26 24.48
C ARG B 492 -12.24 -40.87 23.12
N GLN B 493 -13.11 -40.74 22.12
CA GLN B 493 -12.67 -41.19 20.81
C GLN B 493 -11.37 -40.48 20.40
N ALA B 494 -11.30 -39.18 20.64
CA ALA B 494 -10.09 -38.45 20.31
C ALA B 494 -8.90 -38.95 21.11
N TYR B 495 -9.06 -39.04 22.43
CA TYR B 495 -8.01 -39.56 23.30
C TYR B 495 -7.51 -40.91 22.79
N ASP B 496 -8.42 -41.80 22.33
CA ASP B 496 -7.99 -43.15 21.95
C ASP B 496 -7.30 -43.11 20.60
N TYR B 497 -7.64 -42.14 19.76
CA TYR B 497 -6.98 -42.06 18.47
C TYR B 497 -5.57 -41.56 18.65
N PHE B 498 -5.34 -40.63 19.55
CA PHE B 498 -4.04 -40.00 19.69
C PHE B 498 -3.05 -40.64 20.68
N ARG B 499 -3.47 -41.37 21.74
CA ARG B 499 -2.47 -41.93 22.65
C ARG B 499 -1.53 -42.90 21.98
N PRO B 500 -1.99 -43.82 21.11
CA PRO B 500 -1.00 -44.68 20.44
C PRO B 500 0.03 -43.87 19.68
N LEU B 501 -0.42 -42.77 19.06
CA LEU B 501 0.51 -41.97 18.25
C LEU B 501 1.48 -41.27 19.16
N TYR B 502 1.03 -40.80 20.31
CA TYR B 502 2.01 -40.30 21.26
C TYR B 502 2.98 -41.40 21.68
N GLU B 503 2.46 -42.60 21.96
CA GLU B 503 3.39 -43.65 22.37
C GLU B 503 4.34 -43.98 21.24
N LEU B 504 3.82 -43.95 20.00
CA LEU B 504 4.59 -44.22 18.80
C LEU B 504 5.74 -43.22 18.59
N ALA B 505 5.46 -41.90 18.76
CA ALA B 505 6.53 -40.89 18.65
C ALA B 505 7.62 -41.16 19.65
N HIS B 506 7.23 -41.50 20.89
CA HIS B 506 8.18 -41.83 21.92
C HIS B 506 9.01 -43.06 21.55
N ALA B 507 8.37 -44.16 21.17
CA ALA B 507 9.14 -45.37 20.87
C ALA B 507 10.04 -45.21 19.63
N SER B 508 9.69 -44.31 18.68
CA SER B 508 10.44 -44.18 17.42
C SER B 508 11.76 -43.40 17.59
N ASP B 509 11.85 -42.51 18.59
CA ASP B 509 12.93 -41.57 18.75
C ASP B 509 13.96 -42.16 19.71
N PRO B 510 15.14 -42.57 19.24
CA PRO B 510 16.13 -43.14 20.18
C PRO B 510 16.55 -42.15 21.27
N GLN B 511 16.45 -40.86 20.98
CA GLN B 511 16.64 -39.80 21.96
C GLN B 511 15.44 -39.65 22.88
N ASN B 512 14.28 -40.17 22.53
CA ASN B 512 13.12 -40.08 23.42
C ASN B 512 12.80 -38.62 23.87
N ARG B 513 12.70 -37.70 22.94
CA ARG B 513 12.27 -36.33 23.26
C ARG B 513 10.76 -36.20 23.62
N PRO B 514 10.39 -35.07 24.25
CA PRO B 514 8.98 -34.85 24.64
C PRO B 514 8.12 -34.79 23.40
N VAL B 515 6.88 -35.17 23.60
CA VAL B 515 5.91 -35.29 22.53
C VAL B 515 4.73 -34.37 22.85
N THR B 516 4.30 -33.55 21.87
CA THR B 516 3.15 -32.69 22.08
C THR B 516 2.13 -32.91 20.96
N LEU B 517 1.02 -32.20 21.11
CA LEU B 517 -0.03 -32.11 20.10
C LEU B 517 -0.50 -30.65 20.10
N VAL B 518 -0.45 -29.94 18.96
CA VAL B 518 -0.80 -28.51 19.03
C VAL B 518 -2.32 -28.34 19.00
N CYS B 519 -2.88 -27.72 20.01
CA CYS B 519 -4.33 -27.71 20.22
C CYS B 519 -5.01 -26.42 19.72
N CYS B 520 -6.13 -26.58 19.01
CA CYS B 520 -6.81 -25.35 18.59
C CYS B 520 -7.59 -24.75 19.75
N GLN B 521 -8.02 -23.49 19.58
CA GLN B 521 -8.88 -22.82 20.54
C GLN B 521 -10.11 -23.68 20.69
N ASN B 522 -10.36 -24.16 21.90
CA ASN B 522 -11.48 -25.09 22.08
C ASN B 522 -12.04 -25.00 23.49
N ASP B 523 -13.00 -25.87 23.75
CA ASP B 523 -13.55 -25.97 25.08
C ASP B 523 -12.55 -26.82 25.84
N TYR B 524 -11.64 -26.16 26.53
CA TYR B 524 -10.58 -26.85 27.22
C TYR B 524 -11.13 -27.72 28.37
N THR B 525 -12.41 -27.53 28.76
CA THR B 525 -12.91 -28.35 29.85
C THR B 525 -13.39 -29.69 29.37
N THR B 526 -13.69 -29.86 28.09
CA THR B 526 -14.10 -31.17 27.62
C THR B 526 -13.06 -31.88 26.79
N ASP B 527 -12.01 -31.18 26.32
CA ASP B 527 -10.78 -31.82 25.77
C ASP B 527 -10.06 -32.60 26.88
N ILE B 528 -9.93 -33.94 26.75
CA ILE B 528 -9.21 -34.75 27.73
C ILE B 528 -7.88 -35.22 27.23
N THR B 529 -7.46 -34.78 26.04
CA THR B 529 -6.29 -35.25 25.36
C THR B 529 -5.10 -34.31 25.53
N GLU B 530 -5.31 -33.00 25.31
CA GLU B 530 -4.20 -32.06 25.32
C GLU B 530 -3.47 -32.06 26.67
N ARG B 531 -4.22 -32.10 27.77
CA ARG B 531 -3.60 -32.09 29.10
C ARG B 531 -2.66 -33.26 29.35
N THR B 532 -2.68 -34.32 28.51
CA THR B 532 -1.88 -35.52 28.75
C THR B 532 -0.59 -35.54 27.94
N MET B 533 -0.32 -34.49 27.13
CA MET B 533 0.92 -34.35 26.36
C MET B 533 2.05 -34.00 27.33
N ASP B 534 3.30 -34.14 26.88
CA ASP B 534 4.46 -33.84 27.74
C ASP B 534 4.57 -32.33 28.00
N VAL B 535 4.33 -31.52 26.93
CA VAL B 535 4.21 -30.06 27.00
C VAL B 535 2.85 -29.66 26.43
N VAL B 536 2.12 -28.78 27.12
CA VAL B 536 0.84 -28.32 26.56
C VAL B 536 1.09 -27.15 25.59
N CYS B 537 0.68 -27.33 24.33
CA CYS B 537 0.97 -26.42 23.21
C CYS B 537 -0.38 -25.89 22.75
N ILE B 538 -0.68 -24.60 23.02
CA ILE B 538 -2.00 -24.09 22.72
C ILE B 538 -1.95 -22.94 21.69
N ASN B 539 -2.92 -22.99 20.79
CA ASN B 539 -3.23 -21.94 19.82
C ASN B 539 -4.39 -21.14 20.42
N ARG B 540 -4.18 -19.85 20.64
CA ARG B 540 -5.29 -19.09 21.21
C ARG B 540 -5.38 -17.74 20.51
N TYR B 541 -6.58 -17.32 20.17
CA TYR B 541 -6.80 -16.04 19.48
C TYR B 541 -7.81 -15.17 20.22
N TYR B 542 -7.68 -15.11 21.54
CA TYR B 542 -8.52 -14.22 22.29
C TYR B 542 -8.27 -12.80 21.79
N GLY B 543 -9.35 -12.02 21.69
CA GLY B 543 -9.31 -10.68 21.16
C GLY B 543 -9.21 -10.57 19.64
N TRP B 544 -9.03 -11.70 18.90
CA TRP B 544 -9.03 -11.68 17.44
C TRP B 544 -10.28 -12.35 16.90
N TYR B 545 -10.33 -13.68 16.92
CA TYR B 545 -11.56 -14.44 16.53
C TYR B 545 -12.71 -14.39 17.52
N ASN B 546 -12.52 -13.89 18.74
CA ASN B 546 -13.58 -13.73 19.75
C ASN B 546 -13.19 -12.47 20.53
N LEU B 547 -14.14 -11.92 21.29
CA LEU B 547 -13.90 -10.66 22.01
C LEU B 547 -13.14 -9.66 21.14
N SER B 548 -13.59 -9.49 19.88
CA SER B 548 -12.73 -8.95 18.81
C SER B 548 -12.36 -7.51 19.07
N GLY B 549 -11.08 -7.20 19.06
CA GLY B 549 -10.58 -5.86 19.29
C GLY B 549 -10.64 -5.40 20.73
N ASP B 550 -11.18 -6.20 21.66
CA ASP B 550 -11.39 -5.76 23.04
C ASP B 550 -10.26 -6.42 23.85
N LEU B 551 -9.12 -5.72 24.03
CA LEU B 551 -7.93 -6.39 24.60
C LEU B 551 -8.09 -6.63 26.10
N ASP B 552 -8.86 -5.80 26.78
CA ASP B 552 -9.16 -6.03 28.18
C ASP B 552 -9.91 -7.33 28.36
N ALA B 553 -10.98 -7.52 27.60
CA ALA B 553 -11.73 -8.73 27.76
C ALA B 553 -10.91 -9.91 27.31
N ALA B 554 -10.08 -9.71 26.28
CA ALA B 554 -9.24 -10.79 25.80
C ALA B 554 -8.23 -11.24 26.87
N CYS B 555 -7.72 -10.31 27.64
CA CYS B 555 -6.78 -10.67 28.68
C CYS B 555 -7.49 -11.33 29.86
N HIS B 556 -8.73 -10.94 30.09
CA HIS B 556 -9.49 -11.56 31.14
C HIS B 556 -9.85 -12.98 30.74
N ALA B 557 -10.35 -13.19 29.52
CA ALA B 557 -10.62 -14.54 29.09
C ALA B 557 -9.35 -15.38 29.11
N LEU B 558 -8.24 -14.84 28.61
CA LEU B 558 -6.94 -15.58 28.70
C LEU B 558 -6.57 -15.95 30.14
N ASN B 559 -6.71 -15.02 31.06
CA ASN B 559 -6.42 -15.36 32.45
C ASN B 559 -7.34 -16.49 32.97
N ILE B 560 -8.62 -16.48 32.60
CA ILE B 560 -9.52 -17.54 33.03
C ILE B 560 -9.03 -18.91 32.57
N GLU B 561 -8.62 -19.03 31.32
CA GLU B 561 -8.05 -20.30 30.90
C GLU B 561 -6.65 -20.51 31.47
N LEU B 562 -5.89 -19.47 31.66
CA LEU B 562 -4.61 -19.73 32.30
C LEU B 562 -4.79 -20.35 33.69
N ASP B 563 -5.91 -20.04 34.36
CA ASP B 563 -6.22 -20.56 35.67
C ASP B 563 -6.51 -22.04 35.57
N PHE B 564 -7.16 -22.44 34.47
CA PHE B 564 -7.40 -23.86 34.22
C PHE B 564 -6.08 -24.62 34.08
N TRP B 565 -5.15 -24.08 33.32
CA TRP B 565 -3.89 -24.78 33.11
C TRP B 565 -2.99 -24.73 34.34
N GLU B 566 -3.14 -23.71 35.17
CA GLU B 566 -2.33 -23.65 36.39
C GLU B 566 -2.58 -24.88 37.27
N ASN B 567 -3.83 -25.34 37.32
CA ASN B 567 -4.15 -26.55 38.09
C ASN B 567 -3.76 -27.83 37.41
N ILE B 568 -3.57 -27.83 36.10
CA ILE B 568 -3.21 -29.06 35.44
C ILE B 568 -1.81 -29.45 35.86
N GLY B 569 -0.91 -28.48 35.95
CA GLY B 569 0.47 -28.73 36.38
C GLY B 569 1.39 -29.22 35.30
N LYS B 570 1.12 -28.94 34.07
CA LYS B 570 2.05 -29.19 33.00
C LYS B 570 2.73 -27.90 32.58
N PRO B 571 3.94 -27.96 32.03
CA PRO B 571 4.46 -26.77 31.35
C PRO B 571 3.62 -26.48 30.11
N VAL B 572 3.37 -25.19 29.86
CA VAL B 572 2.44 -24.74 28.82
C VAL B 572 3.13 -23.69 27.97
N MET B 573 2.86 -23.70 26.67
CA MET B 573 3.38 -22.60 25.89
C MET B 573 2.38 -22.28 24.79
N PHE B 574 2.45 -21.05 24.26
CA PHE B 574 1.77 -20.72 23.01
C PHE B 574 2.46 -21.31 21.81
N THR B 575 1.68 -21.86 20.93
CA THR B 575 2.26 -22.15 19.63
C THR B 575 1.61 -21.29 18.53
N GLU B 576 0.47 -20.67 18.82
CA GLU B 576 -0.11 -19.67 17.92
C GLU B 576 -0.82 -18.65 18.75
N TYR B 577 -0.70 -17.38 18.34
CA TYR B 577 -1.53 -16.27 18.74
C TYR B 577 -1.09 -15.07 17.93
N GLY B 578 -2.05 -14.24 17.52
CA GLY B 578 -1.74 -13.07 16.68
C GLY B 578 -2.99 -12.47 16.02
N ALA B 579 -2.73 -11.64 14.98
CA ALA B 579 -3.67 -10.62 14.46
C ALA B 579 -3.31 -10.36 13.02
N ASP B 580 -4.24 -10.56 12.10
CA ASP B 580 -3.93 -10.21 10.71
C ASP B 580 -3.63 -8.73 10.65
N THR B 581 -2.59 -8.37 9.90
CA THR B 581 -2.00 -7.04 9.95
C THR B 581 -1.51 -6.65 8.56
N ILE B 582 -2.08 -5.57 7.98
CA ILE B 582 -1.69 -5.11 6.66
C ILE B 582 -0.65 -4.00 6.88
N GLU B 583 0.59 -4.23 6.46
CA GLU B 583 1.61 -3.19 6.66
C GLU B 583 1.20 -1.87 5.99
N GLY B 584 1.42 -0.70 6.67
CA GLY B 584 0.97 0.60 6.18
C GLY B 584 -0.42 1.02 6.67
N ILE B 585 -1.20 0.13 7.26
CA ILE B 585 -2.46 0.54 7.91
C ILE B 585 -2.13 0.95 9.33
N HIS B 586 -2.47 2.17 9.66
CA HIS B 586 -2.01 2.71 10.92
C HIS B 586 -3.19 3.43 11.60
N GLY B 587 -3.15 3.54 12.93
CA GLY B 587 -4.13 4.35 13.63
C GLY B 587 -3.60 4.77 14.97
N THR B 588 -4.06 5.93 15.45
CA THR B 588 -3.63 6.37 16.77
C THR B 588 -4.16 5.40 17.84
N HIS B 589 -5.37 4.87 17.62
CA HIS B 589 -5.92 3.90 18.59
C HIS B 589 -6.14 2.69 17.74
N GLY B 590 -5.13 1.84 17.67
CA GLY B 590 -5.13 0.84 16.60
C GLY B 590 -6.29 -0.13 16.62
N GLU B 591 -6.93 -0.31 15.46
CA GLU B 591 -8.01 -1.27 15.30
C GLU B 591 -7.48 -2.50 14.55
N MET B 592 -8.29 -3.52 14.52
CA MET B 592 -7.89 -4.75 13.87
C MET B 592 -7.48 -4.49 12.42
N PHE B 593 -6.34 -5.10 12.02
CA PHE B 593 -5.63 -5.05 10.76
C PHE B 593 -4.61 -3.94 10.75
N SER B 594 -4.65 -2.95 11.69
CA SER B 594 -3.57 -1.98 11.72
C SER B 594 -2.31 -2.58 12.39
N GLU B 595 -1.15 -1.97 12.10
CA GLU B 595 0.14 -2.35 12.69
C GLU B 595 0.15 -2.14 14.20
N GLU B 596 -0.51 -1.06 14.64
CA GLU B 596 -0.60 -0.71 16.06
C GLU B 596 -1.34 -1.76 16.84
N PHE B 597 -2.50 -2.21 16.34
CA PHE B 597 -3.25 -3.29 17.00
C PHE B 597 -2.41 -4.58 17.14
N GLN B 598 -1.69 -4.98 16.11
CA GLN B 598 -0.83 -6.18 16.21
C GLN B 598 0.20 -6.01 17.31
N ARG B 599 0.87 -4.83 17.35
CA ARG B 599 1.73 -4.46 18.47
C ARG B 599 1.02 -4.50 19.85
N ASP B 600 -0.13 -3.82 19.98
CA ASP B 600 -0.84 -3.80 21.26
C ASP B 600 -1.24 -5.20 21.68
N TYR B 601 -1.48 -6.07 20.68
CA TYR B 601 -1.94 -7.42 20.95
C TYR B 601 -0.86 -8.21 21.66
N TYR B 602 0.35 -8.27 21.09
CA TYR B 602 1.44 -8.95 21.75
C TYR B 602 1.82 -8.26 23.07
N ALA B 603 1.69 -6.93 23.15
CA ALA B 603 2.05 -6.26 24.39
C ALA B 603 1.11 -6.62 25.50
N ARG B 604 -0.19 -6.57 25.25
CA ARG B 604 -1.15 -6.99 26.29
C ARG B 604 -1.02 -8.50 26.66
N ILE B 605 -0.99 -9.38 25.65
CA ILE B 605 -1.05 -10.82 25.92
C ILE B 605 0.20 -11.22 26.67
N ASN B 606 1.37 -10.75 26.23
CA ASN B 606 2.64 -11.19 26.82
C ASN B 606 2.74 -10.73 28.26
N ALA B 607 2.14 -9.56 28.61
CA ALA B 607 2.22 -9.20 30.02
C ALA B 607 1.42 -10.19 30.89
N GLU B 608 0.41 -10.87 30.36
CA GLU B 608 -0.32 -11.85 31.20
C GLU B 608 0.49 -13.12 31.40
N ILE B 609 1.07 -13.67 30.33
CA ILE B 609 1.73 -14.97 30.49
C ILE B 609 2.98 -14.78 31.30
N ASP B 610 3.53 -13.55 31.30
CA ASP B 610 4.74 -13.25 32.08
C ASP B 610 4.49 -13.48 33.54
N LYS B 611 3.24 -13.46 34.00
CA LYS B 611 2.96 -13.65 35.43
C LYS B 611 2.78 -15.12 35.80
N ARG B 612 2.87 -16.05 34.85
CA ARG B 612 2.70 -17.48 35.14
C ARG B 612 4.04 -18.17 34.98
N PRO B 613 4.65 -18.66 36.06
CA PRO B 613 5.98 -19.26 35.91
C PRO B 613 5.97 -20.63 35.32
N TRP B 614 4.82 -21.26 35.22
CA TRP B 614 4.68 -22.53 34.50
C TRP B 614 4.50 -22.36 32.98
N PHE B 615 4.38 -21.14 32.48
CA PHE B 615 4.17 -20.91 31.05
C PHE B 615 5.57 -20.79 30.46
N ILE B 616 6.01 -21.77 29.65
CA ILE B 616 7.43 -21.92 29.33
C ILE B 616 7.81 -21.44 27.91
N GLY B 617 6.90 -20.83 27.15
CA GLY B 617 7.30 -20.41 25.82
C GLY B 617 6.25 -19.57 25.13
N GLU B 618 6.72 -18.78 24.13
CA GLU B 618 5.76 -18.02 23.34
C GLU B 618 6.19 -18.19 21.89
N GLN B 619 5.49 -19.07 21.15
CA GLN B 619 5.59 -19.11 19.70
C GLN B 619 4.31 -18.47 19.14
N LEU B 620 4.48 -17.30 18.48
CA LEU B 620 3.34 -16.62 17.89
C LEU B 620 3.05 -17.15 16.49
N TRP B 621 1.90 -16.69 15.95
CA TRP B 621 1.51 -16.92 14.58
C TRP B 621 1.50 -15.59 13.84
N ASN B 622 2.27 -15.41 12.78
CA ASN B 622 3.26 -16.33 12.19
C ASN B 622 4.55 -15.49 12.05
N PHE B 623 5.67 -16.14 11.78
CA PHE B 623 6.87 -15.47 11.30
C PHE B 623 6.59 -14.44 10.18
N ALA B 624 5.95 -14.90 9.08
CA ALA B 624 5.81 -14.08 7.88
C ALA B 624 4.47 -14.35 7.24
N ASP B 625 3.83 -13.35 6.61
CA ASP B 625 2.62 -13.57 5.81
C ASP B 625 2.81 -14.67 4.74
N PHE B 626 1.78 -15.44 4.44
CA PHE B 626 1.93 -16.60 3.56
C PHE B 626 0.60 -16.86 2.83
N ALA B 627 0.65 -17.64 1.77
CA ALA B 627 -0.51 -17.87 0.90
C ALA B 627 -1.46 -18.91 1.50
N THR B 628 -2.76 -18.69 1.27
CA THR B 628 -3.85 -19.55 1.65
C THR B 628 -4.80 -19.65 0.47
N PHE B 629 -5.65 -20.67 0.52
CA PHE B 629 -6.86 -20.71 -0.30
C PHE B 629 -7.63 -19.37 -0.16
N GLN B 630 -8.22 -18.89 -1.25
CA GLN B 630 -8.81 -17.58 -1.26
C GLN B 630 -10.17 -17.56 -0.57
N GLY B 631 -10.47 -16.45 0.09
CA GLY B 631 -11.68 -16.40 0.90
C GLY B 631 -11.74 -15.06 1.62
N ILE B 632 -12.89 -14.86 2.25
CA ILE B 632 -13.23 -13.52 2.66
C ILE B 632 -12.48 -13.09 3.88
N ILE B 633 -11.83 -14.01 4.62
CA ILE B 633 -11.04 -13.54 5.74
C ILE B 633 -9.57 -13.52 5.43
N ARG B 634 -9.16 -13.82 4.18
CA ARG B 634 -7.74 -13.93 3.82
C ARG B 634 -7.29 -12.89 2.81
N VAL B 635 -6.64 -11.83 3.29
CA VAL B 635 -6.37 -10.64 2.48
C VAL B 635 -5.06 -10.88 1.76
N GLU B 636 -5.15 -11.47 0.59
CA GLU B 636 -3.98 -12.03 -0.05
C GLU B 636 -3.25 -13.05 0.86
N GLY B 637 -3.94 -14.07 1.31
CA GLY B 637 -3.28 -15.00 2.21
C GLY B 637 -3.48 -14.65 3.66
N ASN B 638 -2.84 -15.43 4.49
CA ASN B 638 -2.79 -15.10 5.92
C ASN B 638 -1.84 -13.89 6.16
N ARG B 639 -2.34 -12.87 6.89
CA ARG B 639 -1.56 -11.65 7.19
C ARG B 639 -1.19 -11.51 8.66
N LYS B 640 -1.13 -12.62 9.41
CA LYS B 640 -0.64 -12.60 10.77
C LYS B 640 0.92 -12.63 10.89
N GLY B 641 1.65 -12.68 9.80
CA GLY B 641 3.07 -12.39 9.94
C GLY B 641 3.39 -11.12 10.71
N ILE B 642 4.40 -11.24 11.57
CA ILE B 642 5.12 -10.09 12.08
C ILE B 642 6.12 -9.58 11.05
N LEU B 643 6.46 -10.39 10.02
CA LEU B 643 7.11 -9.88 8.81
C LEU B 643 6.10 -10.01 7.68
N THR B 644 6.26 -9.13 6.65
CA THR B 644 5.57 -9.33 5.39
C THR B 644 6.06 -10.61 4.69
N ARG B 645 5.34 -11.03 3.61
CA ARG B 645 5.85 -12.15 2.81
C ARG B 645 7.25 -11.85 2.22
N ASP B 646 7.59 -10.58 1.97
CA ASP B 646 8.93 -10.29 1.54
C ASP B 646 9.86 -10.11 2.71
N ARG B 647 9.43 -10.44 3.93
CA ARG B 647 10.29 -10.48 5.15
C ARG B 647 10.69 -9.07 5.66
N GLN B 648 9.82 -8.08 5.45
CA GLN B 648 9.92 -6.74 6.04
C GLN B 648 9.20 -6.67 7.36
N PRO B 649 9.86 -6.12 8.39
CA PRO B 649 9.31 -6.05 9.75
C PRO B 649 8.11 -5.12 9.85
N LYS B 650 6.96 -5.61 10.30
CA LYS B 650 5.92 -4.69 10.75
C LYS B 650 6.29 -4.11 12.14
N MET B 651 5.59 -3.05 12.57
CA MET B 651 5.78 -2.49 13.92
C MET B 651 5.86 -3.53 15.08
N ALA B 652 4.96 -4.52 15.11
CA ALA B 652 5.05 -5.66 16.05
C ALA B 652 6.42 -6.35 16.06
N ALA B 653 7.00 -6.54 14.89
CA ALA B 653 8.30 -7.19 14.81
C ALA B 653 9.37 -6.41 15.60
N HIS B 654 9.43 -5.09 15.42
CA HIS B 654 10.30 -4.19 16.19
C HIS B 654 10.03 -4.31 17.68
N TRP B 655 8.75 -4.25 18.10
CA TRP B 655 8.41 -4.37 19.52
C TRP B 655 8.86 -5.72 20.08
N LEU B 656 8.59 -6.84 19.34
CA LEU B 656 8.98 -8.18 19.79
C LEU B 656 10.50 -8.34 19.81
N ARG B 657 11.22 -7.69 18.89
CA ARG B 657 12.66 -7.74 18.93
C ARG B 657 13.19 -7.13 20.23
N GLU B 658 12.55 -6.04 20.66
CA GLU B 658 12.97 -5.36 21.86
C GLU B 658 12.58 -6.19 23.11
N ARG B 659 11.36 -6.78 23.15
CA ARG B 659 11.06 -7.72 24.26
C ARG B 659 12.01 -8.93 24.27
N TRP B 660 12.16 -9.57 23.12
CA TRP B 660 12.98 -10.78 23.06
C TRP B 660 14.43 -10.49 23.43
N ALA B 661 14.91 -9.29 23.14
CA ALA B 661 16.32 -9.01 23.45
C ALA B 661 16.55 -9.04 24.95
N GLY B 662 15.54 -8.76 25.76
CA GLY B 662 15.73 -8.72 27.21
C GLY B 662 15.42 -10.05 27.91
N ILE B 663 15.03 -11.08 27.18
CA ILE B 663 14.61 -12.35 27.76
C ILE B 663 15.67 -13.41 27.45
N PRO B 664 16.21 -14.08 28.48
CA PRO B 664 17.30 -15.04 28.27
C PRO B 664 16.81 -16.39 27.80
N ASP B 665 17.61 -17.07 27.00
CA ASP B 665 17.22 -18.46 26.67
C ASP B 665 17.00 -19.34 27.92
N TYR B 666 17.81 -19.16 28.97
CA TYR B 666 17.78 -19.97 30.18
C TYR B 666 17.56 -19.09 31.38
N GLY B 667 16.67 -19.52 32.29
CA GLY B 667 16.54 -18.85 33.55
C GLY B 667 15.48 -17.75 33.65
N TYR B 668 14.77 -17.39 32.57
CA TYR B 668 13.72 -16.39 32.65
C TYR B 668 12.65 -16.70 33.68
N LYS B 669 12.29 -17.98 33.83
CA LYS B 669 11.38 -18.40 34.91
C LYS B 669 11.99 -19.44 35.85
N ASN C 1 -46.23 19.23 10.41
CA ASN C 1 -45.56 18.13 9.67
C ASN C 1 -44.54 18.59 8.56
N GLY C 2 -44.70 19.81 8.01
CA GLY C 2 -43.69 20.34 7.10
C GLY C 2 -42.36 20.64 7.79
N MET C 3 -41.26 20.36 7.08
CA MET C 3 -39.91 20.78 7.48
C MET C 3 -39.21 21.42 6.25
N LEU C 4 -39.68 22.59 5.86
CA LEU C 4 -39.09 23.22 4.72
C LEU C 4 -37.71 23.64 5.17
N TYR C 5 -36.72 23.51 4.29
CA TYR C 5 -35.36 23.92 4.65
C TYR C 5 -35.36 25.44 4.94
N PRO C 6 -34.76 25.88 6.07
CA PRO C 6 -34.77 27.30 6.40
C PRO C 6 -34.27 28.15 5.23
N GLN C 7 -34.93 29.26 4.98
CA GLN C 7 -34.65 30.14 3.83
C GLN C 7 -34.52 31.61 4.21
N SER C 8 -33.60 32.32 3.56
CA SER C 8 -33.51 33.77 3.75
C SER C 8 -34.19 34.48 2.57
N ASN C 9 -35.09 35.42 2.87
CA ASN C 9 -35.74 36.27 1.83
C ASN C 9 -36.24 37.55 2.51
N ASP C 10 -37.19 38.25 1.91
CA ASP C 10 -37.48 39.52 2.58
C ASP C 10 -38.35 39.36 3.84
N SER C 11 -38.91 38.18 4.07
CA SER C 11 -39.72 37.97 5.29
C SER C 11 -39.02 37.12 6.33
N ARG C 12 -37.91 36.45 5.99
CA ARG C 12 -37.32 35.34 6.74
C ARG C 12 -35.81 35.53 6.76
N ILE C 13 -35.18 35.35 7.90
CA ILE C 13 -33.73 35.29 7.91
C ILE C 13 -33.29 33.95 8.55
N VAL C 14 -32.15 33.42 8.08
CA VAL C 14 -31.50 32.25 8.68
C VAL C 14 -30.18 32.68 9.30
N PHE C 15 -29.97 32.27 10.58
CA PHE C 15 -28.78 32.53 11.37
C PHE C 15 -28.07 31.19 11.67
N PRO C 16 -27.07 30.79 10.86
CA PRO C 16 -26.37 29.52 11.11
C PRO C 16 -25.78 29.45 12.50
N LEU C 17 -25.85 28.24 13.11
CA LEU C 17 -25.11 28.03 14.35
C LEU C 17 -23.92 27.04 14.23
N ASP C 18 -23.46 26.72 13.01
CA ASP C 18 -22.31 25.86 12.90
C ASP C 18 -21.09 26.61 13.41
N GLY C 19 -20.04 25.89 13.67
CA GLY C 19 -18.72 26.38 13.97
C GLY C 19 -18.06 25.45 14.98
N VAL C 20 -17.25 25.99 15.88
CA VAL C 20 -16.50 25.13 16.77
C VAL C 20 -17.20 25.27 18.09
N TRP C 21 -17.87 24.21 18.53
CA TRP C 21 -18.55 24.22 19.82
C TRP C 21 -17.67 23.69 20.97
N ASP C 22 -18.20 23.89 22.19
CA ASP C 22 -17.69 23.16 23.37
C ASP C 22 -18.33 21.78 23.42
N PHE C 23 -17.64 20.83 24.07
CA PHE C 23 -18.08 19.44 24.07
C PHE C 23 -17.48 18.72 25.27
N ARG C 24 -18.21 17.70 25.78
CA ARG C 24 -17.80 16.90 26.95
C ARG C 24 -18.37 15.51 26.75
N THR C 25 -17.59 14.46 27.07
CA THR C 25 -18.28 13.16 27.07
C THR C 25 -19.06 13.01 28.37
N ALA C 26 -20.03 12.10 28.42
CA ALA C 26 -20.77 11.94 29.66
C ALA C 26 -20.94 10.44 29.90
N GLY C 27 -21.99 10.02 30.59
CA GLY C 27 -22.11 8.63 31.05
C GLY C 27 -22.82 7.74 30.04
N GLU C 28 -22.68 6.45 30.27
CA GLU C 28 -23.30 5.41 29.47
C GLU C 28 -24.80 5.52 29.47
N ASP C 29 -25.41 6.08 30.51
CA ASP C 29 -26.85 6.24 30.35
C ASP C 29 -27.41 7.49 31.04
N SER C 30 -26.58 8.43 31.42
CA SER C 30 -27.05 9.74 31.81
C SER C 30 -25.95 10.74 31.52
N TYR C 31 -26.29 11.99 31.75
CA TYR C 31 -25.35 13.09 31.67
C TYR C 31 -25.79 14.09 32.72
N PRO C 32 -24.89 14.97 33.15
CA PRO C 32 -25.26 15.89 34.23
C PRO C 32 -26.09 17.04 33.67
N ALA C 33 -27.36 17.11 34.08
CA ALA C 33 -28.32 18.11 33.60
C ALA C 33 -27.99 19.52 34.05
N GLU C 34 -27.24 19.71 35.12
CA GLU C 34 -26.78 21.06 35.40
C GLU C 34 -25.82 21.63 34.33
N TRP C 35 -25.26 20.79 33.43
CA TRP C 35 -24.44 21.33 32.37
C TRP C 35 -25.28 22.19 31.45
N ALA C 36 -26.59 22.14 31.52
CA ALA C 36 -27.23 23.13 30.67
C ALA C 36 -27.37 24.50 31.33
N ASP C 37 -27.01 24.66 32.58
CA ASP C 37 -27.20 25.92 33.29
C ASP C 37 -25.97 26.78 33.25
N ALA C 38 -24.84 26.23 32.83
CA ALA C 38 -23.61 27.00 32.92
C ALA C 38 -22.65 26.49 31.86
N PRO C 39 -21.68 27.30 31.46
CA PRO C 39 -20.62 26.83 30.53
C PRO C 39 -20.10 25.48 30.97
N LEU C 40 -20.04 24.50 30.02
CA LEU C 40 -19.43 23.19 30.30
C LEU C 40 -18.09 23.40 31.02
N PRO C 41 -17.81 22.63 32.06
CA PRO C 41 -16.47 22.68 32.68
C PRO C 41 -15.43 22.03 31.76
N GLU C 42 -14.24 22.59 31.73
CA GLU C 42 -13.10 22.07 30.95
C GLU C 42 -13.49 21.49 29.60
N PRO C 43 -14.13 22.26 28.75
CA PRO C 43 -14.65 21.71 27.49
C PRO C 43 -13.52 21.38 26.49
N LEU C 44 -13.79 20.44 25.63
CA LEU C 44 -13.14 20.03 24.40
C LEU C 44 -13.76 20.78 23.24
N PRO C 45 -12.98 21.16 22.22
CA PRO C 45 -13.60 21.76 21.03
C PRO C 45 -14.16 20.64 20.19
N MET C 46 -15.24 20.96 19.45
CA MET C 46 -15.89 20.04 18.54
C MET C 46 -16.55 20.85 17.44
N ALA C 47 -16.18 20.53 16.16
CA ALA C 47 -16.77 21.28 15.04
C ALA C 47 -18.18 20.74 14.73
N VAL C 48 -19.05 21.63 14.29
CA VAL C 48 -20.42 21.31 13.93
C VAL C 48 -20.68 21.95 12.59
N PRO C 49 -21.14 21.15 11.63
CA PRO C 49 -21.48 19.71 11.69
C PRO C 49 -20.29 18.77 11.54
N GLY C 50 -20.45 17.53 12.01
CA GLY C 50 -19.44 16.50 11.96
C GLY C 50 -19.79 15.36 12.94
N SER C 51 -19.37 14.16 12.64
CA SER C 51 -19.45 13.21 13.73
C SER C 51 -18.48 13.62 14.83
N TYR C 52 -18.70 13.18 16.09
CA TYR C 52 -17.62 13.52 17.02
C TYR C 52 -16.52 12.47 17.10
N ASN C 53 -16.73 11.29 16.51
CA ASN C 53 -15.91 10.16 16.92
C ASN C 53 -14.45 10.36 16.44
N ASP C 54 -14.24 10.95 15.25
CA ASP C 54 -12.90 11.06 14.70
C ASP C 54 -12.31 12.47 14.85
N GLN C 55 -12.83 13.28 15.80
CA GLN C 55 -12.38 14.66 16.05
C GLN C 55 -11.52 14.79 17.28
N ASN C 56 -11.13 13.69 17.91
CA ASN C 56 -10.19 13.80 19.00
C ASN C 56 -9.35 12.53 19.07
N ASP C 57 -8.04 12.60 18.80
CA ASP C 57 -7.23 11.37 18.88
C ASP C 57 -6.62 11.12 20.26
N GLU C 58 -6.71 12.06 21.19
CA GLU C 58 -6.39 11.74 22.60
C GLU C 58 -7.45 10.87 23.23
N LEU C 59 -8.71 11.08 22.94
CA LEU C 59 -9.69 10.15 23.44
C LEU C 59 -10.00 9.12 22.38
N ASN C 60 -10.55 8.01 22.81
CA ASN C 60 -10.96 7.01 21.84
C ASN C 60 -12.49 7.10 21.71
N LEU C 61 -12.96 8.13 21.01
CA LEU C 61 -14.40 8.33 20.92
C LEU C 61 -15.07 7.34 20.03
N ARG C 62 -14.37 6.64 19.15
CA ARG C 62 -15.06 5.55 18.46
C ARG C 62 -15.62 4.55 19.46
N ALA C 63 -14.97 4.42 20.62
CA ALA C 63 -15.39 3.39 21.56
C ALA C 63 -16.46 3.95 22.52
N HIS C 64 -16.75 5.22 22.44
CA HIS C 64 -17.68 5.83 23.37
C HIS C 64 -19.08 5.17 23.32
N TYR C 65 -19.70 5.03 24.50
CA TYR C 65 -21.03 4.44 24.61
C TYR C 65 -21.91 5.35 25.45
N GLY C 66 -23.07 5.76 24.97
CA GLY C 66 -23.97 6.63 25.74
C GLY C 66 -23.95 8.11 25.28
N TRP C 67 -23.85 9.02 26.24
CA TRP C 67 -24.13 10.44 26.08
C TRP C 67 -22.90 11.29 25.90
N VAL C 68 -23.04 12.34 25.09
CA VAL C 68 -22.05 13.43 25.00
C VAL C 68 -22.86 14.70 25.09
N VAL C 69 -22.20 15.82 25.44
CA VAL C 69 -22.91 17.10 25.59
C VAL C 69 -22.17 18.18 24.83
N TYR C 70 -22.89 18.79 23.86
CA TYR C 70 -22.47 19.93 23.06
C TYR C 70 -23.02 21.23 23.65
N GLN C 71 -22.29 22.30 23.47
CA GLN C 71 -22.72 23.58 24.01
C GLN C 71 -22.06 24.71 23.22
N ARG C 72 -22.80 25.78 22.95
CA ARG C 72 -22.21 27.01 22.44
C ARG C 72 -23.08 28.18 22.95
N SER C 73 -22.58 29.41 22.80
CA SER C 73 -23.34 30.63 22.98
C SER C 73 -23.55 31.31 21.63
N PHE C 74 -24.61 32.09 21.54
CA PHE C 74 -24.81 32.97 20.41
C PHE C 74 -25.71 34.12 20.85
N ALA C 75 -25.67 35.17 20.05
CA ALA C 75 -26.35 36.45 20.26
C ALA C 75 -26.74 36.97 18.89
N VAL C 76 -27.87 37.66 18.86
CA VAL C 76 -28.60 38.03 17.67
C VAL C 76 -29.19 39.39 18.02
N PRO C 77 -29.22 40.38 17.12
CA PRO C 77 -29.85 41.66 17.50
C PRO C 77 -31.34 41.49 17.73
N SER C 78 -31.80 42.05 18.83
CA SER C 78 -33.18 42.45 19.06
C SER C 78 -34.01 42.81 17.83
N ARG C 79 -33.52 43.69 16.95
CA ARG C 79 -34.40 44.11 15.85
C ARG C 79 -34.70 42.98 14.89
N LEU C 80 -33.93 41.91 14.92
CA LEU C 80 -34.25 40.79 14.06
C LEU C 80 -35.21 39.77 14.68
N VAL C 81 -35.20 39.61 16.02
CA VAL C 81 -36.17 38.73 16.68
C VAL C 81 -37.51 39.42 16.88
N ALA C 82 -37.51 40.75 16.87
CA ALA C 82 -38.66 41.56 17.24
C ALA C 82 -39.86 41.18 16.40
N GLY C 83 -40.89 40.68 17.07
CA GLY C 83 -42.11 40.29 16.42
C GLY C 83 -42.01 39.05 15.52
N GLN C 84 -40.83 38.42 15.39
CA GLN C 84 -40.77 37.23 14.55
C GLN C 84 -41.00 35.96 15.38
N ARG C 85 -41.42 34.92 14.67
CA ARG C 85 -41.44 33.57 15.19
C ARG C 85 -40.05 32.96 15.00
N MET C 86 -39.45 32.49 16.10
CA MET C 86 -38.05 32.07 16.17
C MET C 86 -37.98 30.55 16.30
N ILE C 87 -37.26 29.92 15.36
CA ILE C 87 -37.23 28.46 15.23
C ILE C 87 -35.79 27.96 15.25
N LEU C 88 -35.53 27.04 16.15
CA LEU C 88 -34.22 26.43 16.28
C LEU C 88 -34.28 25.08 15.56
N ARG C 89 -33.59 24.94 14.43
CA ARG C 89 -33.63 23.68 13.67
C ARG C 89 -32.31 22.90 13.73
N PHE C 90 -32.43 21.59 14.07
CA PHE C 90 -31.37 20.59 13.98
C PHE C 90 -31.58 19.72 12.73
N ASP C 91 -30.73 19.87 11.71
CA ASP C 91 -30.84 19.03 10.50
C ASP C 91 -30.67 17.53 10.84
N ALA C 92 -29.71 17.18 11.72
CA ALA C 92 -29.63 15.83 12.28
C ALA C 92 -28.80 15.82 13.54
N ALA C 93 -29.26 15.08 14.55
CA ALA C 93 -28.48 14.76 15.73
C ALA C 93 -28.55 13.27 15.89
N THR C 94 -27.37 12.61 15.90
CA THR C 94 -27.38 11.13 15.78
C THR C 94 -26.94 10.44 17.10
N HIS C 95 -27.80 9.63 17.73
CA HIS C 95 -29.13 9.28 17.26
C HIS C 95 -30.29 10.01 17.95
N ALA C 96 -30.10 10.48 19.18
CA ALA C 96 -31.15 11.03 20.01
C ALA C 96 -30.55 12.25 20.70
N ALA C 97 -31.36 13.27 20.94
CA ALA C 97 -30.85 14.47 21.60
C ALA C 97 -31.88 15.04 22.56
N ASP C 98 -31.39 15.68 23.63
CA ASP C 98 -32.14 16.64 24.46
C ASP C 98 -31.52 18.01 24.23
N VAL C 99 -32.33 19.02 24.10
CA VAL C 99 -31.85 20.36 23.76
C VAL C 99 -32.31 21.34 24.81
N TYR C 100 -31.39 22.16 25.29
CA TYR C 100 -31.67 23.11 26.35
C TYR C 100 -31.29 24.48 25.82
N LEU C 101 -32.10 25.48 26.10
CA LEU C 101 -31.77 26.84 25.70
C LEU C 101 -31.94 27.68 26.96
N ASN C 102 -30.85 28.25 27.43
CA ASN C 102 -30.84 29.05 28.66
C ASN C 102 -31.29 28.22 29.85
N GLY C 103 -30.90 26.95 29.85
CA GLY C 103 -31.24 26.11 30.97
C GLY C 103 -32.63 25.51 30.91
N GLN C 104 -33.43 25.84 29.91
CA GLN C 104 -34.78 25.29 29.70
C GLN C 104 -34.75 24.12 28.74
N LEU C 105 -35.33 23.00 29.13
CA LEU C 105 -35.37 21.89 28.23
C LEU C 105 -36.38 22.22 27.17
N LEU C 106 -35.94 22.41 25.91
CA LEU C 106 -36.91 22.60 24.82
C LEU C 106 -37.56 21.31 24.46
N GLY C 107 -36.84 20.21 24.56
CA GLY C 107 -37.40 18.92 24.25
C GLY C 107 -36.33 18.00 23.63
N SER C 108 -36.82 16.90 23.04
CA SER C 108 -36.04 15.69 22.70
C SER C 108 -36.42 15.23 21.31
N HIS C 109 -35.55 14.42 20.71
CA HIS C 109 -35.88 13.82 19.43
C HIS C 109 -35.15 12.49 19.36
N PHE C 110 -35.73 11.52 18.67
CA PHE C 110 -35.08 10.24 18.44
C PHE C 110 -34.66 9.94 16.98
N GLY C 111 -35.39 10.01 15.94
CA GLY C 111 -34.42 9.49 14.83
C GLY C 111 -33.06 10.19 14.39
N GLY C 112 -31.94 9.45 14.12
CA GLY C 112 -30.68 10.17 13.93
C GLY C 112 -30.38 10.82 12.58
N PHE C 113 -31.30 10.77 11.61
CA PHE C 113 -30.97 11.06 10.23
C PHE C 113 -32.00 11.97 9.59
N LEU C 114 -32.88 12.61 10.41
CA LEU C 114 -34.00 13.43 9.97
C LEU C 114 -34.10 14.66 10.85
N PRO C 115 -34.52 15.78 10.27
CA PRO C 115 -34.48 17.05 11.01
C PRO C 115 -35.62 17.20 12.02
N PHE C 116 -35.32 18.02 13.04
CA PHE C 116 -36.29 18.39 14.06
C PHE C 116 -36.00 19.81 14.44
N GLU C 117 -36.99 20.49 15.06
CA GLU C 117 -36.92 21.94 15.32
C GLU C 117 -37.76 22.28 16.53
N PHE C 118 -37.48 23.43 17.15
CA PHE C 118 -38.17 23.89 18.36
C PHE C 118 -38.54 25.35 18.20
N ASP C 119 -39.73 25.72 18.71
CA ASP C 119 -40.09 27.13 18.78
C ASP C 119 -39.41 27.73 20.00
N VAL C 120 -38.44 28.62 19.77
CA VAL C 120 -37.70 29.23 20.86
C VAL C 120 -38.07 30.71 21.02
N THR C 121 -39.18 31.17 20.40
CA THR C 121 -39.59 32.57 20.53
C THR C 121 -39.54 33.06 21.97
N SER C 122 -40.11 32.29 22.89
CA SER C 122 -40.12 32.73 24.29
C SER C 122 -38.86 32.35 25.09
N ALA C 123 -38.11 31.32 24.71
CA ALA C 123 -36.94 31.04 25.55
C ALA C 123 -35.70 31.86 25.17
N LEU C 124 -35.71 32.57 24.02
CA LEU C 124 -34.58 33.48 23.70
C LEU C 124 -34.60 34.73 24.60
N HIS C 125 -33.41 35.31 24.75
CA HIS C 125 -33.29 36.60 25.39
C HIS C 125 -32.21 37.42 24.67
N ALA C 126 -32.28 38.73 24.86
CA ALA C 126 -31.26 39.60 24.32
C ALA C 126 -29.93 39.22 24.94
N GLY C 127 -28.84 39.61 24.27
CA GLY C 127 -27.47 39.23 24.73
C GLY C 127 -27.16 37.79 24.39
N GLU C 128 -26.27 37.21 25.19
CA GLU C 128 -25.77 35.89 24.93
C GLU C 128 -26.74 34.86 25.45
N ASN C 129 -27.08 33.88 24.60
CA ASN C 129 -27.89 32.71 24.89
C ASN C 129 -27.01 31.45 24.99
N LEU C 130 -27.38 30.54 25.86
CA LEU C 130 -26.58 29.33 26.05
C LEU C 130 -27.34 28.10 25.56
N LEU C 131 -26.86 27.47 24.48
CA LEU C 131 -27.52 26.33 23.82
C LEU C 131 -26.70 25.06 24.17
N THR C 132 -27.33 24.12 24.81
CA THR C 132 -26.71 22.89 25.24
C THR C 132 -27.46 21.72 24.60
N VAL C 133 -26.74 20.81 23.96
CA VAL C 133 -27.40 19.70 23.25
C VAL C 133 -26.71 18.42 23.72
N ALA C 134 -27.45 17.57 24.42
CA ALA C 134 -26.95 16.27 24.82
C ALA C 134 -27.30 15.30 23.72
N VAL C 135 -26.32 14.51 23.28
CA VAL C 135 -26.50 13.59 22.16
C VAL C 135 -26.23 12.17 22.64
N ASP C 136 -27.21 11.30 22.40
CA ASP C 136 -27.17 9.90 22.80
C ASP C 136 -26.86 9.06 21.57
N ASN C 137 -25.79 8.21 21.64
CA ASN C 137 -25.34 7.38 20.47
C ASN C 137 -25.85 5.95 20.54
N ARG C 138 -26.65 5.59 21.54
CA ARG C 138 -26.91 4.17 21.77
C ARG C 138 -27.83 3.53 20.75
N ILE C 139 -27.51 2.33 20.33
CA ILE C 139 -28.37 1.48 19.51
C ILE C 139 -28.58 0.11 20.19
N GLY C 140 -29.70 -0.51 19.86
CA GLY C 140 -30.07 -1.75 20.46
C GLY C 140 -31.28 -2.33 19.75
N SER C 141 -31.92 -3.29 20.42
CA SER C 141 -32.98 -4.06 19.78
C SER C 141 -34.21 -3.20 19.46
N SER C 142 -34.33 -2.01 20.03
CA SER C 142 -35.50 -1.21 19.66
C SER C 142 -35.13 0.10 18.92
N THR C 143 -33.86 0.26 18.42
CA THR C 143 -33.52 1.47 17.64
C THR C 143 -33.55 1.16 16.15
N LEU C 144 -33.83 2.18 15.35
CA LEU C 144 -33.59 2.15 13.91
C LEU C 144 -32.54 3.17 13.63
N PRO C 145 -31.33 2.74 13.24
CA PRO C 145 -30.92 1.37 12.86
C PRO C 145 -30.73 0.45 14.09
N VAL C 146 -30.72 -0.88 13.86
CA VAL C 146 -30.83 -1.87 14.92
C VAL C 146 -29.45 -2.20 15.49
N GLY C 147 -29.34 -2.12 16.85
CA GLY C 147 -28.19 -2.59 17.57
C GLY C 147 -28.44 -4.00 18.11
N ASN C 148 -27.39 -4.74 18.38
CA ASN C 148 -27.59 -6.00 19.08
C ASN C 148 -27.33 -5.78 20.57
N ASP C 149 -28.22 -6.36 21.38
CA ASP C 149 -28.20 -6.10 22.82
C ASP C 149 -27.11 -6.89 23.53
N ALA C 150 -26.69 -8.01 22.93
CA ALA C 150 -25.69 -8.88 23.54
C ALA C 150 -25.09 -9.65 22.39
N GLY C 151 -23.89 -10.20 22.64
CA GLY C 151 -23.22 -11.05 21.68
C GLY C 151 -22.16 -10.32 20.90
N THR C 152 -22.40 -10.28 19.60
CA THR C 152 -21.50 -9.86 18.53
C THR C 152 -22.16 -8.77 17.64
N ALA C 153 -21.34 -7.86 17.09
CA ALA C 153 -21.77 -6.99 15.98
C ALA C 153 -22.04 -7.81 14.71
N PHE C 154 -22.91 -7.27 13.82
CA PHE C 154 -23.07 -7.84 12.47
C PHE C 154 -21.72 -8.21 11.84
N MET C 155 -21.68 -9.42 11.30
CA MET C 155 -20.49 -10.00 10.66
C MET C 155 -19.30 -10.14 11.63
N GLY C 156 -19.54 -10.20 12.95
CA GLY C 156 -18.48 -10.44 13.91
C GLY C 156 -18.11 -11.92 14.05
N SER C 157 -16.84 -12.16 14.41
CA SER C 157 -16.36 -13.51 14.71
C SER C 157 -16.57 -13.87 16.21
N ASP C 158 -16.83 -15.15 16.52
CA ASP C 158 -16.99 -15.54 17.92
C ASP C 158 -16.48 -16.97 18.12
N ASN C 159 -16.08 -17.32 19.37
CA ASN C 159 -15.88 -18.73 19.81
C ASN C 159 -16.78 -18.92 21.05
N ALA C 160 -18.11 -18.90 20.84
CA ALA C 160 -19.05 -18.76 21.96
C ALA C 160 -19.05 -19.97 22.92
N ASN C 161 -18.75 -21.15 22.43
CA ASN C 161 -18.63 -22.38 23.18
C ASN C 161 -17.35 -22.46 24.07
N VAL C 162 -16.49 -21.46 24.17
CA VAL C 162 -15.29 -21.50 25.02
C VAL C 162 -15.63 -20.86 26.37
N PRO C 163 -15.52 -21.57 27.49
CA PRO C 163 -16.07 -21.04 28.76
C PRO C 163 -15.53 -19.67 29.13
N ALA C 164 -14.22 -19.49 28.93
CA ALA C 164 -13.57 -18.23 29.29
C ALA C 164 -14.13 -17.08 28.44
N VAL C 165 -14.44 -17.34 27.17
CA VAL C 165 -15.08 -16.32 26.35
C VAL C 165 -16.46 -15.97 26.90
N ALA C 166 -17.26 -16.98 27.23
CA ALA C 166 -18.59 -16.79 27.82
C ALA C 166 -18.51 -15.91 29.05
N GLU C 167 -17.50 -16.15 29.88
CA GLU C 167 -17.38 -15.47 31.17
C GLU C 167 -16.91 -14.03 30.98
N ALA C 168 -15.90 -13.82 30.15
CA ALA C 168 -15.39 -12.47 29.92
C ALA C 168 -16.42 -11.58 29.28
N LYS C 169 -17.37 -12.17 28.53
CA LYS C 169 -18.41 -11.36 27.91
C LYS C 169 -19.26 -10.67 28.95
N LYS C 170 -19.51 -11.36 30.08
CA LYS C 170 -20.37 -10.85 31.14
C LYS C 170 -19.87 -9.51 31.68
N HIS C 171 -18.57 -9.30 31.70
CA HIS C 171 -18.03 -8.10 32.32
C HIS C 171 -17.33 -7.20 31.32
N ALA C 172 -17.42 -7.49 30.02
CA ALA C 172 -16.79 -6.65 29.01
C ALA C 172 -17.40 -5.23 29.01
N ARG C 173 -16.54 -4.25 28.71
CA ARG C 173 -17.02 -2.88 28.63
C ARG C 173 -18.20 -2.81 27.65
N ARG C 174 -19.19 -2.05 28.00
CA ARG C 174 -20.34 -1.94 27.16
C ARG C 174 -19.97 -1.19 25.88
N GLN C 175 -20.46 -1.67 24.75
CA GLN C 175 -20.31 -0.94 23.51
C GLN C 175 -21.49 -1.18 22.55
N ASN C 176 -21.81 -0.17 21.77
CA ASN C 176 -22.80 -0.37 20.71
C ASN C 176 -22.31 -1.46 19.75
N LEU C 177 -23.19 -2.45 19.49
CA LEU C 177 -22.93 -3.57 18.56
C LEU C 177 -23.85 -3.39 17.39
N PRO C 178 -23.41 -2.76 16.29
CA PRO C 178 -24.33 -2.54 15.16
C PRO C 178 -24.79 -3.86 14.60
N ASN C 179 -26.13 -4.01 14.42
CA ASN C 179 -26.60 -5.07 13.54
C ASN C 179 -26.62 -4.63 12.02
N PHE C 180 -25.61 -3.85 11.57
CA PHE C 180 -25.53 -3.30 10.21
C PHE C 180 -24.06 -3.08 9.93
N ASP C 181 -23.72 -3.07 8.65
CA ASP C 181 -22.33 -3.07 8.20
C ASP C 181 -21.83 -1.65 7.91
N PHE C 182 -21.93 -0.73 8.90
CA PHE C 182 -21.28 0.59 8.84
C PHE C 182 -21.17 1.12 10.26
N PHE C 183 -20.21 2.00 10.43
CA PHE C 183 -19.72 2.37 11.74
C PHE C 183 -20.76 3.31 12.34
N ASN C 184 -20.93 3.21 13.64
CA ASN C 184 -21.99 3.95 14.35
C ASN C 184 -21.60 5.39 14.64
N PHE C 185 -21.32 6.19 13.59
CA PHE C 185 -20.93 7.61 13.79
C PHE C 185 -22.05 8.39 14.42
N ALA C 186 -21.71 9.18 15.45
CA ALA C 186 -22.71 9.88 16.23
C ALA C 186 -22.40 11.36 16.32
N GLY C 187 -23.38 12.15 16.83
CA GLY C 187 -23.26 13.57 17.15
C GLY C 187 -24.06 14.50 16.21
N LEU C 188 -23.59 15.75 16.12
CA LEU C 188 -24.30 16.76 15.35
C LEU C 188 -23.83 16.65 13.90
N ASN C 189 -24.40 15.66 13.23
CA ASN C 189 -23.92 15.29 11.92
C ASN C 189 -24.30 16.28 10.84
N ARG C 190 -25.28 17.15 11.09
CA ARG C 190 -25.74 18.08 10.07
C ARG C 190 -25.92 19.45 10.72
N HIS C 191 -26.18 20.45 9.90
CA HIS C 191 -26.17 21.82 10.36
C HIS C 191 -27.16 22.07 11.50
N VAL C 192 -26.86 23.11 12.28
CA VAL C 192 -27.75 23.67 13.29
C VAL C 192 -27.95 25.13 12.91
N GLU C 193 -29.21 25.60 12.93
CA GLU C 193 -29.56 26.97 12.56
C GLU C 193 -30.83 27.48 13.28
N LEU C 194 -30.75 28.71 13.65
CA LEU C 194 -31.88 29.49 14.12
C LEU C 194 -32.48 30.12 12.89
N TYR C 195 -33.81 30.10 12.75
CA TYR C 195 -34.40 30.86 11.66
C TYR C 195 -35.69 31.58 12.05
N THR C 196 -36.11 32.53 11.21
CA THR C 196 -37.31 33.34 11.50
C THR C 196 -38.42 33.15 10.49
N THR C 197 -39.66 33.31 10.96
CA THR C 197 -40.81 33.53 10.09
C THR C 197 -41.73 34.59 10.72
N PRO C 198 -42.65 35.15 9.93
CA PRO C 198 -43.71 35.98 10.55
C PRO C 198 -44.41 35.14 11.61
N ALA C 199 -44.84 35.80 12.69
CA ALA C 199 -45.52 35.12 13.79
C ALA C 199 -47.02 34.91 13.51
N ASP C 200 -47.68 35.88 12.89
CA ASP C 200 -49.15 35.83 12.74
C ASP C 200 -49.63 34.69 11.86
N ALA C 201 -49.12 34.63 10.65
CA ALA C 201 -49.45 33.55 9.74
C ALA C 201 -48.18 33.28 8.95
N TYR C 202 -47.94 32.01 8.59
CA TYR C 202 -46.70 31.75 7.90
C TYR C 202 -46.87 30.46 7.09
N ILE C 203 -46.01 30.33 6.05
CA ILE C 203 -45.94 29.10 5.26
C ILE C 203 -45.24 28.00 6.07
N ALA C 204 -45.92 26.87 6.25
CA ALA C 204 -45.42 25.74 7.00
C ALA C 204 -45.00 24.59 6.11
N ASP C 205 -45.61 24.49 4.93
CA ASP C 205 -45.30 23.37 4.08
C ASP C 205 -45.76 23.70 2.67
N ILE C 206 -45.01 23.18 1.69
CA ILE C 206 -45.41 23.13 0.29
C ILE C 206 -45.16 21.74 -0.29
N ALA C 207 -46.11 21.22 -1.10
CA ALA C 207 -45.89 20.04 -1.93
C ALA C 207 -46.33 20.34 -3.35
N ILE C 208 -45.44 20.05 -4.26
CA ILE C 208 -45.63 20.13 -5.69
C ILE C 208 -45.54 18.71 -6.25
N THR C 209 -46.44 18.39 -7.16
CA THR C 209 -46.53 17.09 -7.81
C THR C 209 -46.67 17.34 -9.30
N THR C 210 -46.21 16.38 -10.10
CA THR C 210 -46.55 16.31 -11.53
C THR C 210 -47.77 15.38 -11.66
N GLU C 211 -48.95 15.92 -11.93
CA GLU C 211 -50.14 15.06 -12.09
C GLU C 211 -50.19 14.38 -13.46
N ARG C 212 -49.95 15.12 -14.53
CA ARG C 212 -50.14 14.56 -15.86
C ARG C 212 -49.24 15.23 -16.90
N LEU C 213 -48.78 14.42 -17.85
CA LEU C 213 -48.07 14.92 -19.02
C LEU C 213 -48.80 14.49 -20.31
N ASP C 214 -49.01 15.44 -21.22
CA ASP C 214 -49.65 15.23 -22.54
C ASP C 214 -48.60 15.39 -23.62
N HIS C 215 -48.50 14.38 -24.49
CA HIS C 215 -47.65 14.49 -25.66
C HIS C 215 -46.21 14.82 -25.24
N ILE C 216 -45.60 13.83 -24.60
CA ILE C 216 -44.20 13.97 -24.27
C ILE C 216 -43.41 13.84 -25.56
N ALA C 217 -42.42 14.70 -25.75
CA ALA C 217 -41.52 14.62 -26.90
C ALA C 217 -40.74 13.31 -27.00
N GLY C 218 -40.36 12.92 -28.22
CA GLY C 218 -39.62 11.68 -28.40
C GLY C 218 -38.33 11.63 -27.61
N ASP C 219 -37.69 12.79 -27.41
CA ASP C 219 -36.46 12.86 -26.61
C ASP C 219 -36.68 13.12 -25.14
N ALA C 220 -37.93 13.12 -24.66
CA ALA C 220 -38.35 13.45 -23.29
C ALA C 220 -37.97 14.85 -22.78
N CYS C 221 -37.54 15.81 -23.62
CA CYS C 221 -37.08 17.08 -23.04
C CYS C 221 -38.23 18.03 -22.73
N THR C 222 -39.38 17.84 -23.34
CA THR C 222 -40.51 18.73 -23.17
C THR C 222 -41.76 17.87 -23.25
N ALA C 223 -42.86 18.39 -22.74
CA ALA C 223 -44.22 17.86 -22.93
C ALA C 223 -45.07 18.97 -23.54
N ALA C 224 -45.96 18.63 -24.51
CA ALA C 224 -46.87 19.65 -25.02
C ALA C 224 -47.63 20.36 -23.89
N ASN C 225 -48.05 19.60 -22.86
CA ASN C 225 -48.73 20.20 -21.71
C ASN C 225 -48.36 19.40 -20.48
N ALA C 226 -48.23 20.07 -19.34
CA ALA C 226 -47.92 19.44 -18.06
C ALA C 226 -48.92 19.93 -17.05
N LEU C 227 -49.53 19.02 -16.31
CA LEU C 227 -50.42 19.43 -15.23
C LEU C 227 -49.71 19.18 -13.89
N ILE C 228 -49.50 20.27 -13.11
CA ILE C 228 -48.96 20.18 -11.76
C ILE C 228 -49.97 20.59 -10.67
N ALA C 229 -49.76 20.06 -9.46
CA ALA C 229 -50.59 20.35 -8.30
C ALA C 229 -49.73 21.00 -7.25
N TYR C 230 -50.32 21.97 -6.54
CA TYR C 230 -49.70 22.56 -5.36
C TYR C 230 -50.57 22.36 -4.13
N ASP C 231 -49.93 22.55 -3.00
CA ASP C 231 -50.55 22.28 -1.73
C ASP C 231 -49.73 23.07 -0.72
N VAL C 232 -50.25 24.21 -0.26
CA VAL C 232 -49.53 25.05 0.65
C VAL C 232 -50.27 24.99 1.97
N THR C 233 -49.58 24.58 3.04
CA THR C 233 -50.07 24.63 4.42
C THR C 233 -49.49 25.84 5.16
N PHE C 234 -50.24 26.35 6.14
CA PHE C 234 -49.84 27.51 6.93
C PHE C 234 -50.09 27.25 8.42
N GLY C 235 -49.33 27.90 9.29
CA GLY C 235 -49.64 27.98 10.68
C GLY C 235 -49.81 29.44 11.00
N GLY C 236 -50.02 29.72 12.30
CA GLY C 236 -50.47 31.01 12.80
C GLY C 236 -52.00 31.07 13.00
N ASP C 237 -52.46 32.20 13.60
CA ASP C 237 -53.88 32.45 14.09
C ASP C 237 -54.31 31.59 15.28
N GLY C 276 -60.84 34.45 4.33
CA GLY C 276 -60.64 35.66 3.53
C GLY C 276 -59.19 36.08 3.25
N ARG C 277 -58.30 35.09 3.18
CA ARG C 277 -56.89 35.31 2.89
C ARG C 277 -56.48 34.49 1.70
N GLN C 278 -55.41 34.95 1.05
CA GLN C 278 -54.93 34.39 -0.19
C GLN C 278 -53.42 34.19 -0.19
N VAL C 279 -52.98 33.26 -1.02
CA VAL C 279 -51.59 33.05 -1.32
C VAL C 279 -51.42 33.10 -2.83
N ARG C 280 -50.43 33.85 -3.28
CA ARG C 280 -50.05 33.90 -4.68
C ARG C 280 -48.97 32.84 -4.97
N ILE C 281 -49.18 32.08 -6.02
CA ILE C 281 -48.24 31.06 -6.40
C ILE C 281 -47.76 31.35 -7.81
N SER C 282 -46.46 31.67 -7.94
CA SER C 282 -45.86 31.93 -9.23
C SER C 282 -44.94 30.80 -9.52
N ILE C 283 -44.96 30.39 -10.77
CA ILE C 283 -44.12 29.33 -11.28
C ILE C 283 -43.04 29.99 -12.14
N LEU C 284 -41.76 29.80 -11.74
CA LEU C 284 -40.61 30.40 -12.42
C LEU C 284 -39.85 29.33 -13.16
N ASP C 285 -39.45 29.60 -14.41
CA ASP C 285 -38.62 28.66 -15.14
C ASP C 285 -37.11 28.84 -14.81
N GLY C 286 -36.23 28.17 -15.57
CA GLY C 286 -34.80 28.22 -15.28
C GLY C 286 -34.18 29.60 -15.42
N GLU C 287 -34.83 30.53 -16.13
CA GLU C 287 -34.30 31.88 -16.29
C GLU C 287 -34.97 32.86 -15.32
N GLY C 288 -35.85 32.38 -14.45
CA GLY C 288 -36.65 33.18 -13.52
C GLY C 288 -37.88 33.84 -14.10
N THR C 289 -38.31 33.48 -15.29
CA THR C 289 -39.46 34.13 -15.92
C THR C 289 -40.72 33.49 -15.38
N VAL C 290 -41.64 34.27 -14.82
CA VAL C 290 -42.94 33.68 -14.43
C VAL C 290 -43.64 33.15 -15.67
N VAL C 291 -43.87 31.83 -15.74
CA VAL C 291 -44.59 31.24 -16.85
C VAL C 291 -46.02 30.85 -16.50
N ALA C 292 -46.42 30.98 -15.23
CA ALA C 292 -47.74 30.53 -14.78
C ALA C 292 -47.89 31.10 -13.38
N GLY C 293 -49.12 31.24 -12.96
CA GLY C 293 -49.37 31.97 -11.75
C GLY C 293 -50.80 31.76 -11.34
N VAL C 294 -51.11 31.91 -10.06
CA VAL C 294 -52.50 31.85 -9.64
C VAL C 294 -52.52 32.41 -8.23
N THR C 295 -53.61 33.09 -7.88
CA THR C 295 -53.86 33.45 -6.49
C THR C 295 -54.95 32.52 -6.00
N ALA C 296 -54.73 31.91 -4.84
CA ALA C 296 -55.62 30.88 -4.35
C ALA C 296 -56.14 31.22 -2.95
N ASP C 297 -57.35 30.76 -2.65
CA ASP C 297 -57.92 31.03 -1.33
C ASP C 297 -57.33 30.05 -0.32
N ILE C 298 -57.04 30.58 0.86
CA ILE C 298 -56.63 29.78 2.01
C ILE C 298 -57.89 29.39 2.81
N GLU C 299 -58.09 28.08 3.00
CA GLU C 299 -59.24 27.55 3.72
C GLU C 299 -58.78 26.77 4.93
N ARG C 300 -59.61 26.78 5.98
CA ARG C 300 -59.25 26.15 7.25
C ARG C 300 -59.84 24.70 7.38
N THR C 305 -56.98 24.04 10.48
CA THR C 305 -55.74 23.68 9.75
C THR C 305 -55.62 24.28 8.31
N ALA C 306 -54.85 25.35 8.16
CA ALA C 306 -55.05 26.24 7.03
C ALA C 306 -54.30 25.73 5.80
N LYS C 307 -54.98 25.70 4.66
CA LYS C 307 -54.47 25.06 3.47
C LYS C 307 -54.96 25.78 2.20
N ALA C 308 -54.05 25.96 1.22
CA ALA C 308 -54.41 26.35 -0.14
C ALA C 308 -53.94 25.28 -1.10
N SER C 309 -54.73 24.97 -2.13
CA SER C 309 -54.31 23.87 -2.97
C SER C 309 -55.10 23.89 -4.27
N GLY C 310 -54.47 23.46 -5.37
CA GLY C 310 -55.02 23.61 -6.73
C GLY C 310 -54.09 23.05 -7.80
N GLU C 311 -54.46 23.27 -9.07
CA GLU C 311 -53.64 22.80 -10.18
C GLU C 311 -53.28 23.92 -11.15
N ILE C 312 -52.19 23.73 -11.87
CA ILE C 312 -51.66 24.69 -12.84
C ILE C 312 -51.18 23.92 -14.04
N ALA C 313 -51.62 24.35 -15.22
CA ALA C 313 -51.17 23.84 -16.51
C ALA C 313 -50.01 24.64 -17.08
N ILE C 314 -49.06 23.95 -17.69
CA ILE C 314 -47.91 24.58 -18.31
C ILE C 314 -47.75 23.94 -19.69
N ARG C 315 -47.87 24.74 -20.75
CA ARG C 315 -47.58 24.25 -22.09
C ARG C 315 -46.10 24.29 -22.39
N ASP C 316 -45.66 23.37 -23.23
CA ASP C 316 -44.25 23.29 -23.60
C ASP C 316 -43.39 23.22 -22.36
N ALA C 317 -43.81 22.42 -21.36
CA ALA C 317 -43.09 22.35 -20.09
C ALA C 317 -41.71 21.68 -20.32
N LYS C 318 -40.65 22.14 -19.67
CA LYS C 318 -39.34 21.46 -19.85
C LYS C 318 -39.15 20.41 -18.75
N LEU C 319 -39.04 19.13 -19.14
CA LEU C 319 -39.03 18.03 -18.16
C LEU C 319 -37.67 17.81 -17.52
N TRP C 320 -37.70 17.31 -16.29
CA TRP C 320 -36.52 16.85 -15.58
C TRP C 320 -36.24 15.41 -16.02
N ASN C 321 -34.99 15.12 -16.46
CA ASN C 321 -34.61 13.74 -16.79
C ASN C 321 -33.29 13.38 -16.17
N PRO C 322 -33.03 12.09 -15.92
CA PRO C 322 -31.65 11.69 -15.64
C PRO C 322 -30.75 12.25 -16.72
N GLY C 323 -29.62 12.80 -16.33
CA GLY C 323 -28.76 13.21 -17.40
C GLY C 323 -29.16 14.54 -18.04
N ALA C 324 -30.36 15.08 -17.74
CA ALA C 324 -30.70 16.37 -18.32
C ALA C 324 -31.66 17.07 -17.36
N ALA C 325 -31.14 17.57 -16.24
CA ALA C 325 -32.00 18.19 -15.27
C ALA C 325 -32.61 19.47 -15.84
N TYR C 326 -33.82 19.76 -15.41
CA TYR C 326 -34.43 21.08 -15.62
C TYR C 326 -35.24 21.37 -14.37
N LEU C 327 -35.07 22.56 -13.79
CA LEU C 327 -35.78 22.90 -12.58
C LEU C 327 -36.56 24.21 -12.74
N TYR C 328 -37.78 24.20 -12.19
CA TYR C 328 -38.63 25.33 -11.95
C TYR C 328 -38.54 25.68 -10.50
N THR C 329 -39.10 26.83 -10.16
CA THR C 329 -39.31 27.25 -8.80
C THR C 329 -40.78 27.64 -8.63
N ALA C 330 -41.39 27.16 -7.55
CA ALA C 330 -42.73 27.61 -7.15
C ALA C 330 -42.58 28.60 -6.02
N VAL C 331 -42.86 29.87 -6.28
CA VAL C 331 -42.80 30.90 -5.25
C VAL C 331 -44.19 31.06 -4.63
N ALA C 332 -44.29 30.79 -3.33
CA ALA C 332 -45.53 31.04 -2.62
C ALA C 332 -45.38 32.34 -1.82
N GLU C 333 -46.33 33.27 -2.02
CA GLU C 333 -46.34 34.57 -1.35
C GLU C 333 -47.65 34.70 -0.60
N LEU C 334 -47.56 34.81 0.70
CA LEU C 334 -48.74 34.99 1.52
C LEU C 334 -49.14 36.45 1.42
N LEU C 335 -50.48 36.68 1.06
CA LEU C 335 -50.91 38.05 0.82
C LEU C 335 -51.59 38.62 2.07
N PRO C 336 -51.52 39.94 2.32
CA PRO C 336 -52.45 40.54 3.30
C PRO C 336 -53.87 40.62 2.75
N SER C 344 -50.40 45.85 -1.61
CA SER C 344 -49.20 45.57 -2.43
C SER C 344 -48.01 44.83 -1.72
N ARG C 345 -48.05 44.70 -0.40
CA ARG C 345 -46.94 44.11 0.33
C ARG C 345 -47.21 42.62 0.61
N ILE C 346 -46.19 41.91 1.06
CA ILE C 346 -46.21 40.45 1.13
C ILE C 346 -45.96 40.04 2.57
N ILE C 347 -46.81 39.20 3.12
CA ILE C 347 -46.62 38.83 4.53
C ILE C 347 -45.48 37.83 4.69
N ASP C 348 -45.46 36.80 3.84
CA ASP C 348 -44.51 35.68 3.94
C ASP C 348 -44.25 35.14 2.55
N ALA C 349 -43.11 34.50 2.40
CA ALA C 349 -42.76 33.92 1.11
C ALA C 349 -41.86 32.69 1.31
N TYR C 350 -41.90 31.79 0.31
CA TYR C 350 -41.01 30.63 0.31
C TYR C 350 -40.83 30.23 -1.13
N ARG C 351 -39.58 29.98 -1.53
CA ARG C 351 -39.29 29.51 -2.89
C ARG C 351 -38.93 28.01 -2.88
N GLN C 352 -39.76 27.21 -3.50
CA GLN C 352 -39.63 25.76 -3.52
C GLN C 352 -39.17 25.29 -4.92
N THR C 353 -37.98 24.73 -4.98
CA THR C 353 -37.54 24.20 -6.27
C THR C 353 -38.33 22.96 -6.61
N PHE C 354 -38.57 22.73 -7.90
CA PHE C 354 -39.15 21.45 -8.28
C PHE C 354 -38.76 21.11 -9.72
N GLY C 355 -39.10 19.91 -10.14
CA GLY C 355 -38.96 19.55 -11.54
C GLY C 355 -40.14 18.77 -12.04
N ILE C 356 -40.37 18.84 -13.33
CA ILE C 356 -41.60 18.28 -13.92
C ILE C 356 -41.23 16.96 -14.58
N ARG C 357 -41.66 15.83 -14.02
CA ARG C 357 -41.38 14.50 -14.59
C ARG C 357 -42.34 13.50 -13.97
N THR C 358 -42.68 12.46 -14.69
CA THR C 358 -43.51 11.41 -14.10
C THR C 358 -42.72 10.14 -13.92
N VAL C 359 -43.16 9.30 -12.97
CA VAL C 359 -42.47 8.03 -12.68
C VAL C 359 -43.54 6.96 -12.62
N GLU C 360 -43.32 5.85 -13.32
CA GLU C 360 -44.36 4.85 -13.32
C GLU C 360 -43.76 3.47 -13.59
N VAL C 361 -44.08 2.51 -12.72
CA VAL C 361 -43.78 1.13 -13.04
C VAL C 361 -44.85 0.58 -13.97
N SER C 362 -44.43 -0.01 -15.09
CA SER C 362 -45.43 -0.63 -15.97
C SER C 362 -44.92 -2.02 -16.35
N GLY C 363 -45.58 -3.07 -15.84
CA GLY C 363 -45.08 -4.41 -16.09
C GLY C 363 -43.66 -4.54 -15.56
N THR C 364 -42.73 -4.91 -16.46
CA THR C 364 -41.32 -5.06 -16.13
C THR C 364 -40.50 -3.85 -16.55
N THR C 365 -41.14 -2.68 -16.67
CA THR C 365 -40.39 -1.48 -17.01
C THR C 365 -40.60 -0.41 -15.94
N PHE C 366 -39.57 0.48 -15.83
CA PHE C 366 -39.58 1.61 -14.92
C PHE C 366 -39.56 2.84 -15.82
N LEU C 367 -40.70 3.49 -15.94
CA LEU C 367 -40.87 4.54 -16.93
C LEU C 367 -40.60 5.90 -16.30
N ILE C 368 -39.66 6.66 -16.87
CA ILE C 368 -39.50 8.05 -16.47
C ILE C 368 -39.91 8.89 -17.66
N ASN C 369 -40.86 9.79 -17.43
CA ASN C 369 -41.52 10.52 -18.52
C ASN C 369 -41.83 9.61 -19.68
N GLY C 370 -42.41 8.42 -19.33
CA GLY C 370 -42.86 7.43 -20.31
C GLY C 370 -41.78 6.68 -21.05
N LYS C 371 -40.53 6.81 -20.67
CA LYS C 371 -39.41 6.13 -21.25
C LYS C 371 -38.84 5.02 -20.35
N PRO C 372 -38.39 3.91 -20.92
CA PRO C 372 -37.90 2.81 -20.11
C PRO C 372 -36.50 3.10 -19.60
N PHE C 373 -36.41 3.41 -18.30
CA PHE C 373 -35.15 3.80 -17.68
C PHE C 373 -34.31 2.57 -17.27
N TYR C 374 -32.99 2.76 -17.20
CA TYR C 374 -32.09 1.72 -16.72
C TYR C 374 -31.20 2.34 -15.63
N PHE C 375 -31.24 1.84 -14.40
CA PHE C 375 -30.39 2.38 -13.32
C PHE C 375 -28.93 1.94 -13.53
N LYS C 376 -28.02 2.89 -13.44
CA LYS C 376 -26.58 2.64 -13.41
C LYS C 376 -25.99 3.39 -12.21
N GLY C 377 -25.41 2.66 -11.29
CA GLY C 377 -25.01 3.33 -10.04
C GLY C 377 -24.61 2.35 -8.96
N PHE C 378 -24.92 2.74 -7.71
CA PHE C 378 -24.35 2.05 -6.56
C PHE C 378 -25.09 2.54 -5.33
N GLY C 379 -24.84 1.85 -4.19
CA GLY C 379 -25.17 2.43 -2.90
C GLY C 379 -23.99 3.28 -2.49
N LYS C 380 -24.28 4.35 -1.79
CA LYS C 380 -23.31 5.26 -1.25
C LYS C 380 -23.30 5.05 0.26
N HIS C 381 -22.45 5.82 0.93
CA HIS C 381 -22.57 6.13 2.36
C HIS C 381 -22.22 7.58 2.49
N GLU C 382 -22.76 8.23 3.50
CA GLU C 382 -22.19 9.48 3.91
C GLU C 382 -21.08 9.10 4.88
N ASP C 383 -19.86 9.17 4.40
CA ASP C 383 -18.72 8.61 5.12
C ASP C 383 -17.46 9.26 4.57
N SER C 384 -16.60 9.79 5.45
CA SER C 384 -15.33 10.33 4.95
C SER C 384 -14.39 10.36 6.12
N TYR C 385 -13.09 10.57 5.81
CA TYR C 385 -12.00 10.53 6.80
C TYR C 385 -12.16 11.42 8.04
N PHE C 386 -12.63 12.59 7.94
CA PHE C 386 -12.52 13.16 9.35
C PHE C 386 -13.87 13.55 9.94
N HIS C 387 -14.83 13.73 9.05
CA HIS C 387 -16.21 14.09 9.29
C HIS C 387 -17.04 12.90 9.76
N GLY C 388 -16.59 11.62 9.44
CA GLY C 388 -17.37 10.44 9.73
C GLY C 388 -18.67 10.54 8.88
N ARG C 389 -19.85 10.58 9.49
CA ARG C 389 -21.14 10.75 8.81
C ARG C 389 -21.47 12.25 8.64
N GLY C 390 -20.52 13.13 8.98
CA GLY C 390 -20.80 14.58 8.99
C GLY C 390 -21.01 15.04 7.55
N THR C 391 -22.00 15.92 7.36
CA THR C 391 -22.24 16.45 6.02
C THR C 391 -21.05 17.33 5.60
N ASP C 392 -20.65 17.20 4.33
CA ASP C 392 -19.56 17.94 3.75
C ASP C 392 -19.98 18.27 2.33
N ASP C 393 -20.26 19.52 2.04
CA ASP C 393 -20.69 19.80 0.67
C ASP C 393 -19.57 19.78 -0.35
N VAL C 394 -18.28 19.96 0.07
CA VAL C 394 -17.18 19.76 -0.85
C VAL C 394 -17.17 18.35 -1.34
N LEU C 395 -17.37 17.40 -0.41
CA LEU C 395 -17.39 15.99 -0.80
C LEU C 395 -18.63 15.69 -1.64
N ASN C 396 -19.78 16.30 -1.35
CA ASN C 396 -20.97 15.95 -2.12
C ASN C 396 -20.83 16.42 -3.56
N VAL C 397 -20.24 17.59 -3.74
CA VAL C 397 -20.00 18.15 -5.06
C VAL C 397 -19.02 17.28 -5.83
N LYS C 398 -17.92 16.85 -5.19
CA LYS C 398 -16.94 16.00 -5.82
C LYS C 398 -17.57 14.69 -6.24
N ASP C 399 -18.28 14.03 -5.30
CA ASP C 399 -18.95 12.75 -5.54
C ASP C 399 -19.92 12.83 -6.71
N VAL C 400 -20.62 13.95 -6.83
CA VAL C 400 -21.57 14.07 -7.96
C VAL C 400 -20.82 14.21 -9.28
N SER C 401 -19.66 14.90 -9.28
CA SER C 401 -18.88 14.91 -10.51
C SER C 401 -18.28 13.54 -10.81
N LEU C 402 -17.97 12.80 -9.76
CA LEU C 402 -17.47 11.42 -9.93
C LEU C 402 -18.56 10.51 -10.50
N ILE C 403 -19.79 10.73 -10.08
CA ILE C 403 -20.90 9.99 -10.65
C ILE C 403 -20.98 10.24 -12.16
N HIS C 404 -20.93 11.51 -12.58
CA HIS C 404 -20.80 11.83 -14.01
C HIS C 404 -19.56 11.22 -14.66
N TRP C 405 -18.40 11.36 -14.04
CA TRP C 405 -17.20 10.79 -14.64
C TRP C 405 -17.40 9.31 -14.91
N LEU C 406 -18.11 8.63 -14.00
CA LEU C 406 -18.34 7.21 -14.23
C LEU C 406 -19.44 6.93 -15.29
N HIS C 407 -20.21 7.93 -15.74
CA HIS C 407 -21.42 7.69 -16.55
C HIS C 407 -22.50 6.86 -15.84
N ALA C 408 -22.49 6.87 -14.52
CA ALA C 408 -23.60 6.39 -13.69
C ALA C 408 -24.69 7.41 -13.77
N ASN C 409 -25.91 6.98 -13.44
CA ASN C 409 -27.04 7.91 -13.43
C ASN C 409 -27.86 7.94 -12.13
N SER C 410 -27.46 7.18 -11.09
CA SER C 410 -28.32 7.02 -9.91
C SER C 410 -27.54 6.49 -8.72
N PHE C 411 -28.08 6.67 -7.54
CA PHE C 411 -27.61 5.93 -6.38
C PHE C 411 -28.78 5.75 -5.44
N ARG C 412 -28.56 4.93 -4.40
CA ARG C 412 -29.47 4.78 -3.26
C ARG C 412 -28.86 5.40 -1.99
N THR C 413 -29.71 6.02 -1.13
CA THR C 413 -29.26 6.56 0.16
C THR C 413 -29.10 5.45 1.21
N SER C 414 -28.29 4.45 0.89
CA SER C 414 -28.02 3.41 1.90
C SER C 414 -27.27 4.09 3.13
N HIS C 415 -27.69 3.89 4.38
CA HIS C 415 -28.98 3.22 4.71
C HIS C 415 -29.70 4.13 5.65
N TYR C 416 -29.96 5.38 5.23
CA TYR C 416 -30.56 6.42 6.08
C TYR C 416 -30.74 7.62 5.17
N PRO C 417 -31.71 8.50 5.43
CA PRO C 417 -31.83 9.72 4.59
C PRO C 417 -30.52 10.48 4.62
N TYR C 418 -30.06 10.91 3.45
CA TYR C 418 -28.87 11.76 3.39
C TYR C 418 -29.17 13.21 3.76
N ALA C 419 -28.10 13.99 3.83
CA ALA C 419 -28.26 15.43 4.05
C ALA C 419 -29.09 16.07 2.95
N GLU C 420 -29.96 17.03 3.31
CA GLU C 420 -30.81 17.69 2.31
C GLU C 420 -30.02 18.32 1.14
N SER C 421 -28.90 19.01 1.41
CA SER C 421 -28.13 19.62 0.33
C SER C 421 -27.82 18.64 -0.80
N MET C 422 -27.63 17.34 -0.48
CA MET C 422 -27.28 16.38 -1.53
C MET C 422 -28.44 16.11 -2.47
N TYR C 423 -29.69 16.14 -1.98
CA TYR C 423 -30.80 15.95 -2.93
C TYR C 423 -30.97 17.17 -3.83
N ASP C 424 -30.75 18.38 -3.28
CA ASP C 424 -30.76 19.60 -4.11
C ASP C 424 -29.70 19.53 -5.22
N LEU C 425 -28.52 19.07 -4.87
CA LEU C 425 -27.43 18.91 -5.84
C LEU C 425 -27.81 17.92 -6.93
N CYS C 426 -28.42 16.81 -6.56
CA CYS C 426 -28.81 15.80 -7.52
C CYS C 426 -29.98 16.28 -8.38
N ASP C 427 -30.87 17.07 -7.80
CA ASP C 427 -31.87 17.77 -8.61
C ASP C 427 -31.21 18.61 -9.74
N ARG C 428 -30.19 19.40 -9.36
CA ARG C 428 -29.64 20.22 -10.42
C ARG C 428 -28.67 19.43 -11.26
N GLU C 429 -28.26 18.24 -10.84
CA GLU C 429 -27.29 17.54 -11.68
C GLU C 429 -27.90 16.36 -12.45
N GLY C 430 -29.21 16.15 -12.37
CA GLY C 430 -29.78 15.06 -13.18
C GLY C 430 -29.35 13.65 -12.75
N ILE C 431 -29.31 13.40 -11.44
CA ILE C 431 -28.93 12.14 -10.84
C ILE C 431 -30.13 11.64 -10.01
N VAL C 432 -30.64 10.52 -10.36
CA VAL C 432 -31.82 9.88 -9.75
C VAL C 432 -31.42 9.22 -8.42
N ILE C 433 -32.34 9.22 -7.46
CA ILE C 433 -32.07 8.72 -6.10
C ILE C 433 -33.18 7.76 -5.66
N ILE C 434 -32.80 6.63 -5.07
CA ILE C 434 -33.70 5.85 -4.24
C ILE C 434 -33.49 6.28 -2.78
N ASP C 435 -34.55 6.80 -2.17
CA ASP C 435 -34.44 7.39 -0.84
C ASP C 435 -34.87 6.32 0.20
N GLU C 436 -34.00 6.06 1.19
CA GLU C 436 -34.12 4.89 2.07
C GLU C 436 -34.09 5.28 3.57
N VAL C 437 -35.07 4.78 4.34
CA VAL C 437 -35.10 5.03 5.80
C VAL C 437 -34.02 4.24 6.54
N PRO C 438 -33.70 4.55 7.81
CA PRO C 438 -32.66 3.78 8.52
C PRO C 438 -33.16 2.46 9.10
N ALA C 439 -34.08 1.74 8.44
CA ALA C 439 -34.58 0.45 8.94
C ALA C 439 -33.70 -0.69 8.45
N VAL C 440 -32.49 -0.76 9.01
CA VAL C 440 -31.48 -1.75 8.66
C VAL C 440 -31.09 -2.53 9.94
N GLY C 441 -30.91 -3.83 9.77
CA GLY C 441 -30.72 -4.73 10.89
C GLY C 441 -31.98 -5.31 11.52
N MET C 442 -33.15 -5.21 10.86
CA MET C 442 -34.40 -5.76 11.40
C MET C 442 -34.57 -7.29 11.23
N SER C 443 -35.17 -7.89 12.24
CA SER C 443 -35.63 -9.27 12.14
C SER C 443 -36.89 -9.42 12.99
N TRP C 444 -37.32 -10.69 13.20
CA TRP C 444 -38.57 -11.01 13.89
C TRP C 444 -38.70 -10.41 15.26
N LEU C 445 -37.57 -10.20 15.96
CA LEU C 445 -37.57 -9.54 17.27
C LEU C 445 -38.11 -8.13 17.21
N GLN C 446 -37.73 -7.36 16.14
CA GLN C 446 -38.27 -6.01 15.97
C GLN C 446 -39.74 -5.95 15.50
N TYR C 447 -40.21 -6.93 14.69
CA TYR C 447 -41.55 -6.85 14.12
C TYR C 447 -42.61 -6.89 15.20
N ALA C 448 -42.30 -7.59 16.31
CA ALA C 448 -43.22 -7.76 17.40
C ALA C 448 -43.09 -6.64 18.39
N ASN C 449 -42.30 -5.61 18.10
CA ASN C 449 -42.15 -4.52 19.03
C ASN C 449 -42.86 -3.29 18.55
N PRO C 450 -43.95 -2.85 19.20
CA PRO C 450 -44.69 -1.67 18.68
C PRO C 450 -43.90 -0.40 18.74
N LEU C 451 -43.01 -0.26 19.70
CA LEU C 451 -42.16 0.92 19.69
C LEU C 451 -41.32 0.98 18.39
N VAL C 452 -40.83 -0.19 17.92
CA VAL C 452 -40.07 -0.21 16.66
C VAL C 452 -40.99 0.16 15.52
N ALA C 453 -42.21 -0.36 15.52
CA ALA C 453 -43.13 -0.13 14.42
C ALA C 453 -43.45 1.35 14.32
N GLU C 454 -43.59 2.02 15.46
CA GLU C 454 -43.83 3.45 15.50
C GLU C 454 -42.64 4.27 15.03
N ARG C 455 -41.41 3.96 15.48
CA ARG C 455 -40.23 4.62 14.96
C ARG C 455 -40.08 4.40 13.46
N HIS C 456 -40.43 3.21 12.97
CA HIS C 456 -40.39 2.92 11.54
C HIS C 456 -41.37 3.81 10.77
N ARG C 457 -42.60 3.94 11.28
CA ARG C 457 -43.55 4.84 10.59
C ARG C 457 -43.10 6.32 10.67
N GLU C 458 -42.54 6.73 11.82
CA GLU C 458 -42.05 8.08 11.88
C GLU C 458 -40.98 8.27 10.84
N ALA C 459 -40.14 7.28 10.64
CA ALA C 459 -39.04 7.51 9.74
C ALA C 459 -39.55 7.61 8.31
N ILE C 460 -40.56 6.81 7.95
CA ILE C 460 -41.12 6.87 6.60
C ILE C 460 -41.79 8.21 6.39
N ARG C 461 -42.62 8.64 7.34
CA ARG C 461 -43.32 9.91 7.16
C ARG C 461 -42.33 11.05 7.16
N GLY C 462 -41.35 10.97 8.08
CA GLY C 462 -40.34 12.00 8.19
C GLY C 462 -39.56 12.16 6.90
N MET C 463 -39.04 11.05 6.38
CA MET C 463 -38.33 11.06 5.10
C MET C 463 -39.17 11.65 4.01
N ILE C 464 -40.39 11.13 3.86
CA ILE C 464 -41.21 11.55 2.74
C ILE C 464 -41.63 13.00 2.90
N ALA C 465 -42.00 13.43 4.12
CA ALA C 465 -42.34 14.84 4.33
C ALA C 465 -41.17 15.77 3.97
N ARG C 466 -39.93 15.36 4.27
CA ARG C 466 -38.74 16.18 4.00
C ARG C 466 -38.43 16.26 2.51
N ASP C 467 -38.49 15.12 1.81
CA ASP C 467 -37.93 14.93 0.48
C ASP C 467 -38.96 14.91 -0.66
N LYS C 468 -40.26 15.13 -0.37
CA LYS C 468 -41.30 14.80 -1.36
C LYS C 468 -41.13 15.62 -2.65
N ASN C 469 -40.59 16.81 -2.54
CA ASN C 469 -40.55 17.77 -3.67
C ASN C 469 -39.39 17.55 -4.63
N HIS C 470 -38.42 16.71 -4.31
CA HIS C 470 -37.25 16.52 -5.15
C HIS C 470 -37.59 15.73 -6.41
N PRO C 471 -37.34 16.26 -7.63
CA PRO C 471 -37.58 15.42 -8.83
C PRO C 471 -36.61 14.28 -8.93
N CYS C 472 -35.42 14.36 -8.31
CA CYS C 472 -34.44 13.30 -8.49
C CYS C 472 -34.91 12.02 -7.82
N ILE C 473 -35.74 12.12 -6.79
CA ILE C 473 -36.20 10.93 -6.09
C ILE C 473 -37.27 10.23 -6.94
N VAL C 474 -37.01 8.97 -7.28
CA VAL C 474 -37.93 8.22 -8.11
C VAL C 474 -38.54 7.04 -7.32
N MET C 475 -38.01 6.74 -6.12
CA MET C 475 -38.46 5.53 -5.48
C MET C 475 -38.08 5.56 -3.99
N TRP C 476 -38.94 4.94 -3.16
CA TRP C 476 -38.68 4.85 -1.72
C TRP C 476 -38.32 3.42 -1.28
N SER C 477 -37.26 3.27 -0.45
CA SER C 477 -36.94 1.96 0.13
C SER C 477 -37.35 1.96 1.62
N ILE C 478 -38.15 0.98 2.05
CA ILE C 478 -38.65 1.01 3.43
C ILE C 478 -37.80 0.24 4.42
N ALA C 479 -36.72 -0.39 3.95
CA ALA C 479 -35.88 -1.25 4.76
C ALA C 479 -34.67 -1.77 3.99
N ASN C 480 -33.57 -2.05 4.65
CA ASN C 480 -32.48 -2.74 3.97
C ASN C 480 -32.20 -4.08 4.71
N GLU C 481 -32.26 -5.17 3.96
CA GLU C 481 -31.97 -6.50 4.46
C GLU C 481 -32.70 -6.94 5.76
N PRO C 482 -34.02 -6.71 5.85
CA PRO C 482 -34.77 -7.30 6.99
C PRO C 482 -34.84 -8.82 6.83
N GLY C 483 -35.02 -9.53 7.93
CA GLY C 483 -35.32 -10.96 7.84
C GLY C 483 -36.72 -11.23 7.24
N LEU C 484 -36.77 -11.97 6.11
CA LEU C 484 -38.00 -12.16 5.36
C LEU C 484 -38.32 -13.62 5.05
N ASP C 485 -37.34 -14.51 5.08
CA ASP C 485 -37.49 -15.89 4.67
C ASP C 485 -37.51 -16.84 5.91
N GLY C 486 -37.46 -18.13 5.66
CA GLY C 486 -37.50 -19.12 6.73
C GLY C 486 -38.79 -19.93 6.74
N ASP C 487 -39.03 -20.59 7.85
CA ASP C 487 -40.23 -21.43 7.79
C ASP C 487 -41.23 -21.07 8.87
N GLY C 488 -42.22 -21.95 9.01
CA GLY C 488 -43.27 -21.63 9.96
C GLY C 488 -43.96 -20.36 9.59
N GLU C 489 -44.23 -19.55 10.59
CA GLU C 489 -44.92 -18.30 10.40
C GLU C 489 -43.96 -17.14 10.09
N ARG C 490 -42.64 -17.34 10.18
CA ARG C 490 -41.75 -16.20 9.98
C ARG C 490 -42.00 -15.43 8.69
N PRO C 491 -42.14 -16.06 7.51
CA PRO C 491 -42.36 -15.25 6.28
C PRO C 491 -43.65 -14.47 6.32
N ARG C 492 -44.74 -15.05 6.81
CA ARG C 492 -45.99 -14.32 6.97
C ARG C 492 -45.88 -13.20 8.02
N GLN C 493 -45.17 -13.46 9.14
CA GLN C 493 -44.94 -12.39 10.12
C GLN C 493 -44.19 -11.20 9.51
N ALA C 494 -43.15 -11.47 8.73
CA ALA C 494 -42.42 -10.38 8.09
C ALA C 494 -43.32 -9.65 7.08
N TYR C 495 -44.07 -10.40 6.26
CA TYR C 495 -45.04 -9.78 5.33
C TYR C 495 -45.98 -8.84 6.03
N ASP C 496 -46.57 -9.29 7.14
CA ASP C 496 -47.58 -8.53 7.85
C ASP C 496 -46.99 -7.31 8.55
N TYR C 497 -45.71 -7.33 8.90
CA TYR C 497 -45.05 -6.13 9.43
C TYR C 497 -44.85 -5.07 8.31
N PHE C 498 -44.40 -5.51 7.13
CA PHE C 498 -43.94 -4.62 6.05
C PHE C 498 -45.05 -4.10 5.15
N ARG C 499 -46.09 -4.88 4.98
CA ARG C 499 -47.14 -4.49 4.05
C ARG C 499 -47.78 -3.18 4.47
N PRO C 500 -48.16 -2.97 5.75
CA PRO C 500 -48.68 -1.64 6.11
C PRO C 500 -47.64 -0.54 5.98
N LEU C 501 -46.33 -0.85 5.99
CA LEU C 501 -45.33 0.22 5.81
C LEU C 501 -45.20 0.56 4.31
N TYR C 502 -45.25 -0.44 3.44
CA TYR C 502 -45.45 -0.22 1.99
C TYR C 502 -46.62 0.72 1.71
N GLU C 503 -47.78 0.45 2.34
CA GLU C 503 -48.99 1.27 2.10
C GLU C 503 -48.84 2.68 2.62
N LEU C 504 -48.21 2.83 3.79
CA LEU C 504 -47.94 4.14 4.39
C LEU C 504 -47.00 4.97 3.49
N ALA C 505 -45.97 4.33 2.91
CA ALA C 505 -45.07 5.07 2.01
C ALA C 505 -45.83 5.55 0.79
N HIS C 506 -46.78 4.76 0.30
CA HIS C 506 -47.54 5.18 -0.88
C HIS C 506 -48.48 6.29 -0.51
N ALA C 507 -49.16 6.17 0.65
CA ALA C 507 -50.09 7.21 1.10
C ALA C 507 -49.39 8.49 1.45
N SER C 508 -48.18 8.43 2.03
CA SER C 508 -47.57 9.67 2.44
C SER C 508 -47.03 10.49 1.26
N ASP C 509 -46.75 9.88 0.14
CA ASP C 509 -46.09 10.61 -0.92
C ASP C 509 -47.12 11.13 -1.96
N PRO C 510 -47.32 12.45 -2.08
CA PRO C 510 -48.34 12.95 -3.04
C PRO C 510 -48.03 12.63 -4.48
N GLN C 511 -46.78 12.32 -4.80
CA GLN C 511 -46.44 11.89 -6.15
C GLN C 511 -46.72 10.42 -6.35
N ASN C 512 -47.00 9.68 -5.28
CA ASN C 512 -47.25 8.23 -5.36
C ASN C 512 -46.18 7.46 -6.16
N ARG C 513 -44.88 7.67 -5.81
CA ARG C 513 -43.77 6.96 -6.50
C ARG C 513 -43.70 5.49 -6.07
N PRO C 514 -43.07 4.65 -6.86
CA PRO C 514 -42.90 3.26 -6.45
C PRO C 514 -42.13 3.16 -5.14
N VAL C 515 -42.35 2.01 -4.51
CA VAL C 515 -41.88 1.67 -3.17
C VAL C 515 -41.24 0.29 -3.23
N THR C 516 -40.01 0.18 -2.69
CA THR C 516 -39.40 -1.13 -2.62
C THR C 516 -38.91 -1.39 -1.21
N LEU C 517 -38.18 -2.49 -1.11
CA LEU C 517 -37.60 -2.91 0.15
C LEU C 517 -36.40 -3.65 -0.35
N VAL C 518 -35.22 -3.28 0.13
CA VAL C 518 -33.98 -3.88 -0.38
C VAL C 518 -33.72 -5.17 0.40
N CYS C 519 -33.63 -6.27 -0.35
CA CYS C 519 -33.65 -7.63 0.21
C CYS C 519 -32.24 -8.20 0.33
N CYS C 520 -31.88 -8.78 1.51
CA CYS C 520 -30.57 -9.49 1.57
C CYS C 520 -30.60 -10.77 0.71
N GLN C 521 -29.41 -11.35 0.49
CA GLN C 521 -29.20 -12.66 -0.13
C GLN C 521 -29.91 -13.66 0.74
N ASN C 522 -31.03 -14.24 0.30
CA ASN C 522 -31.74 -15.13 1.22
C ASN C 522 -32.30 -16.33 0.43
N ASP C 523 -33.14 -17.11 1.10
CA ASP C 523 -33.91 -18.15 0.40
C ASP C 523 -35.10 -17.46 -0.22
N TYR C 524 -34.90 -17.04 -1.47
CA TYR C 524 -35.95 -16.35 -2.18
C TYR C 524 -37.20 -17.23 -2.37
N THR C 525 -37.09 -18.57 -2.33
CA THR C 525 -38.32 -19.37 -2.40
C THR C 525 -39.21 -19.31 -1.12
N THR C 526 -38.71 -18.89 0.06
CA THR C 526 -39.62 -18.78 1.22
C THR C 526 -39.88 -17.37 1.66
N ASP C 527 -39.09 -16.39 1.21
CA ASP C 527 -39.45 -14.97 1.29
C ASP C 527 -40.74 -14.79 0.51
N ILE C 528 -41.78 -14.26 1.14
CA ILE C 528 -43.02 -13.91 0.43
C ILE C 528 -43.25 -12.39 0.38
N THR C 529 -42.32 -11.61 0.88
CA THR C 529 -42.54 -10.20 0.93
C THR C 529 -41.89 -9.47 -0.25
N GLU C 530 -40.60 -9.75 -0.54
CA GLU C 530 -39.85 -8.98 -1.54
C GLU C 530 -40.58 -8.98 -2.88
N ARG C 531 -41.11 -10.14 -3.29
CA ARG C 531 -41.85 -10.21 -4.56
C ARG C 531 -43.02 -9.28 -4.64
N THR C 532 -43.51 -8.74 -3.51
CA THR C 532 -44.72 -7.93 -3.57
C THR C 532 -44.42 -6.45 -3.70
N MET C 533 -43.14 -6.07 -3.77
CA MET C 533 -42.80 -4.67 -3.87
C MET C 533 -43.01 -4.20 -5.32
N ASP C 534 -42.94 -2.87 -5.55
CA ASP C 534 -43.23 -2.33 -6.88
C ASP C 534 -42.07 -2.57 -7.83
N VAL C 535 -40.83 -2.46 -7.30
CA VAL C 535 -39.60 -2.94 -7.94
C VAL C 535 -38.93 -3.92 -6.99
N VAL C 536 -38.39 -4.99 -7.55
CA VAL C 536 -37.57 -5.95 -6.78
C VAL C 536 -36.12 -5.47 -6.74
N CYS C 537 -35.64 -5.16 -5.55
CA CYS C 537 -34.28 -4.68 -5.34
C CYS C 537 -33.58 -5.75 -4.51
N ILE C 538 -32.63 -6.43 -5.10
CA ILE C 538 -31.93 -7.50 -4.45
C ILE C 538 -30.47 -7.16 -4.22
N ASN C 539 -29.97 -7.60 -3.07
CA ASN C 539 -28.53 -7.64 -2.75
C ASN C 539 -28.04 -9.08 -2.91
N ARG C 540 -27.10 -9.32 -3.82
CA ARG C 540 -26.60 -10.67 -4.08
C ARG C 540 -25.07 -10.66 -4.16
N TYR C 541 -24.48 -11.64 -3.56
CA TYR C 541 -23.06 -11.70 -3.46
C TYR C 541 -22.59 -13.08 -3.89
N TYR C 542 -23.18 -13.58 -4.95
CA TYR C 542 -22.71 -14.83 -5.55
C TYR C 542 -21.28 -14.67 -5.95
N GLY C 543 -20.42 -15.62 -5.54
CA GLY C 543 -19.01 -15.59 -5.80
C GLY C 543 -18.18 -14.81 -4.80
N TRP C 544 -18.80 -14.10 -3.86
CA TRP C 544 -18.05 -13.43 -2.80
C TRP C 544 -18.34 -14.17 -1.49
N TYR C 545 -19.58 -14.07 -0.99
CA TYR C 545 -19.91 -14.72 0.27
C TYR C 545 -20.24 -16.19 0.08
N ASN C 546 -20.38 -16.67 -1.13
CA ASN C 546 -20.68 -18.08 -1.35
C ASN C 546 -20.00 -18.40 -2.66
N LEU C 547 -19.74 -19.67 -2.92
CA LEU C 547 -19.08 -20.04 -4.16
C LEU C 547 -17.85 -19.18 -4.37
N SER C 548 -17.09 -18.99 -3.29
CA SER C 548 -16.15 -17.88 -3.22
C SER C 548 -15.06 -17.98 -4.30
N GLY C 549 -14.89 -16.91 -5.12
CA GLY C 549 -13.86 -16.88 -6.13
C GLY C 549 -14.15 -17.64 -7.39
N ASP C 550 -15.24 -18.36 -7.44
CA ASP C 550 -15.53 -19.25 -8.58
C ASP C 550 -16.59 -18.58 -9.42
N LEU C 551 -16.19 -17.80 -10.43
CA LEU C 551 -17.17 -16.95 -11.13
C LEU C 551 -18.10 -17.77 -12.05
N ASP C 552 -17.63 -18.91 -12.61
CA ASP C 552 -18.55 -19.80 -13.32
C ASP C 552 -19.66 -20.27 -12.38
N ALA C 553 -19.31 -20.79 -11.21
CA ALA C 553 -20.39 -21.27 -10.35
C ALA C 553 -21.28 -20.12 -9.95
N ALA C 554 -20.67 -18.96 -9.63
CA ALA C 554 -21.43 -17.77 -9.20
C ALA C 554 -22.46 -17.35 -10.26
N CYS C 555 -22.07 -17.36 -11.55
CA CYS C 555 -22.97 -16.99 -12.60
C CYS C 555 -24.07 -18.05 -12.75
N HIS C 556 -23.73 -19.32 -12.54
CA HIS C 556 -24.71 -20.36 -12.73
C HIS C 556 -25.75 -20.21 -11.65
N ALA C 557 -25.28 -19.97 -10.40
CA ALA C 557 -26.19 -19.77 -9.30
C ALA C 557 -27.07 -18.58 -9.52
N LEU C 558 -26.47 -17.42 -9.96
CA LEU C 558 -27.28 -16.22 -10.24
C LEU C 558 -28.39 -16.52 -11.29
N ASN C 559 -28.02 -17.09 -12.44
CA ASN C 559 -28.99 -17.49 -13.48
C ASN C 559 -30.13 -18.38 -12.95
N ILE C 560 -29.83 -19.31 -12.03
CA ILE C 560 -30.89 -20.04 -11.38
C ILE C 560 -31.85 -19.12 -10.65
N GLU C 561 -31.33 -18.14 -9.87
CA GLU C 561 -32.24 -17.21 -9.18
C GLU C 561 -32.91 -16.26 -10.16
N LEU C 562 -32.19 -15.86 -11.22
CA LEU C 562 -32.82 -15.01 -12.23
C LEU C 562 -33.97 -15.72 -12.93
N ASP C 563 -33.87 -17.04 -13.13
CA ASP C 563 -35.01 -17.79 -13.66
C ASP C 563 -36.22 -17.70 -12.74
N PHE C 564 -35.99 -17.68 -11.42
CA PHE C 564 -37.05 -17.50 -10.45
C PHE C 564 -37.71 -16.12 -10.62
N TRP C 565 -36.92 -15.05 -10.65
CA TRP C 565 -37.52 -13.72 -10.81
C TRP C 565 -38.17 -13.51 -12.19
N GLU C 566 -37.65 -14.17 -13.23
CA GLU C 566 -38.27 -14.01 -14.55
C GLU C 566 -39.71 -14.48 -14.54
N ASN C 567 -39.92 -15.59 -13.87
CA ASN C 567 -41.24 -16.15 -13.65
C ASN C 567 -42.10 -15.22 -12.79
N ILE C 568 -41.49 -14.54 -11.81
CA ILE C 568 -42.23 -13.61 -10.95
C ILE C 568 -42.80 -12.44 -11.76
N GLY C 569 -42.07 -11.98 -12.80
CA GLY C 569 -42.64 -10.95 -13.68
C GLY C 569 -42.71 -9.53 -13.17
N LYS C 570 -41.93 -9.17 -12.08
CA LYS C 570 -41.72 -7.78 -11.69
C LYS C 570 -40.40 -7.24 -12.30
N PRO C 571 -40.29 -5.93 -12.45
CA PRO C 571 -38.97 -5.34 -12.78
C PRO C 571 -38.04 -5.59 -11.63
N VAL C 572 -36.84 -6.03 -11.93
CA VAL C 572 -35.82 -6.34 -10.91
C VAL C 572 -34.55 -5.52 -11.15
N MET C 573 -33.83 -5.15 -10.08
CA MET C 573 -32.51 -4.55 -10.22
C MET C 573 -31.59 -5.01 -9.06
N PHE C 574 -30.26 -4.99 -9.30
CA PHE C 574 -29.32 -5.07 -8.18
C PHE C 574 -29.30 -3.78 -7.41
N THR C 575 -29.28 -3.87 -6.08
CA THR C 575 -28.99 -2.71 -5.25
C THR C 575 -27.69 -2.91 -4.47
N GLU C 576 -27.11 -4.11 -4.51
CA GLU C 576 -25.79 -4.40 -3.95
C GLU C 576 -25.23 -5.61 -4.69
N TYR C 577 -23.94 -5.55 -5.00
CA TYR C 577 -23.19 -6.73 -5.41
C TYR C 577 -21.77 -6.27 -5.56
N GLY C 578 -20.80 -7.08 -5.15
CA GLY C 578 -19.41 -6.67 -5.31
C GLY C 578 -18.45 -7.50 -4.47
N ALA C 579 -17.26 -6.91 -4.23
CA ALA C 579 -16.12 -7.70 -3.80
C ALA C 579 -15.15 -6.77 -3.07
N ASP C 580 -14.76 -7.14 -1.84
CA ASP C 580 -13.75 -6.32 -1.15
C ASP C 580 -12.48 -6.35 -1.98
N THR C 581 -11.90 -5.15 -2.15
CA THR C 581 -10.79 -4.93 -3.06
C THR C 581 -9.78 -3.99 -2.39
N ILE C 582 -8.54 -4.43 -2.24
CA ILE C 582 -7.52 -3.53 -1.67
C ILE C 582 -6.76 -2.94 -2.84
N GLU C 583 -6.82 -1.59 -2.99
CA GLU C 583 -6.20 -0.97 -4.16
C GLU C 583 -4.75 -1.34 -4.08
N GLY C 584 -4.16 -1.70 -5.22
CA GLY C 584 -2.73 -2.09 -5.33
C GLY C 584 -2.45 -3.58 -5.24
N ILE C 585 -3.40 -4.38 -4.79
CA ILE C 585 -3.23 -5.84 -4.85
C ILE C 585 -3.59 -6.28 -6.25
N HIS C 586 -2.63 -6.89 -6.92
CA HIS C 586 -2.82 -7.26 -8.31
C HIS C 586 -2.50 -8.75 -8.50
N GLY C 587 -3.07 -9.34 -9.56
CA GLY C 587 -2.76 -10.71 -9.96
C GLY C 587 -3.07 -10.98 -11.43
N THR C 588 -2.26 -11.76 -12.13
CA THR C 588 -2.65 -12.06 -13.53
C THR C 588 -3.89 -12.94 -13.57
N HIS C 589 -4.12 -13.73 -12.52
CA HIS C 589 -5.38 -14.46 -12.37
C HIS C 589 -5.99 -13.98 -11.07
N GLY C 590 -6.83 -12.98 -11.15
CA GLY C 590 -7.11 -12.20 -9.96
C GLY C 590 -7.93 -12.99 -8.98
N GLU C 591 -7.47 -13.04 -7.75
CA GLU C 591 -8.10 -13.68 -6.61
C GLU C 591 -8.82 -12.66 -5.73
N MET C 592 -9.67 -13.17 -4.84
CA MET C 592 -10.42 -12.27 -3.98
C MET C 592 -9.47 -11.31 -3.24
N PHE C 593 -9.83 -10.02 -3.23
CA PHE C 593 -9.17 -8.83 -2.73
C PHE C 593 -8.31 -8.13 -3.78
N SER C 594 -8.02 -8.77 -4.89
CA SER C 594 -7.22 -8.10 -5.93
C SER C 594 -8.11 -7.15 -6.75
N GLU C 595 -7.49 -6.15 -7.42
CA GLU C 595 -8.23 -5.27 -8.30
C GLU C 595 -8.80 -6.04 -9.52
N GLU C 596 -8.01 -6.96 -10.10
CA GLU C 596 -8.50 -7.76 -11.22
C GLU C 596 -9.77 -8.56 -10.85
N PHE C 597 -9.80 -9.23 -9.67
CA PHE C 597 -10.96 -10.01 -9.31
C PHE C 597 -12.21 -9.11 -9.24
N GLN C 598 -12.08 -7.91 -8.67
CA GLN C 598 -13.23 -6.98 -8.65
C GLN C 598 -13.71 -6.66 -10.04
N ARG C 599 -12.78 -6.28 -10.93
CA ARG C 599 -13.16 -6.05 -12.31
C ARG C 599 -13.81 -7.30 -12.94
N ASP C 600 -13.14 -8.47 -12.82
CA ASP C 600 -13.76 -9.68 -13.41
C ASP C 600 -15.17 -9.94 -12.84
N TYR C 601 -15.36 -9.64 -11.57
CA TYR C 601 -16.61 -9.89 -10.90
C TYR C 601 -17.75 -9.17 -11.62
N TYR C 602 -17.60 -7.86 -11.80
CA TYR C 602 -18.57 -7.08 -12.55
C TYR C 602 -18.66 -7.53 -14.00
N ALA C 603 -17.53 -7.81 -14.68
CA ALA C 603 -17.65 -8.20 -16.09
C ALA C 603 -18.50 -9.46 -16.22
N ARG C 604 -18.27 -10.43 -15.33
CA ARG C 604 -18.97 -11.70 -15.43
C ARG C 604 -20.44 -11.55 -15.08
N ILE C 605 -20.73 -10.89 -13.97
CA ILE C 605 -22.10 -10.88 -13.47
C ILE C 605 -22.97 -9.98 -14.38
N ASN C 606 -22.41 -8.83 -14.81
CA ASN C 606 -23.08 -7.92 -15.73
C ASN C 606 -23.36 -8.54 -17.10
N ALA C 607 -22.51 -9.47 -17.57
CA ALA C 607 -22.88 -10.17 -18.81
C ALA C 607 -24.10 -11.04 -18.60
N GLU C 608 -24.33 -11.52 -17.38
CA GLU C 608 -25.53 -12.34 -17.21
C GLU C 608 -26.80 -11.51 -17.20
N ILE C 609 -26.85 -10.39 -16.43
CA ILE C 609 -28.08 -9.62 -16.35
C ILE C 609 -28.38 -8.92 -17.68
N ASP C 610 -27.37 -8.77 -18.55
CA ASP C 610 -27.64 -8.16 -19.84
C ASP C 610 -28.56 -9.01 -20.70
N LYS C 611 -28.70 -10.32 -20.44
CA LYS C 611 -29.61 -11.21 -21.18
C LYS C 611 -31.04 -11.16 -20.65
N ARG C 612 -31.32 -10.44 -19.58
CA ARG C 612 -32.68 -10.43 -19.01
C ARG C 612 -33.39 -9.12 -19.29
N PRO C 613 -34.42 -9.08 -20.14
CA PRO C 613 -35.02 -7.78 -20.48
C PRO C 613 -35.73 -7.11 -19.33
N TRP C 614 -36.16 -7.91 -18.34
CA TRP C 614 -36.90 -7.48 -17.16
C TRP C 614 -35.97 -6.99 -16.03
N PHE C 615 -34.63 -7.08 -16.23
CA PHE C 615 -33.68 -6.65 -15.19
C PHE C 615 -33.28 -5.22 -15.51
N ILE C 616 -33.79 -4.28 -14.71
CA ILE C 616 -33.89 -2.90 -15.19
C ILE C 616 -32.85 -2.03 -14.55
N GLY C 617 -31.88 -2.59 -13.78
CA GLY C 617 -30.93 -1.71 -13.13
C GLY C 617 -29.76 -2.37 -12.43
N GLU C 618 -28.64 -1.67 -12.26
CA GLU C 618 -27.49 -2.32 -11.65
C GLU C 618 -26.92 -1.25 -10.74
N GLN C 619 -27.29 -1.35 -9.48
CA GLN C 619 -26.64 -0.54 -8.46
C GLN C 619 -25.76 -1.49 -7.66
N LEU C 620 -24.45 -1.32 -7.77
CA LEU C 620 -23.48 -2.13 -7.05
C LEU C 620 -23.21 -1.57 -5.63
N TRP C 621 -22.45 -2.36 -4.89
CA TRP C 621 -21.97 -2.01 -3.61
C TRP C 621 -20.43 -2.04 -3.70
N ASN C 622 -19.72 -0.95 -3.39
CA ASN C 622 -20.25 0.35 -3.00
C ASN C 622 -19.58 1.41 -3.93
N PHE C 623 -20.13 2.62 -3.95
CA PHE C 623 -19.44 3.77 -4.57
C PHE C 623 -17.99 3.91 -4.06
N ALA C 624 -17.78 3.78 -2.73
CA ALA C 624 -16.48 4.09 -2.15
C ALA C 624 -16.29 3.37 -0.82
N ASP C 625 -15.07 2.90 -0.56
CA ASP C 625 -14.75 2.26 0.73
C ASP C 625 -15.22 3.14 1.91
N PHE C 626 -15.70 2.51 2.99
CA PHE C 626 -16.30 3.26 4.10
C PHE C 626 -16.05 2.53 5.43
N ALA C 627 -16.15 3.28 6.53
CA ALA C 627 -15.78 2.80 7.87
C ALA C 627 -16.85 1.86 8.41
N THR C 628 -16.40 0.78 9.05
CA THR C 628 -17.29 -0.11 9.81
C THR C 628 -16.73 -0.35 11.22
N PHE C 629 -17.56 -1.00 12.03
CA PHE C 629 -17.11 -1.70 13.23
C PHE C 629 -15.96 -2.61 12.89
N GLN C 630 -15.00 -2.70 13.80
CA GLN C 630 -13.82 -3.52 13.50
C GLN C 630 -14.17 -5.00 13.63
N GLY C 631 -13.50 -5.84 12.85
CA GLY C 631 -13.88 -7.24 12.74
C GLY C 631 -12.98 -7.91 11.71
N ILE C 632 -12.98 -9.25 11.75
CA ILE C 632 -12.05 -10.00 10.93
C ILE C 632 -12.39 -9.97 9.42
N ILE C 633 -13.62 -9.63 9.00
CA ILE C 633 -13.82 -9.50 7.56
C ILE C 633 -13.69 -8.05 7.05
N ARG C 634 -13.31 -7.09 7.89
CA ARG C 634 -13.36 -5.69 7.49
C ARG C 634 -11.95 -5.13 7.54
N VAL C 635 -11.32 -5.00 6.38
CA VAL C 635 -9.93 -4.56 6.32
C VAL C 635 -9.90 -3.05 6.29
N GLU C 636 -9.85 -2.44 7.46
CA GLU C 636 -10.05 -1.01 7.60
C GLU C 636 -11.39 -0.56 7.00
N GLY C 637 -12.47 -1.20 7.42
CA GLY C 637 -13.80 -0.92 6.90
C GLY C 637 -14.12 -1.83 5.74
N ASN C 638 -15.18 -1.42 5.05
CA ASN C 638 -15.72 -2.14 3.95
C ASN C 638 -14.94 -1.71 2.73
N ARG C 639 -14.38 -2.68 1.98
CA ARG C 639 -13.47 -2.36 0.90
C ARG C 639 -14.09 -2.72 -0.46
N LYS C 640 -15.42 -2.74 -0.52
CA LYS C 640 -16.11 -2.98 -1.77
C LYS C 640 -16.26 -1.74 -2.64
N GLY C 641 -15.71 -0.59 -2.24
CA GLY C 641 -15.77 0.54 -3.11
C GLY C 641 -15.13 0.22 -4.45
N ILE C 642 -15.78 0.67 -5.53
CA ILE C 642 -15.04 0.83 -6.77
C ILE C 642 -14.10 2.05 -6.72
N LEU C 643 -14.31 2.95 -5.73
CA LEU C 643 -13.35 4.01 -5.42
C LEU C 643 -12.84 3.78 -4.00
N THR C 644 -11.58 4.13 -3.79
CA THR C 644 -11.09 4.14 -2.42
C THR C 644 -11.86 5.16 -1.57
N ARG C 645 -11.57 5.19 -0.27
CA ARG C 645 -12.23 6.16 0.61
C ARG C 645 -11.81 7.61 0.28
N ASP C 646 -10.67 7.80 -0.36
CA ASP C 646 -10.24 9.09 -0.86
C ASP C 646 -10.68 9.33 -2.31
N ARG C 647 -11.59 8.48 -2.83
CA ARG C 647 -12.28 8.66 -4.11
C ARG C 647 -11.36 8.47 -5.31
N GLN C 648 -10.38 7.64 -5.11
CA GLN C 648 -9.51 7.26 -6.20
C GLN C 648 -10.02 5.95 -6.80
N PRO C 649 -9.91 5.86 -8.12
CA PRO C 649 -10.56 4.76 -8.86
C PRO C 649 -9.72 3.53 -8.94
N LYS C 650 -10.34 2.41 -8.52
CA LYS C 650 -9.75 1.11 -8.72
C LYS C 650 -10.04 0.66 -10.16
N MET C 651 -9.30 -0.37 -10.60
CA MET C 651 -9.44 -0.88 -11.97
C MET C 651 -10.88 -1.10 -12.35
N ALA C 652 -11.64 -1.70 -11.43
CA ALA C 652 -13.06 -1.96 -11.70
C ALA C 652 -13.79 -0.66 -12.01
N ALA C 653 -13.44 0.44 -11.34
CA ALA C 653 -14.08 1.72 -11.69
C ALA C 653 -13.83 2.11 -13.15
N HIS C 654 -12.61 1.92 -13.68
CA HIS C 654 -12.39 2.24 -15.11
C HIS C 654 -13.23 1.33 -16.01
N TRP C 655 -13.28 0.02 -15.69
CA TRP C 655 -14.04 -0.91 -16.46
C TRP C 655 -15.52 -0.54 -16.48
N LEU C 656 -16.10 -0.23 -15.32
CA LEU C 656 -17.49 0.19 -15.23
C LEU C 656 -17.74 1.51 -15.99
N ARG C 657 -16.80 2.47 -15.89
CA ARG C 657 -16.91 3.72 -16.62
C ARG C 657 -17.11 3.44 -18.11
N GLU C 658 -16.28 2.54 -18.64
CA GLU C 658 -16.40 2.22 -20.05
C GLU C 658 -17.69 1.46 -20.35
N ARG C 659 -18.08 0.54 -19.51
CA ARG C 659 -19.36 -0.13 -19.79
C ARG C 659 -20.50 0.88 -19.73
N TRP C 660 -20.51 1.74 -18.72
CA TRP C 660 -21.67 2.58 -18.57
C TRP C 660 -21.69 3.74 -19.57
N ALA C 661 -20.53 4.17 -20.07
CA ALA C 661 -20.49 5.06 -21.23
C ALA C 661 -21.37 4.58 -22.42
N GLY C 662 -21.50 3.28 -22.63
CA GLY C 662 -22.25 2.76 -23.75
C GLY C 662 -23.65 2.32 -23.42
N ILE C 663 -24.20 2.69 -22.27
CA ILE C 663 -25.54 2.28 -21.90
C ILE C 663 -26.34 3.57 -21.69
N PRO C 664 -27.40 3.77 -22.47
CA PRO C 664 -28.19 4.99 -22.45
C PRO C 664 -29.08 4.96 -21.22
N ASP C 665 -29.44 6.15 -20.70
CA ASP C 665 -30.41 6.18 -19.60
C ASP C 665 -31.74 5.53 -19.99
N TYR C 666 -32.21 5.76 -21.25
CA TYR C 666 -33.48 5.25 -21.77
C TYR C 666 -33.27 4.27 -22.91
N GLY C 667 -34.04 3.15 -22.93
CA GLY C 667 -34.12 2.25 -24.08
C GLY C 667 -33.08 1.16 -24.13
N TYR C 668 -32.26 1.01 -23.07
CA TYR C 668 -31.26 -0.04 -23.06
C TYR C 668 -31.91 -1.42 -23.21
N LYS C 669 -33.03 -1.65 -22.49
CA LYS C 669 -33.82 -2.87 -22.65
C LYS C 669 -35.28 -2.62 -23.17
N ASN D 1 39.35 -20.50 -25.15
CA ASN D 1 38.41 -19.38 -25.38
C ASN D 1 36.89 -19.78 -25.17
N GLY D 2 36.50 -21.00 -25.57
CA GLY D 2 35.12 -21.38 -25.47
C GLY D 2 34.71 -21.73 -24.04
N MET D 3 33.44 -21.40 -23.70
CA MET D 3 32.93 -21.77 -22.37
C MET D 3 31.66 -22.61 -22.49
N LEU D 4 31.75 -23.84 -23.05
CA LEU D 4 30.57 -24.67 -23.16
C LEU D 4 30.01 -24.94 -21.76
N TYR D 5 28.69 -24.85 -21.58
CA TYR D 5 28.15 -25.18 -20.25
C TYR D 5 28.48 -26.63 -19.93
N PRO D 6 28.90 -26.95 -18.69
CA PRO D 6 29.19 -28.35 -18.29
C PRO D 6 28.02 -29.30 -18.52
N GLN D 7 28.32 -30.43 -19.15
CA GLN D 7 27.33 -31.42 -19.53
C GLN D 7 27.79 -32.79 -19.01
N SER D 8 26.87 -33.62 -18.52
CA SER D 8 27.15 -35.02 -18.21
C SER D 8 26.70 -35.96 -19.34
N ASN D 9 27.50 -37.01 -19.57
CA ASN D 9 27.20 -38.05 -20.55
C ASN D 9 28.14 -39.25 -20.34
N ASP D 10 28.34 -40.07 -21.39
CA ASP D 10 29.09 -41.28 -21.18
C ASP D 10 30.57 -40.98 -20.88
N SER D 11 31.08 -39.85 -21.36
CA SER D 11 32.49 -39.47 -21.24
C SER D 11 32.78 -38.42 -20.15
N ARG D 12 31.74 -37.78 -19.56
CA ARG D 12 31.85 -36.55 -18.75
C ARG D 12 30.83 -36.52 -17.62
N ILE D 13 31.25 -36.08 -16.45
CA ILE D 13 30.33 -35.93 -15.34
C ILE D 13 30.51 -34.50 -14.79
N VAL D 14 29.44 -33.94 -14.23
CA VAL D 14 29.44 -32.61 -13.61
C VAL D 14 29.17 -32.83 -12.13
N PHE D 15 29.99 -32.22 -11.24
CA PHE D 15 29.71 -32.34 -9.81
C PHE D 15 29.32 -30.95 -9.23
N PRO D 16 28.06 -30.72 -8.90
CA PRO D 16 27.63 -29.37 -8.50
C PRO D 16 28.24 -29.04 -7.16
N LEU D 17 28.59 -27.76 -6.97
CA LEU D 17 29.10 -27.32 -5.69
C LEU D 17 28.16 -26.33 -4.98
N ASP D 18 26.93 -26.21 -5.46
CA ASP D 18 26.01 -25.30 -4.83
C ASP D 18 25.57 -25.81 -3.45
N GLY D 19 25.03 -24.92 -2.66
CA GLY D 19 24.48 -25.29 -1.37
C GLY D 19 24.76 -24.18 -0.39
N VAL D 20 24.84 -24.52 0.86
CA VAL D 20 25.03 -23.55 1.95
C VAL D 20 26.53 -23.58 2.32
N TRP D 21 27.28 -22.61 1.82
CA TRP D 21 28.68 -22.44 2.10
C TRP D 21 28.92 -21.69 3.41
N ASP D 22 30.18 -21.62 3.77
CA ASP D 22 30.64 -20.88 4.92
C ASP D 22 30.98 -19.51 4.42
N PHE D 23 30.93 -18.50 5.31
CA PHE D 23 31.13 -17.16 4.77
C PHE D 23 31.65 -16.19 5.83
N ARG D 24 32.45 -15.20 5.41
CA ARG D 24 32.85 -14.14 6.31
C ARG D 24 33.04 -12.87 5.50
N THR D 25 32.64 -11.73 6.08
CA THR D 25 33.07 -10.43 5.60
C THR D 25 34.53 -10.19 5.97
N ALA D 26 35.22 -9.44 5.11
CA ALA D 26 36.60 -9.08 5.39
C ALA D 26 36.77 -7.57 5.14
N GLY D 27 37.97 -7.12 4.71
CA GLY D 27 38.28 -5.69 4.75
C GLY D 27 37.94 -4.92 3.45
N GLU D 28 38.12 -3.60 3.51
CA GLU D 28 37.86 -2.75 2.35
C GLU D 28 38.85 -3.03 1.22
N ASP D 29 40.10 -3.36 1.55
CA ASP D 29 41.05 -3.62 0.47
C ASP D 29 41.89 -4.85 0.77
N SER D 30 41.49 -5.64 1.73
CA SER D 30 42.28 -6.82 1.97
C SER D 30 41.34 -7.82 2.63
N TYR D 31 41.77 -9.09 2.61
CA TYR D 31 41.25 -10.15 3.43
C TYR D 31 42.41 -11.03 3.87
N PRO D 32 42.24 -11.84 4.93
CA PRO D 32 43.35 -12.70 5.38
C PRO D 32 43.56 -13.91 4.47
N ALA D 33 44.75 -14.02 3.87
CA ALA D 33 44.88 -15.13 2.91
C ALA D 33 45.10 -16.48 3.60
N GLU D 34 45.40 -16.47 4.90
CA GLU D 34 45.53 -17.72 5.63
C GLU D 34 44.18 -18.40 5.85
N TRP D 35 43.09 -17.66 5.69
CA TRP D 35 41.78 -18.24 5.64
C TRP D 35 41.68 -19.35 4.61
N ALA D 36 42.53 -19.38 3.58
CA ALA D 36 42.48 -20.49 2.61
C ALA D 36 43.12 -21.77 3.13
N ASP D 37 43.74 -21.72 4.30
CA ASP D 37 44.60 -22.81 4.80
C ASP D 37 43.87 -23.69 5.77
N ALA D 38 42.71 -23.23 6.24
CA ALA D 38 41.96 -23.93 7.27
C ALA D 38 40.51 -23.43 7.21
N PRO D 39 39.58 -24.15 7.81
CA PRO D 39 38.19 -23.64 7.91
C PRO D 39 38.13 -22.18 8.37
N LEU D 40 37.31 -21.36 7.69
CA LEU D 40 37.07 -19.99 8.14
C LEU D 40 36.65 -20.01 9.60
N PRO D 41 37.10 -19.10 10.42
CA PRO D 41 36.67 -19.11 11.83
C PRO D 41 35.31 -18.43 11.97
N GLU D 42 34.51 -18.89 12.94
CA GLU D 42 33.20 -18.36 13.25
C GLU D 42 32.39 -18.04 11.97
N PRO D 43 32.24 -18.98 11.06
CA PRO D 43 31.66 -18.65 9.75
C PRO D 43 30.16 -18.46 9.81
N LEU D 44 29.63 -17.60 8.89
CA LEU D 44 28.19 -17.44 8.65
C LEU D 44 27.76 -18.40 7.57
N PRO D 45 26.49 -18.77 7.51
CA PRO D 45 26.05 -19.57 6.37
C PRO D 45 25.77 -18.64 5.21
N MET D 46 25.94 -19.13 4.02
CA MET D 46 25.62 -18.29 2.87
C MET D 46 25.25 -19.24 1.73
N ALA D 47 24.05 -19.10 1.16
CA ALA D 47 23.60 -20.02 0.11
C ALA D 47 24.22 -19.66 -1.24
N VAL D 48 24.56 -20.67 -2.00
CA VAL D 48 25.24 -20.43 -3.25
C VAL D 48 24.47 -21.23 -4.27
N PRO D 49 24.07 -20.64 -5.41
CA PRO D 49 24.26 -19.27 -5.86
C PRO D 49 23.34 -18.22 -5.17
N GLY D 50 23.75 -16.96 -5.20
CA GLY D 50 22.91 -15.93 -4.61
C GLY D 50 23.77 -14.74 -4.33
N SER D 51 23.18 -13.52 -4.34
CA SER D 51 23.90 -12.41 -3.77
C SER D 51 23.98 -12.61 -2.28
N TYR D 52 25.08 -12.15 -1.67
CA TYR D 52 25.08 -12.24 -0.20
C TYR D 52 24.39 -11.05 0.48
N ASN D 53 24.08 -9.96 -0.23
CA ASN D 53 23.69 -8.74 0.45
C ASN D 53 22.40 -8.91 1.25
N ASP D 54 21.44 -9.70 0.74
CA ASP D 54 20.16 -9.79 1.44
C ASP D 54 19.98 -11.13 2.10
N GLN D 55 21.05 -11.86 2.30
CA GLN D 55 20.99 -13.09 3.07
C GLN D 55 21.39 -12.92 4.56
N ASN D 56 21.59 -11.70 5.07
CA ASN D 56 21.83 -11.62 6.52
C ASN D 56 21.25 -10.32 7.06
N ASP D 57 20.19 -10.38 7.82
CA ASP D 57 19.59 -9.16 8.36
C ASP D 57 20.19 -8.68 9.69
N GLU D 58 21.02 -9.49 10.37
CA GLU D 58 21.79 -8.98 11.53
C GLU D 58 22.86 -8.00 11.10
N LEU D 59 23.56 -8.29 10.01
CA LEU D 59 24.57 -7.39 9.48
C LEU D 59 23.96 -6.53 8.38
N ASN D 60 24.65 -5.48 8.01
CA ASN D 60 24.10 -4.67 6.93
C ASN D 60 24.90 -4.90 5.65
N LEU D 61 24.72 -6.07 5.04
CA LEU D 61 25.66 -6.41 3.96
C LEU D 61 25.39 -5.60 2.71
N ARG D 62 24.24 -4.94 2.64
CA ARG D 62 24.05 -3.96 1.57
C ARG D 62 25.07 -2.84 1.68
N ALA D 63 25.51 -2.54 2.90
CA ALA D 63 26.45 -1.44 3.16
C ALA D 63 27.91 -1.86 3.00
N HIS D 64 28.17 -3.17 2.84
CA HIS D 64 29.53 -3.70 2.79
C HIS D 64 30.38 -3.12 1.64
N TYR D 65 31.57 -2.67 2.02
CA TYR D 65 32.56 -2.22 1.04
C TYR D 65 33.79 -3.11 1.07
N GLY D 66 34.09 -3.77 -0.05
CA GLY D 66 35.29 -4.59 -0.14
C GLY D 66 35.08 -6.07 -0.39
N TRP D 67 35.79 -6.86 0.39
CA TRP D 67 36.00 -8.28 0.25
C TRP D 67 35.16 -9.08 1.23
N VAL D 68 34.76 -10.25 0.76
CA VAL D 68 34.15 -11.28 1.58
C VAL D 68 34.82 -12.57 1.19
N VAL D 69 34.73 -13.56 2.05
CA VAL D 69 35.37 -14.82 1.71
C VAL D 69 34.33 -15.90 1.90
N TYR D 70 34.05 -16.61 0.81
CA TYR D 70 33.29 -17.85 0.82
C TYR D 70 34.19 -19.08 1.05
N GLN D 71 33.64 -20.11 1.68
CA GLN D 71 34.35 -21.38 1.68
C GLN D 71 33.44 -22.60 1.86
N ARG D 72 33.79 -23.71 1.21
CA ARG D 72 33.18 -24.99 1.60
C ARG D 72 34.20 -26.08 1.35
N SER D 73 33.89 -27.27 1.87
CA SER D 73 34.52 -28.56 1.57
C SER D 73 33.72 -29.39 0.59
N PHE D 74 34.46 -30.22 -0.17
CA PHE D 74 33.84 -31.26 -0.98
C PHE D 74 34.79 -32.44 -1.16
N ALA D 75 34.22 -33.63 -1.39
CA ALA D 75 34.93 -34.89 -1.69
C ALA D 75 34.20 -35.66 -2.80
N VAL D 76 34.97 -36.32 -3.66
CA VAL D 76 34.38 -37.17 -4.71
C VAL D 76 35.15 -38.47 -4.78
N PRO D 77 34.54 -39.51 -5.37
CA PRO D 77 35.26 -40.81 -5.41
C PRO D 77 36.49 -40.72 -6.28
N SER D 78 37.55 -41.29 -5.78
CA SER D 78 38.76 -41.33 -6.56
C SER D 78 38.55 -41.98 -7.92
N ARG D 79 37.58 -42.87 -8.09
CA ARG D 79 37.51 -43.54 -9.38
C ARG D 79 36.99 -42.64 -10.49
N LEU D 80 36.66 -41.44 -10.16
CA LEU D 80 36.01 -40.51 -11.05
C LEU D 80 37.01 -39.56 -11.60
N VAL D 81 37.85 -39.09 -10.69
CA VAL D 81 38.88 -38.22 -11.15
C VAL D 81 39.90 -38.99 -11.92
N ALA D 82 40.03 -40.30 -11.68
CA ALA D 82 41.09 -41.12 -12.29
C ALA D 82 41.18 -40.92 -13.79
N GLY D 83 42.31 -40.37 -14.24
CA GLY D 83 42.57 -40.20 -15.67
C GLY D 83 41.90 -39.00 -16.31
N GLN D 84 41.14 -38.21 -15.57
CA GLN D 84 40.30 -37.19 -16.15
C GLN D 84 40.94 -35.82 -15.98
N ARG D 85 40.57 -34.94 -16.90
CA ARG D 85 40.86 -33.52 -16.77
C ARG D 85 39.78 -32.90 -15.88
N MET D 86 40.20 -32.29 -14.75
CA MET D 86 39.30 -31.75 -13.71
C MET D 86 39.20 -30.21 -13.80
N ILE D 87 37.99 -29.71 -14.17
CA ILE D 87 37.69 -28.28 -14.37
C ILE D 87 36.73 -27.79 -13.27
N LEU D 88 37.14 -26.73 -12.56
CA LEU D 88 36.29 -26.05 -11.58
C LEU D 88 35.73 -24.78 -12.23
N ARG D 89 34.43 -24.71 -12.39
CA ARG D 89 33.82 -23.60 -13.13
C ARG D 89 32.99 -22.72 -12.19
N PHE D 90 33.24 -21.40 -12.21
CA PHE D 90 32.34 -20.42 -11.60
C PHE D 90 31.51 -19.75 -12.68
N ASP D 91 30.19 -19.94 -12.62
CA ASP D 91 29.35 -19.31 -13.62
C ASP D 91 29.38 -17.79 -13.49
N ALA D 92 29.56 -17.26 -12.28
CA ALA D 92 29.72 -15.81 -12.12
C ALA D 92 30.07 -15.50 -10.66
N ALA D 93 31.15 -14.75 -10.47
CA ALA D 93 31.44 -14.28 -9.15
C ALA D 93 31.59 -12.77 -9.28
N THR D 94 30.74 -12.03 -8.56
CA THR D 94 30.58 -10.58 -8.80
C THR D 94 31.29 -9.76 -7.73
N HIS D 95 32.28 -8.93 -8.06
CA HIS D 95 32.81 -8.60 -9.38
C HIS D 95 34.15 -9.26 -9.72
N ALA D 96 34.97 -9.50 -8.70
CA ALA D 96 36.31 -10.02 -8.84
C ALA D 96 36.45 -11.12 -7.82
N ALA D 97 37.22 -12.18 -8.17
CA ALA D 97 37.47 -13.29 -7.24
C ALA D 97 38.93 -13.72 -7.29
N ASP D 98 39.44 -14.07 -6.11
CA ASP D 98 40.62 -14.93 -5.97
C ASP D 98 40.12 -16.28 -5.55
N VAL D 99 40.57 -17.35 -6.19
CA VAL D 99 40.11 -18.71 -5.92
C VAL D 99 41.25 -19.59 -5.45
N TYR D 100 41.02 -20.28 -4.34
CA TYR D 100 41.99 -21.15 -3.69
C TYR D 100 41.42 -22.55 -3.55
N LEU D 101 42.22 -23.58 -3.80
CA LEU D 101 41.77 -24.96 -3.56
C LEU D 101 42.88 -25.61 -2.77
N ASN D 102 42.57 -26.13 -1.59
CA ASN D 102 43.60 -26.67 -0.68
C ASN D 102 44.80 -25.73 -0.44
N GLY D 103 44.55 -24.47 -0.14
CA GLY D 103 45.62 -23.51 0.09
C GLY D 103 46.32 -22.99 -1.16
N GLN D 104 46.15 -23.64 -2.30
CA GLN D 104 46.84 -23.22 -3.52
C GLN D 104 46.01 -22.14 -4.21
N LEU D 105 46.63 -21.00 -4.48
CA LEU D 105 45.97 -19.95 -5.23
C LEU D 105 45.75 -20.47 -6.64
N LEU D 106 44.52 -20.62 -7.09
CA LEU D 106 44.34 -21.06 -8.46
C LEU D 106 44.47 -19.90 -9.47
N GLY D 107 44.15 -18.66 -9.06
CA GLY D 107 44.15 -17.53 -9.95
C GLY D 107 42.98 -16.59 -9.65
N SER D 108 42.85 -15.52 -10.40
CA SER D 108 41.83 -14.53 -10.14
C SER D 108 41.13 -14.13 -11.44
N HIS D 109 40.01 -13.43 -11.27
CA HIS D 109 39.13 -13.03 -12.36
C HIS D 109 38.47 -11.70 -12.03
N PHE D 110 38.29 -10.90 -13.07
CA PHE D 110 37.48 -9.69 -13.01
C PHE D 110 36.45 -9.81 -14.11
N GLY D 111 35.21 -9.47 -13.79
CA GLY D 111 34.09 -9.49 -14.71
C GLY D 111 32.92 -10.23 -14.04
N GLY D 112 31.97 -9.46 -13.51
CA GLY D 112 31.12 -10.06 -12.52
C GLY D 112 29.96 -10.84 -13.08
N PHE D 113 29.92 -11.05 -14.39
CA PHE D 113 28.71 -11.56 -15.04
C PHE D 113 28.98 -12.61 -16.13
N LEU D 114 30.18 -13.17 -16.17
CA LEU D 114 30.68 -14.08 -17.17
C LEU D 114 31.45 -15.15 -16.45
N PRO D 115 31.35 -16.38 -16.92
CA PRO D 115 31.94 -17.52 -16.23
C PRO D 115 33.45 -17.59 -16.40
N PHE D 116 34.08 -18.27 -15.48
CA PHE D 116 35.51 -18.48 -15.58
C PHE D 116 35.83 -19.81 -14.86
N GLU D 117 36.95 -20.45 -15.24
CA GLU D 117 37.25 -21.81 -14.79
C GLU D 117 38.76 -21.99 -14.66
N PHE D 118 39.14 -23.07 -13.94
CA PHE D 118 40.51 -23.37 -13.58
C PHE D 118 40.72 -24.87 -13.72
N ASP D 119 41.88 -25.26 -14.24
CA ASP D 119 42.20 -26.69 -14.29
C ASP D 119 42.72 -27.04 -12.92
N VAL D 120 41.99 -27.91 -12.20
CA VAL D 120 42.37 -28.30 -10.86
C VAL D 120 42.88 -29.74 -10.80
N THR D 121 43.10 -30.37 -11.97
CA THR D 121 43.49 -31.78 -12.00
C THR D 121 44.55 -32.04 -10.95
N SER D 122 45.50 -31.12 -10.82
CA SER D 122 46.65 -31.36 -9.96
C SER D 122 46.58 -30.71 -8.59
N ALA D 123 45.54 -29.92 -8.30
CA ALA D 123 45.37 -29.43 -6.96
C ALA D 123 44.37 -30.26 -6.15
N LEU D 124 43.55 -31.10 -6.80
CA LEU D 124 42.66 -32.02 -6.09
C LEU D 124 43.44 -33.10 -5.37
N HIS D 125 42.80 -33.69 -4.36
CA HIS D 125 43.35 -34.89 -3.76
C HIS D 125 42.19 -35.65 -3.12
N ALA D 126 42.46 -36.90 -2.74
CA ALA D 126 41.40 -37.72 -2.19
C ALA D 126 40.90 -37.16 -0.86
N GLY D 127 39.68 -37.55 -0.52
CA GLY D 127 39.09 -37.03 0.69
C GLY D 127 38.62 -35.60 0.53
N GLU D 128 38.43 -34.95 1.67
CA GLU D 128 37.88 -33.59 1.69
C GLU D 128 38.82 -32.57 1.07
N ASN D 129 38.32 -31.80 0.12
CA ASN D 129 39.04 -30.67 -0.46
C ASN D 129 38.44 -29.38 0.08
N LEU D 130 39.27 -28.37 0.23
CA LEU D 130 38.86 -27.12 0.87
C LEU D 130 38.90 -25.98 -0.15
N LEU D 131 37.73 -25.42 -0.46
CA LEU D 131 37.58 -24.48 -1.57
C LEU D 131 37.29 -23.11 -0.95
N THR D 132 38.13 -22.12 -1.25
CA THR D 132 38.10 -20.81 -0.60
C THR D 132 38.04 -19.77 -1.70
N VAL D 133 37.00 -18.92 -1.66
CA VAL D 133 36.80 -17.96 -2.74
C VAL D 133 36.62 -16.58 -2.14
N ALA D 134 37.59 -15.71 -2.34
CA ALA D 134 37.42 -14.33 -1.96
C ALA D 134 36.71 -13.57 -3.06
N VAL D 135 35.65 -12.84 -2.72
CA VAL D 135 34.88 -12.06 -3.70
C VAL D 135 34.96 -10.56 -3.38
N ASP D 136 35.28 -9.77 -4.40
CA ASP D 136 35.52 -8.34 -4.21
C ASP D 136 34.39 -7.55 -4.88
N ASN D 137 33.69 -6.69 -4.12
CA ASN D 137 32.53 -6.03 -4.71
C ASN D 137 32.81 -4.61 -5.16
N ARG D 138 34.06 -4.16 -5.07
CA ARG D 138 34.32 -2.76 -5.25
C ARG D 138 34.14 -2.35 -6.69
N ILE D 139 33.59 -1.15 -6.88
CA ILE D 139 33.43 -0.58 -8.20
C ILE D 139 33.99 0.84 -8.20
N GLY D 140 34.41 1.30 -9.35
CA GLY D 140 34.98 2.64 -9.41
C GLY D 140 35.21 3.04 -10.84
N SER D 141 36.05 4.04 -11.03
CA SER D 141 36.12 4.56 -12.36
C SER D 141 36.89 3.63 -13.30
N SER D 142 37.48 2.55 -12.81
CA SER D 142 38.06 1.63 -13.78
C SER D 142 37.36 0.26 -13.84
N THR D 143 36.14 0.10 -13.24
CA THR D 143 35.36 -1.12 -13.38
C THR D 143 34.26 -1.02 -14.44
N LEU D 144 33.84 -2.18 -14.92
CA LEU D 144 32.62 -2.30 -15.71
C LEU D 144 31.79 -3.32 -14.94
N PRO D 145 30.61 -2.93 -14.47
CA PRO D 145 29.97 -1.60 -14.57
C PRO D 145 30.70 -0.48 -13.76
N VAL D 146 30.53 0.78 -14.11
CA VAL D 146 31.36 1.86 -13.59
C VAL D 146 30.83 2.33 -12.22
N GLY D 147 31.75 2.45 -11.22
CA GLY D 147 31.49 3.17 -10.00
C GLY D 147 32.07 4.58 -10.04
N ASN D 148 31.53 5.45 -9.17
CA ASN D 148 32.03 6.81 -8.95
C ASN D 148 33.00 6.80 -7.78
N ASP D 149 34.18 7.46 -7.98
CA ASP D 149 35.26 7.42 -6.96
C ASP D 149 34.97 8.35 -5.81
N ALA D 150 34.29 9.45 -6.09
CA ALA D 150 33.88 10.36 -5.04
C ALA D 150 32.48 10.85 -5.35
N GLY D 151 31.85 11.51 -4.40
CA GLY D 151 30.66 12.24 -4.77
C GLY D 151 29.35 11.55 -4.46
N THR D 152 28.45 11.40 -5.44
CA THR D 152 27.21 10.68 -5.19
C THR D 152 27.12 9.54 -6.18
N ALA D 153 26.28 8.56 -5.81
CA ALA D 153 25.79 7.63 -6.78
C ALA D 153 24.97 8.33 -7.88
N PHE D 154 24.72 7.57 -8.92
CA PHE D 154 23.98 8.03 -10.06
C PHE D 154 22.57 8.42 -9.64
N MET D 155 22.06 9.47 -10.25
CA MET D 155 20.80 10.07 -9.82
C MET D 155 20.79 10.40 -8.31
N GLY D 156 21.95 10.66 -7.71
CA GLY D 156 21.96 11.05 -6.30
C GLY D 156 21.72 12.55 -6.11
N SER D 157 21.06 12.88 -5.01
CA SER D 157 20.89 14.25 -4.56
C SER D 157 22.16 14.74 -3.82
N ASP D 158 22.46 16.04 -3.87
CA ASP D 158 23.60 16.66 -3.14
C ASP D 158 23.30 18.11 -2.76
N ASN D 159 24.01 18.65 -1.71
CA ASN D 159 24.12 20.12 -1.42
C ASN D 159 25.63 20.42 -1.35
N ALA D 160 26.29 20.33 -2.50
CA ALA D 160 27.76 20.29 -2.53
C ALA D 160 28.41 21.57 -2.01
N ASN D 161 27.73 22.73 -2.08
CA ASN D 161 28.24 24.03 -1.67
C ASN D 161 28.07 24.30 -0.19
N VAL D 162 27.41 23.43 0.56
CA VAL D 162 27.34 23.57 1.99
C VAL D 162 28.70 23.14 2.56
N PRO D 163 29.44 24.03 3.23
CA PRO D 163 30.79 23.60 3.76
C PRO D 163 30.78 22.37 4.66
N ALA D 164 29.81 22.24 5.58
CA ALA D 164 29.62 21.03 6.42
C ALA D 164 29.45 19.76 5.60
N VAL D 165 28.81 19.85 4.43
CA VAL D 165 28.67 18.65 3.59
C VAL D 165 30.02 18.26 3.01
N ALA D 166 30.73 19.26 2.46
CA ALA D 166 32.00 18.99 1.80
C ALA D 166 33.00 18.38 2.79
N GLU D 167 32.93 18.81 4.02
CA GLU D 167 33.82 18.37 5.07
C GLU D 167 33.41 16.98 5.57
N ALA D 168 32.10 16.77 5.79
CA ALA D 168 31.63 15.44 6.17
C ALA D 168 31.93 14.39 5.11
N LYS D 169 31.88 14.73 3.82
CA LYS D 169 32.22 13.76 2.77
C LYS D 169 33.62 13.21 2.94
N LYS D 170 34.57 14.04 3.36
CA LYS D 170 35.95 13.57 3.50
C LYS D 170 36.06 12.41 4.48
N HIS D 171 35.14 12.33 5.44
CA HIS D 171 35.29 11.34 6.49
C HIS D 171 34.17 10.31 6.50
N ALA D 172 33.27 10.33 5.54
CA ALA D 172 32.23 9.35 5.46
C ALA D 172 32.82 7.94 5.25
N ARG D 173 32.10 6.93 5.76
CA ARG D 173 32.45 5.53 5.50
C ARG D 173 32.46 5.27 3.99
N ARG D 174 33.50 4.56 3.53
CA ARG D 174 33.54 4.24 2.11
C ARG D 174 32.36 3.37 1.71
N GLN D 175 31.70 3.74 0.64
CA GLN D 175 30.74 2.83 0.07
C GLN D 175 30.86 2.89 -1.45
N ASN D 176 30.51 1.79 -2.12
CA ASN D 176 30.45 1.80 -3.58
C ASN D 176 29.40 2.79 -4.04
N LEU D 177 29.77 3.65 -4.97
CA LEU D 177 28.76 4.56 -5.51
C LEU D 177 28.46 4.21 -6.98
N PRO D 178 27.43 3.40 -7.26
CA PRO D 178 27.17 2.97 -8.64
C PRO D 178 26.90 4.15 -9.54
N ASN D 179 27.59 4.19 -10.70
CA ASN D 179 27.20 5.14 -11.75
C ASN D 179 26.18 4.51 -12.66
N PHE D 180 25.30 3.67 -12.10
CA PHE D 180 24.31 2.93 -12.84
C PHE D 180 23.12 2.74 -11.91
N ASP D 181 21.92 2.65 -12.51
CA ASP D 181 20.71 2.76 -11.73
C ASP D 181 20.25 1.36 -11.34
N PHE D 182 21.10 0.60 -10.66
CA PHE D 182 20.63 -0.66 -10.08
C PHE D 182 21.58 -1.05 -8.97
N PHE D 183 21.06 -1.81 -8.01
CA PHE D 183 21.82 -2.07 -6.78
C PHE D 183 23.06 -2.91 -7.09
N ASN D 184 24.20 -2.61 -6.42
CA ASN D 184 25.45 -3.35 -6.63
C ASN D 184 25.50 -4.71 -5.89
N PHE D 185 24.60 -5.63 -6.28
CA PHE D 185 24.62 -6.98 -5.68
C PHE D 185 25.87 -7.80 -6.02
N ALA D 186 26.50 -8.38 -5.00
CA ALA D 186 27.79 -9.07 -5.18
C ALA D 186 27.74 -10.49 -4.59
N GLY D 187 28.80 -11.27 -4.84
CA GLY D 187 28.87 -12.62 -4.33
C GLY D 187 28.91 -13.66 -5.44
N LEU D 188 28.72 -14.92 -5.05
CA LEU D 188 28.58 -16.06 -5.96
C LEU D 188 27.17 -16.10 -6.53
N ASN D 189 26.91 -15.14 -7.44
CA ASN D 189 25.61 -14.92 -8.04
C ASN D 189 25.13 -16.11 -8.87
N ARG D 190 26.04 -16.92 -9.40
CA ARG D 190 25.64 -18.04 -10.25
C ARG D 190 26.34 -19.30 -9.79
N HIS D 191 26.02 -20.42 -10.45
CA HIS D 191 26.38 -21.75 -9.98
C HIS D 191 27.90 -21.96 -9.95
N VAL D 192 28.31 -22.90 -9.11
CA VAL D 192 29.68 -23.37 -9.02
C VAL D 192 29.63 -24.87 -9.21
N GLU D 193 30.55 -25.41 -10.02
CA GLU D 193 30.51 -26.85 -10.24
C GLU D 193 31.90 -27.30 -10.65
N LEU D 194 32.22 -28.52 -10.28
CA LEU D 194 33.39 -29.21 -10.81
C LEU D 194 32.95 -30.17 -11.93
N TYR D 195 33.70 -30.21 -13.03
CA TYR D 195 33.35 -31.13 -14.10
C TYR D 195 34.62 -31.80 -14.68
N THR D 196 34.34 -32.87 -15.43
CA THR D 196 35.24 -33.87 -16.01
C THR D 196 35.24 -33.74 -17.52
N THR D 197 36.42 -33.81 -18.14
CA THR D 197 36.53 -34.21 -19.55
C THR D 197 37.62 -35.27 -19.64
N PRO D 198 37.69 -36.01 -20.76
CA PRO D 198 38.89 -36.85 -20.98
C PRO D 198 40.15 -35.98 -21.04
N ALA D 199 41.23 -36.49 -20.47
CA ALA D 199 42.53 -35.80 -20.43
C ALA D 199 43.25 -35.77 -21.80
N ASP D 200 43.24 -36.86 -22.56
CA ASP D 200 44.15 -36.92 -23.71
C ASP D 200 43.71 -36.00 -24.84
N ALA D 201 42.42 -35.93 -25.11
CA ALA D 201 41.84 -35.12 -26.18
C ALA D 201 40.39 -34.83 -25.81
N TYR D 202 39.93 -33.61 -26.09
CA TYR D 202 38.59 -33.30 -25.62
C TYR D 202 37.99 -32.18 -26.46
N ILE D 203 36.68 -32.20 -26.57
CA ILE D 203 35.99 -31.07 -27.20
C ILE D 203 36.11 -29.85 -26.30
N ALA D 204 36.60 -28.71 -26.87
CA ALA D 204 36.77 -27.49 -26.08
C ALA D 204 35.79 -26.37 -26.45
N ASP D 205 35.25 -26.40 -27.66
CA ASP D 205 34.35 -25.38 -28.13
C ASP D 205 33.63 -25.93 -29.36
N ILE D 206 32.42 -25.44 -29.54
CA ILE D 206 31.54 -25.75 -30.66
C ILE D 206 30.82 -24.48 -31.04
N ALA D 207 30.84 -24.12 -32.32
CA ALA D 207 30.00 -23.04 -32.80
C ALA D 207 29.25 -23.43 -34.07
N ILE D 208 27.94 -23.19 -34.05
CA ILE D 208 27.02 -23.49 -35.14
C ILE D 208 26.46 -22.18 -35.68
N THR D 209 26.37 -22.07 -37.01
CA THR D 209 25.86 -20.85 -37.63
C THR D 209 24.89 -21.23 -38.72
N THR D 210 23.88 -20.41 -38.91
CA THR D 210 22.94 -20.58 -40.00
C THR D 210 23.54 -19.77 -41.16
N GLU D 211 24.06 -20.48 -42.17
CA GLU D 211 24.81 -19.83 -43.25
C GLU D 211 23.91 -19.32 -44.36
N ARG D 212 22.88 -20.06 -44.76
CA ARG D 212 22.03 -19.57 -45.86
C ARG D 212 20.75 -20.40 -45.83
N LEU D 213 19.64 -19.83 -46.32
CA LEU D 213 18.34 -20.47 -46.38
C LEU D 213 17.82 -20.34 -47.80
N ASP D 214 17.42 -21.47 -48.41
CA ASP D 214 16.88 -21.49 -49.77
C ASP D 214 15.39 -21.71 -49.72
N HIS D 215 14.65 -20.87 -50.42
CA HIS D 215 13.20 -21.01 -50.61
C HIS D 215 12.47 -21.16 -49.28
N ILE D 216 12.55 -20.09 -48.47
CA ILE D 216 11.85 -20.04 -47.19
C ILE D 216 10.35 -20.04 -47.43
N ALA D 217 9.60 -20.85 -46.67
CA ALA D 217 8.14 -20.86 -46.79
C ALA D 217 7.52 -19.47 -46.49
N GLY D 218 6.29 -19.27 -47.03
CA GLY D 218 5.56 -18.03 -46.78
C GLY D 218 5.35 -17.69 -45.30
N ASP D 219 5.14 -18.70 -44.49
CA ASP D 219 4.90 -18.52 -43.08
C ASP D 219 6.18 -18.60 -42.26
N ALA D 220 7.35 -18.71 -42.93
CA ALA D 220 8.71 -18.90 -42.41
C ALA D 220 8.85 -20.09 -41.48
N CYS D 221 7.98 -21.08 -41.54
CA CYS D 221 8.12 -22.21 -40.61
C CYS D 221 9.21 -23.20 -41.06
N THR D 222 9.49 -23.23 -42.37
CA THR D 222 10.45 -24.14 -42.98
C THR D 222 11.19 -23.40 -44.12
N ALA D 223 12.30 -23.97 -44.53
CA ALA D 223 12.95 -23.60 -45.79
C ALA D 223 13.15 -24.89 -46.59
N ALA D 224 13.15 -24.79 -47.94
CA ALA D 224 13.45 -25.99 -48.76
C ALA D 224 14.82 -26.56 -48.40
N ASN D 225 15.76 -25.72 -48.05
CA ASN D 225 17.09 -26.19 -47.69
C ASN D 225 17.72 -25.16 -46.77
N ALA D 226 18.45 -25.64 -45.78
CA ALA D 226 19.24 -24.75 -44.95
C ALA D 226 20.70 -25.18 -44.99
N LEU D 227 21.59 -24.23 -45.22
CA LEU D 227 23.02 -24.46 -45.03
C LEU D 227 23.46 -24.02 -43.63
N ILE D 228 23.95 -24.94 -42.82
CA ILE D 228 24.57 -24.59 -41.54
C ILE D 228 26.05 -24.93 -41.59
N ALA D 229 26.79 -24.32 -40.68
CA ALA D 229 28.24 -24.45 -40.57
C ALA D 229 28.60 -24.80 -39.15
N TYR D 230 29.59 -25.67 -38.99
CA TYR D 230 30.10 -26.05 -37.69
C TYR D 230 31.57 -25.72 -37.63
N ASP D 231 32.03 -25.54 -36.39
CA ASP D 231 33.40 -25.20 -36.04
C ASP D 231 33.59 -25.83 -34.67
N VAL D 232 34.42 -26.86 -34.58
CA VAL D 232 34.68 -27.56 -33.33
C VAL D 232 36.16 -27.43 -33.03
N THR D 233 36.47 -26.96 -31.83
CA THR D 233 37.81 -26.86 -31.29
C THR D 233 38.03 -27.94 -30.26
N PHE D 234 39.27 -28.41 -30.15
CA PHE D 234 39.65 -29.46 -29.22
C PHE D 234 40.84 -28.99 -28.41
N GLY D 235 41.00 -29.59 -27.23
CA GLY D 235 42.20 -29.38 -26.44
C GLY D 235 42.88 -30.72 -26.27
N GLY D 236 44.05 -30.66 -25.68
CA GLY D 236 44.78 -31.85 -25.31
C GLY D 236 45.97 -32.02 -26.23
N ASP D 237 46.67 -33.16 -26.03
CA ASP D 237 47.91 -33.54 -26.76
C ASP D 237 49.06 -32.48 -26.57
N GLY D 276 45.16 -36.81 -37.83
CA GLY D 276 44.83 -38.22 -38.07
C GLY D 276 43.61 -38.71 -37.27
N ARG D 277 42.90 -37.73 -36.73
CA ARG D 277 41.73 -37.95 -35.88
C ARG D 277 40.45 -37.46 -36.54
N GLN D 278 39.34 -37.93 -36.01
CA GLN D 278 38.06 -37.52 -36.56
C GLN D 278 37.04 -37.12 -35.48
N VAL D 279 36.05 -36.32 -35.90
CA VAL D 279 34.84 -36.05 -35.12
C VAL D 279 33.66 -36.37 -36.01
N ARG D 280 32.68 -37.05 -35.42
CA ARG D 280 31.38 -37.30 -36.04
C ARG D 280 30.35 -36.28 -35.55
N ILE D 281 29.69 -35.58 -36.48
CA ILE D 281 28.68 -34.57 -36.18
C ILE D 281 27.29 -35.05 -36.65
N SER D 282 26.35 -35.09 -35.74
CA SER D 282 25.02 -35.53 -36.06
C SER D 282 24.06 -34.42 -35.74
N ILE D 283 23.08 -34.26 -36.58
CA ILE D 283 22.07 -33.24 -36.40
C ILE D 283 20.79 -33.97 -36.12
N LEU D 284 20.27 -33.75 -34.91
CA LEU D 284 19.06 -34.34 -34.37
C LEU D 284 17.94 -33.30 -34.46
N ASP D 285 16.78 -33.67 -34.99
CA ASP D 285 15.67 -32.75 -34.99
C ASP D 285 14.89 -32.85 -33.66
N GLY D 286 13.82 -32.08 -33.57
CA GLY D 286 13.14 -31.96 -32.30
C GLY D 286 12.60 -33.27 -31.77
N GLU D 287 12.51 -34.30 -32.64
CA GLU D 287 12.17 -35.61 -32.14
C GLU D 287 13.39 -36.45 -31.84
N GLY D 288 14.59 -35.92 -32.00
CA GLY D 288 15.69 -36.82 -31.81
C GLY D 288 16.10 -37.68 -33.01
N THR D 289 15.41 -37.57 -34.18
CA THR D 289 15.87 -38.25 -35.40
C THR D 289 17.15 -37.61 -35.98
N VAL D 290 18.13 -38.44 -36.32
CA VAL D 290 19.28 -37.91 -37.03
C VAL D 290 18.87 -37.64 -38.46
N VAL D 291 18.80 -36.35 -38.82
CA VAL D 291 18.40 -35.92 -40.15
C VAL D 291 19.58 -35.58 -41.02
N ALA D 292 20.76 -35.46 -40.44
CA ALA D 292 21.93 -35.15 -41.24
C ALA D 292 23.11 -35.45 -40.34
N GLY D 293 24.26 -35.58 -40.94
CA GLY D 293 25.36 -36.04 -40.14
C GLY D 293 26.58 -36.00 -41.02
N VAL D 294 27.77 -35.83 -40.43
CA VAL D 294 28.99 -35.87 -41.23
C VAL D 294 30.14 -36.25 -40.32
N THR D 295 31.15 -36.92 -40.90
CA THR D 295 32.39 -37.23 -40.19
C THR D 295 33.52 -36.38 -40.71
N ALA D 296 34.16 -35.63 -39.84
CA ALA D 296 35.04 -34.54 -40.26
C ALA D 296 36.44 -34.77 -39.74
N ASP D 297 37.41 -34.29 -40.52
CA ASP D 297 38.82 -34.41 -40.16
C ASP D 297 39.17 -33.29 -39.18
N ILE D 298 40.06 -33.59 -38.25
CA ILE D 298 40.52 -32.62 -37.28
C ILE D 298 41.95 -32.21 -37.66
N GLU D 299 42.20 -30.89 -37.75
CA GLU D 299 43.46 -30.30 -38.24
C GLU D 299 44.07 -29.35 -37.22
N ARG D 300 45.38 -29.43 -37.01
CA ARG D 300 46.11 -28.54 -36.08
C ARG D 300 46.83 -27.37 -36.76
N THR D 305 46.67 -25.62 -32.77
CA THR D 305 45.25 -25.48 -32.46
C THR D 305 44.31 -26.40 -33.28
N ALA D 306 43.77 -27.40 -32.59
CA ALA D 306 43.08 -28.48 -33.26
C ALA D 306 41.60 -28.14 -33.50
N LYS D 307 41.16 -28.28 -34.75
CA LYS D 307 39.90 -27.68 -35.21
C LYS D 307 39.34 -28.58 -36.30
N ALA D 308 38.02 -28.78 -36.30
CA ALA D 308 37.28 -29.36 -37.41
C ALA D 308 36.22 -28.35 -37.81
N SER D 309 36.12 -28.07 -39.10
CA SER D 309 35.05 -27.20 -39.56
C SER D 309 34.51 -27.69 -40.88
N GLY D 310 33.29 -27.30 -41.18
CA GLY D 310 32.66 -27.65 -42.44
C GLY D 310 31.24 -27.13 -42.49
N GLU D 311 30.47 -27.59 -43.48
CA GLU D 311 29.08 -27.22 -43.66
C GLU D 311 28.21 -28.46 -43.82
N ILE D 312 26.89 -28.26 -43.75
CA ILE D 312 25.95 -29.37 -43.66
C ILE D 312 24.66 -28.83 -44.24
N ALA D 313 24.14 -29.50 -45.26
CA ALA D 313 22.87 -29.10 -45.81
C ALA D 313 21.75 -29.88 -45.12
N ILE D 314 20.62 -29.20 -44.90
CA ILE D 314 19.49 -29.72 -44.18
C ILE D 314 18.22 -29.37 -44.97
N ARG D 315 17.58 -30.37 -45.55
CA ARG D 315 16.40 -30.10 -46.36
C ARG D 315 15.16 -30.00 -45.52
N ASP D 316 14.20 -29.22 -46.02
CA ASP D 316 12.93 -29.04 -45.32
C ASP D 316 13.22 -28.64 -43.87
N ALA D 317 14.21 -27.78 -43.72
CA ALA D 317 14.66 -27.38 -42.40
C ALA D 317 13.54 -26.63 -41.70
N LYS D 318 13.37 -26.93 -40.41
CA LYS D 318 12.36 -26.30 -39.56
C LYS D 318 13.03 -25.16 -38.81
N LEU D 319 12.58 -23.95 -39.12
CA LEU D 319 13.22 -22.70 -38.74
C LEU D 319 12.80 -22.28 -37.34
N TRP D 320 13.72 -21.63 -36.64
CA TRP D 320 13.44 -21.07 -35.30
C TRP D 320 12.92 -19.67 -35.54
N ASN D 321 11.69 -19.37 -35.06
CA ASN D 321 11.15 -18.02 -35.09
C ASN D 321 10.65 -17.55 -33.73
N PRO D 322 10.62 -16.25 -33.53
CA PRO D 322 9.92 -15.68 -32.38
C PRO D 322 8.48 -16.18 -32.34
N GLY D 323 8.00 -16.61 -31.16
CA GLY D 323 6.65 -17.12 -31.13
C GLY D 323 6.46 -18.55 -31.61
N ALA D 324 7.49 -19.20 -32.10
CA ALA D 324 7.36 -20.54 -32.64
C ALA D 324 8.77 -21.13 -32.69
N ALA D 325 9.31 -21.53 -31.55
CA ALA D 325 10.67 -22.02 -31.48
C ALA D 325 10.78 -23.39 -32.17
N TYR D 326 11.98 -23.70 -32.68
CA TYR D 326 12.29 -25.04 -33.09
C TYR D 326 13.77 -25.24 -32.89
N LEU D 327 14.16 -26.28 -32.15
CA LEU D 327 15.55 -26.51 -31.80
C LEU D 327 16.04 -27.84 -32.37
N TYR D 328 17.27 -27.79 -32.89
CA TYR D 328 18.08 -28.93 -33.29
C TYR D 328 19.17 -29.14 -32.26
N THR D 329 19.74 -30.32 -32.29
CA THR D 329 20.88 -30.67 -31.49
C THR D 329 22.00 -31.08 -32.43
N ALA D 330 23.16 -30.46 -32.26
CA ALA D 330 24.39 -30.86 -32.91
C ALA D 330 25.18 -31.67 -31.91
N VAL D 331 25.28 -32.96 -32.17
CA VAL D 331 25.99 -33.91 -31.30
C VAL D 331 27.39 -34.13 -31.88
N ALA D 332 28.42 -33.75 -31.14
CA ALA D 332 29.79 -33.90 -31.62
C ALA D 332 30.42 -35.05 -30.92
N GLU D 333 30.89 -36.04 -31.70
CA GLU D 333 31.53 -37.22 -31.11
C GLU D 333 32.94 -37.37 -31.65
N LEU D 334 33.92 -37.31 -30.74
CA LEU D 334 35.35 -37.52 -30.98
C LEU D 334 35.63 -38.99 -31.16
N LEU D 335 36.00 -39.40 -32.39
CA LEU D 335 36.22 -40.83 -32.68
C LEU D 335 37.65 -41.23 -32.32
N PRO D 336 37.87 -42.49 -31.91
CA PRO D 336 39.24 -43.02 -31.75
C PRO D 336 39.86 -43.46 -33.07
N SER D 344 34.45 -48.40 -33.00
CA SER D 344 33.03 -48.24 -32.61
C SER D 344 32.78 -47.38 -31.31
N ARG D 345 33.78 -47.40 -30.41
CA ARG D 345 33.75 -46.63 -29.17
C ARG D 345 33.72 -45.10 -29.40
N ILE D 346 33.51 -44.34 -28.32
CA ILE D 346 33.50 -42.86 -28.37
C ILE D 346 34.44 -42.29 -27.31
N ILE D 347 35.36 -41.39 -27.72
CA ILE D 347 36.30 -40.77 -26.79
C ILE D 347 35.63 -39.69 -25.93
N ASP D 348 34.93 -38.76 -26.57
CA ASP D 348 34.35 -37.61 -25.91
C ASP D 348 33.17 -37.15 -26.73
N ALA D 349 32.18 -36.51 -26.08
CA ALA D 349 30.98 -36.06 -26.75
C ALA D 349 30.43 -34.78 -26.12
N TYR D 350 29.87 -33.89 -26.94
CA TYR D 350 29.08 -32.77 -26.44
C TYR D 350 27.83 -32.66 -27.31
N ARG D 351 26.67 -32.30 -26.65
CA ARG D 351 25.37 -32.09 -27.30
C ARG D 351 25.04 -30.59 -27.28
N GLN D 352 25.15 -29.94 -28.45
CA GLN D 352 25.07 -28.51 -28.57
C GLN D 352 23.74 -28.14 -29.20
N THR D 353 22.84 -27.54 -28.41
CA THR D 353 21.56 -27.14 -28.96
C THR D 353 21.71 -25.99 -29.94
N PHE D 354 20.78 -25.86 -30.87
CA PHE D 354 20.91 -24.73 -31.77
C PHE D 354 19.61 -24.57 -32.52
N GLY D 355 19.46 -23.43 -33.18
CA GLY D 355 18.29 -23.17 -33.98
C GLY D 355 18.66 -22.53 -35.30
N ILE D 356 17.82 -22.75 -36.31
CA ILE D 356 18.16 -22.36 -37.66
C ILE D 356 17.33 -21.16 -38.02
N ARG D 357 17.99 -20.03 -38.15
CA ARG D 357 17.30 -18.82 -38.52
C ARG D 357 18.40 -17.88 -38.95
N THR D 358 18.05 -16.91 -39.80
CA THR D 358 18.95 -15.85 -40.21
C THR D 358 18.46 -14.54 -39.61
N VAL D 359 19.38 -13.63 -39.36
CA VAL D 359 19.07 -12.25 -38.95
C VAL D 359 19.71 -11.31 -39.96
N GLU D 360 18.95 -10.34 -40.43
CA GLU D 360 19.58 -9.37 -41.30
C GLU D 360 18.93 -8.00 -41.20
N VAL D 361 19.72 -6.97 -40.91
CA VAL D 361 19.23 -5.60 -41.07
C VAL D 361 19.30 -5.21 -42.54
N SER D 362 18.21 -4.67 -43.06
CA SER D 362 18.16 -4.30 -44.46
C SER D 362 17.34 -3.02 -44.58
N GLY D 363 18.05 -1.92 -44.82
CA GLY D 363 17.43 -0.60 -44.89
C GLY D 363 16.93 -0.23 -43.51
N THR D 364 15.62 0.00 -43.42
CA THR D 364 14.95 0.26 -42.15
C THR D 364 14.18 -0.94 -41.59
N THR D 365 14.57 -2.18 -41.96
CA THR D 365 13.88 -3.39 -41.52
C THR D 365 14.83 -4.38 -40.82
N PHE D 366 14.28 -5.16 -39.91
CA PHE D 366 15.03 -6.13 -39.15
C PHE D 366 14.46 -7.49 -39.53
N LEU D 367 15.20 -8.27 -40.28
CA LEU D 367 14.61 -9.46 -40.89
C LEU D 367 15.12 -10.70 -40.19
N ILE D 368 14.19 -11.45 -39.65
CA ILE D 368 14.44 -12.80 -39.17
C ILE D 368 13.80 -13.73 -40.18
N ASN D 369 14.64 -14.65 -40.70
CA ASN D 369 14.29 -15.52 -41.80
C ASN D 369 13.63 -14.70 -42.90
N GLY D 370 14.19 -13.51 -43.15
CA GLY D 370 13.74 -12.68 -44.22
C GLY D 370 12.40 -12.00 -44.00
N LYS D 371 11.82 -12.10 -42.78
CA LYS D 371 10.52 -11.41 -42.56
C LYS D 371 10.68 -10.18 -41.67
N PRO D 372 9.90 -9.11 -41.89
CA PRO D 372 10.18 -7.87 -41.17
C PRO D 372 9.63 -8.00 -39.75
N PHE D 373 10.55 -8.14 -38.80
CA PHE D 373 10.24 -8.34 -37.39
C PHE D 373 9.99 -6.97 -36.68
N TYR D 374 9.06 -6.95 -35.69
CA TYR D 374 8.81 -5.84 -34.73
C TYR D 374 9.10 -6.28 -33.28
N PHE D 375 10.03 -5.61 -32.58
CA PHE D 375 10.24 -6.01 -31.17
C PHE D 375 9.09 -5.54 -30.28
N LYS D 376 8.56 -6.46 -29.49
CA LYS D 376 7.68 -6.12 -28.38
C LYS D 376 8.35 -6.62 -27.08
N GLY D 377 8.63 -5.71 -26.14
CA GLY D 377 9.18 -6.18 -24.89
C GLY D 377 9.68 -5.10 -23.97
N PHE D 378 10.81 -5.33 -23.33
CA PHE D 378 11.25 -4.51 -22.21
C PHE D 378 12.70 -4.81 -21.94
N GLY D 379 13.35 -3.88 -21.26
CA GLY D 379 14.51 -4.26 -20.48
C GLY D 379 14.09 -5.06 -19.27
N LYS D 380 14.98 -5.95 -18.84
CA LYS D 380 14.79 -6.78 -17.66
C LYS D 380 15.88 -6.47 -16.66
N HIS D 381 15.90 -7.22 -15.56
CA HIS D 381 17.01 -7.26 -14.62
C HIS D 381 17.01 -8.64 -14.03
N GLU D 382 18.19 -9.14 -13.67
CA GLU D 382 18.23 -10.30 -12.78
C GLU D 382 18.19 -9.73 -11.39
N ASP D 383 17.00 -9.79 -10.81
CA ASP D 383 16.68 -9.10 -9.59
C ASP D 383 15.43 -9.73 -8.96
N SER D 384 15.53 -10.06 -7.67
CA SER D 384 14.38 -10.46 -6.89
C SER D 384 14.72 -10.31 -5.44
N TYR D 385 13.66 -10.41 -4.64
CA TYR D 385 13.68 -10.16 -3.19
C TYR D 385 14.80 -10.86 -2.38
N PHE D 386 15.04 -12.13 -2.53
CA PHE D 386 16.03 -12.52 -1.48
C PHE D 386 17.39 -12.89 -2.09
N HIS D 387 17.30 -13.31 -3.36
CA HIS D 387 18.39 -13.71 -4.21
C HIS D 387 19.23 -12.55 -4.64
N GLY D 388 18.66 -11.38 -4.68
CA GLY D 388 19.33 -10.24 -5.27
C GLY D 388 19.55 -10.50 -6.75
N ARG D 389 20.82 -10.53 -7.16
CA ARG D 389 21.15 -10.81 -8.55
C ARG D 389 21.32 -12.31 -8.75
N GLY D 390 21.16 -13.11 -7.70
CA GLY D 390 21.44 -14.54 -7.83
C GLY D 390 20.48 -15.23 -8.81
N THR D 391 20.99 -16.18 -9.53
CA THR D 391 20.13 -16.83 -10.47
C THR D 391 19.07 -17.68 -9.76
N ASP D 392 17.92 -17.77 -10.38
CA ASP D 392 16.80 -18.50 -9.81
C ASP D 392 15.98 -19.02 -10.99
N ASP D 393 15.95 -20.32 -11.18
CA ASP D 393 15.29 -20.88 -12.33
C ASP D 393 13.78 -20.97 -12.14
N VAL D 394 13.29 -21.06 -10.91
CA VAL D 394 11.84 -20.88 -10.71
C VAL D 394 11.41 -19.50 -11.23
N LEU D 395 12.17 -18.45 -10.90
CA LEU D 395 11.88 -17.13 -11.42
C LEU D 395 12.01 -17.04 -12.95
N ASN D 396 13.09 -17.60 -13.53
CA ASN D 396 13.25 -17.55 -15.00
C ASN D 396 12.05 -18.17 -15.71
N VAL D 397 11.63 -19.35 -15.22
CA VAL D 397 10.51 -20.04 -15.83
C VAL D 397 9.25 -19.18 -15.70
N LYS D 398 9.02 -18.63 -14.49
CA LYS D 398 7.84 -17.79 -14.27
C LYS D 398 7.88 -16.56 -15.12
N ASP D 399 9.08 -15.92 -15.27
CA ASP D 399 9.15 -14.69 -16.10
C ASP D 399 8.81 -14.98 -17.58
N VAL D 400 9.35 -16.08 -18.10
CA VAL D 400 9.14 -16.44 -19.50
C VAL D 400 7.66 -16.63 -19.75
N SER D 401 6.94 -17.24 -18.80
CA SER D 401 5.51 -17.39 -18.89
C SER D 401 4.82 -16.04 -18.84
N LEU D 402 5.36 -15.08 -18.07
CA LEU D 402 4.81 -13.71 -18.04
C LEU D 402 5.05 -12.98 -19.35
N ILE D 403 6.20 -13.22 -19.97
CA ILE D 403 6.45 -12.61 -21.27
C ILE D 403 5.38 -13.10 -22.25
N HIS D 404 5.05 -14.40 -22.17
CA HIS D 404 4.00 -14.95 -23.03
C HIS D 404 2.65 -14.35 -22.68
N TRP D 405 2.31 -14.32 -21.38
CA TRP D 405 1.07 -13.72 -20.94
C TRP D 405 0.91 -12.31 -21.49
N LEU D 406 2.01 -11.57 -21.55
CA LEU D 406 1.95 -10.17 -22.04
C LEU D 406 1.86 -10.05 -23.56
N HIS D 407 2.09 -11.15 -24.29
CA HIS D 407 2.21 -11.17 -25.75
C HIS D 407 3.43 -10.35 -26.22
N ALA D 408 4.43 -10.24 -25.34
CA ALA D 408 5.73 -9.69 -25.70
C ALA D 408 6.49 -10.74 -26.51
N ASN D 409 7.55 -10.33 -27.23
CA ASN D 409 8.36 -11.35 -27.93
C ASN D 409 9.86 -11.21 -27.68
N SER D 410 10.30 -10.30 -26.80
CA SER D 410 11.72 -9.94 -26.68
C SER D 410 12.01 -9.26 -25.37
N PHE D 411 13.29 -9.33 -24.99
CA PHE D 411 13.83 -8.40 -23.99
C PHE D 411 15.31 -8.13 -24.28
N ARG D 412 15.89 -7.15 -23.60
CA ARG D 412 17.33 -6.93 -23.53
C ARG D 412 17.90 -7.38 -22.18
N THR D 413 19.16 -7.93 -22.18
CA THR D 413 19.82 -8.34 -20.92
C THR D 413 20.46 -7.11 -20.21
N SER D 414 19.63 -6.09 -19.96
CA SER D 414 20.09 -4.89 -19.23
C SER D 414 20.52 -5.31 -17.87
N HIS D 415 21.72 -4.94 -17.40
CA HIS D 415 22.81 -4.29 -18.20
C HIS D 415 24.10 -5.09 -18.01
N TYR D 416 24.01 -6.41 -18.28
CA TYR D 416 25.03 -7.42 -18.00
C TYR D 416 24.50 -8.71 -18.58
N PRO D 417 25.36 -9.62 -19.03
CA PRO D 417 24.84 -10.91 -19.56
C PRO D 417 24.14 -11.60 -18.43
N TYR D 418 23.00 -12.23 -18.74
CA TYR D 418 22.27 -13.00 -17.77
C TYR D 418 22.82 -14.43 -17.67
N ALA D 419 22.19 -15.18 -16.80
CA ALA D 419 22.60 -16.55 -16.56
C ALA D 419 22.32 -17.41 -17.78
N GLU D 420 23.19 -18.40 -17.97
CA GLU D 420 23.12 -19.20 -19.18
C GLU D 420 21.78 -19.94 -19.31
N SER D 421 21.23 -20.48 -18.22
CA SER D 421 19.90 -21.12 -18.28
C SER D 421 18.83 -20.25 -18.95
N MET D 422 18.91 -18.92 -18.72
CA MET D 422 17.83 -18.07 -19.21
C MET D 422 17.83 -18.07 -20.70
N TYR D 423 18.99 -18.05 -21.32
CA TYR D 423 18.98 -18.08 -22.78
C TYR D 423 18.51 -19.46 -23.29
N ASP D 424 18.90 -20.57 -22.64
CA ASP D 424 18.37 -21.86 -23.10
C ASP D 424 16.86 -21.85 -23.01
N LEU D 425 16.33 -21.23 -21.96
CA LEU D 425 14.90 -21.21 -21.78
C LEU D 425 14.22 -20.43 -22.91
N CYS D 426 14.82 -19.31 -23.35
CA CYS D 426 14.22 -18.45 -24.38
C CYS D 426 14.40 -19.03 -25.79
N ASP D 427 15.51 -19.77 -26.03
CA ASP D 427 15.62 -20.69 -27.18
C ASP D 427 14.42 -21.64 -27.29
N ARG D 428 14.15 -22.43 -26.22
CA ARG D 428 12.98 -23.30 -26.31
C ARG D 428 11.69 -22.55 -26.25
N GLU D 429 11.63 -21.31 -25.72
CA GLU D 429 10.29 -20.67 -25.67
C GLU D 429 10.05 -19.62 -26.76
N GLY D 430 10.99 -19.41 -27.69
CA GLY D 430 10.69 -18.54 -28.82
C GLY D 430 10.72 -17.05 -28.49
N ILE D 431 11.59 -16.66 -27.55
CA ILE D 431 11.70 -15.26 -27.11
C ILE D 431 13.04 -14.71 -27.56
N VAL D 432 13.01 -13.59 -28.25
CA VAL D 432 14.21 -13.00 -28.80
C VAL D 432 14.96 -12.20 -27.72
N ILE D 433 16.29 -12.21 -27.78
CA ILE D 433 17.11 -11.51 -26.81
C ILE D 433 18.09 -10.57 -27.50
N ILE D 434 18.29 -9.39 -26.94
CA ILE D 434 19.40 -8.50 -27.26
C ILE D 434 20.38 -8.65 -26.11
N ASP D 435 21.59 -9.12 -26.39
CA ASP D 435 22.55 -9.48 -25.34
C ASP D 435 23.47 -8.31 -25.08
N GLU D 436 23.66 -7.93 -23.80
CA GLU D 436 24.39 -6.71 -23.46
C GLU D 436 25.47 -6.98 -22.41
N VAL D 437 26.66 -6.38 -22.56
CA VAL D 437 27.82 -6.43 -21.65
C VAL D 437 27.69 -5.44 -20.49
N PRO D 438 28.36 -5.61 -19.36
CA PRO D 438 28.17 -4.62 -18.27
C PRO D 438 28.82 -3.27 -18.51
N ALA D 439 28.92 -2.78 -19.76
CA ALA D 439 29.51 -1.45 -19.95
C ALA D 439 28.50 -0.31 -19.77
N VAL D 440 28.14 -0.08 -18.49
CA VAL D 440 27.12 0.87 -18.12
C VAL D 440 27.71 1.88 -17.13
N GLY D 441 27.35 3.13 -17.29
CA GLY D 441 28.01 4.13 -16.47
C GLY D 441 29.25 4.80 -17.06
N MET D 442 29.58 4.59 -18.34
CA MET D 442 30.80 5.16 -18.93
C MET D 442 30.64 6.58 -19.38
N SER D 443 31.70 7.36 -19.20
CA SER D 443 31.90 8.54 -20.02
C SER D 443 33.41 8.71 -20.29
N TRP D 444 33.77 9.96 -20.65
CA TRP D 444 35.11 10.32 -21.16
C TRP D 444 36.20 9.93 -20.16
N LEU D 445 35.96 10.11 -18.86
CA LEU D 445 36.91 9.59 -17.88
C LEU D 445 37.33 8.15 -18.16
N GLN D 446 36.45 7.32 -18.69
CA GLN D 446 36.77 5.92 -18.92
C GLN D 446 37.41 5.67 -20.29
N TYR D 447 37.10 6.47 -21.30
CA TYR D 447 37.61 6.18 -22.62
C TYR D 447 39.13 6.29 -22.69
N ALA D 448 39.76 7.04 -21.78
CA ALA D 448 41.22 7.17 -21.81
C ALA D 448 41.89 6.21 -20.85
N ASN D 449 41.15 5.29 -20.28
CA ASN D 449 41.68 4.39 -19.29
C ASN D 449 41.97 3.03 -19.92
N PRO D 450 43.22 2.56 -19.98
CA PRO D 450 43.48 1.35 -20.76
C PRO D 450 43.01 0.11 -20.06
N LEU D 451 42.96 0.14 -18.73
CA LEU D 451 42.47 -1.01 -17.99
C LEU D 451 41.00 -1.27 -18.30
N VAL D 452 40.21 -0.20 -18.41
CA VAL D 452 38.77 -0.26 -18.71
C VAL D 452 38.54 -0.78 -20.12
N ALA D 453 39.27 -0.21 -21.08
CA ALA D 453 39.17 -0.64 -22.47
C ALA D 453 39.51 -2.12 -22.62
N GLU D 454 40.44 -2.63 -21.84
CA GLU D 454 40.67 -4.08 -21.89
C GLU D 454 39.50 -4.89 -21.29
N ARG D 455 38.99 -4.48 -20.10
CA ARG D 455 37.81 -5.09 -19.53
C ARG D 455 36.65 -5.04 -20.51
N HIS D 456 36.53 -3.96 -21.27
CA HIS D 456 35.40 -3.84 -22.19
C HIS D 456 35.56 -4.85 -23.33
N ARG D 457 36.81 -5.03 -23.83
CA ARG D 457 37.05 -6.05 -24.87
C ARG D 457 36.88 -7.46 -24.33
N GLU D 458 37.22 -7.67 -23.06
CA GLU D 458 37.05 -8.99 -22.50
C GLU D 458 35.59 -9.34 -22.36
N ALA D 459 34.78 -8.35 -21.97
CA ALA D 459 33.36 -8.57 -21.78
C ALA D 459 32.68 -8.89 -23.12
N ILE D 460 33.01 -8.13 -24.19
CA ILE D 460 32.38 -8.39 -25.50
C ILE D 460 32.78 -9.77 -26.01
N ARG D 461 34.10 -10.08 -25.99
CA ARG D 461 34.58 -11.38 -26.47
C ARG D 461 34.01 -12.47 -25.59
N GLY D 462 34.02 -12.27 -24.26
CA GLY D 462 33.55 -13.30 -23.35
C GLY D 462 32.05 -13.55 -23.46
N MET D 463 31.27 -12.48 -23.67
CA MET D 463 29.82 -12.66 -23.86
C MET D 463 29.52 -13.49 -25.08
N ILE D 464 30.14 -13.11 -26.21
CA ILE D 464 29.86 -13.70 -27.51
C ILE D 464 30.40 -15.15 -27.59
N ALA D 465 31.55 -15.43 -26.98
CA ALA D 465 32.04 -16.82 -26.87
C ALA D 465 31.07 -17.70 -26.05
N ARG D 466 30.48 -17.15 -24.98
CA ARG D 466 29.53 -17.94 -24.21
C ARG D 466 28.21 -18.11 -24.95
N ASP D 467 27.75 -17.07 -25.69
CA ASP D 467 26.37 -17.03 -26.14
C ASP D 467 26.15 -17.24 -27.66
N LYS D 468 27.24 -17.50 -28.43
CA LYS D 468 27.14 -17.48 -29.89
C LYS D 468 26.08 -18.43 -30.40
N ASN D 469 25.85 -19.55 -29.71
CA ASN D 469 24.99 -20.58 -30.29
C ASN D 469 23.48 -20.34 -30.14
N HIS D 470 23.05 -19.36 -29.38
CA HIS D 470 21.62 -19.28 -29.08
C HIS D 470 20.92 -18.74 -30.29
N PRO D 471 19.98 -19.45 -30.88
CA PRO D 471 19.17 -18.79 -31.91
C PRO D 471 18.36 -17.59 -31.37
N CYS D 472 18.02 -17.56 -30.06
CA CYS D 472 17.20 -16.45 -29.54
C CYS D 472 17.94 -15.12 -29.57
N ILE D 473 19.28 -15.14 -29.55
CA ILE D 473 20.04 -13.90 -29.60
C ILE D 473 20.06 -13.38 -31.04
N VAL D 474 19.48 -12.21 -31.26
CA VAL D 474 19.42 -11.62 -32.60
C VAL D 474 20.33 -10.39 -32.75
N MET D 475 20.91 -9.88 -31.67
CA MET D 475 21.57 -8.58 -31.68
C MET D 475 22.39 -8.44 -30.40
N TRP D 476 23.57 -7.80 -30.51
CA TRP D 476 24.46 -7.50 -29.38
C TRP D 476 24.40 -6.02 -29.02
N SER D 477 24.47 -5.69 -27.73
CA SER D 477 24.65 -4.29 -27.29
C SER D 477 26.02 -4.09 -26.64
N ILE D 478 26.78 -3.12 -27.12
CA ILE D 478 28.14 -3.02 -26.60
C ILE D 478 28.24 -2.09 -25.39
N ALA D 479 27.16 -1.36 -25.01
CA ALA D 479 27.25 -0.44 -23.88
C ALA D 479 25.88 0.11 -23.56
N ASN D 480 25.63 0.50 -22.30
CA ASN D 480 24.36 1.15 -21.97
C ASN D 480 24.62 2.57 -21.50
N GLU D 481 24.00 3.52 -22.16
CA GLU D 481 24.11 4.95 -21.86
C GLU D 481 25.50 5.53 -21.60
N PRO D 482 26.50 5.23 -22.44
CA PRO D 482 27.77 5.97 -22.31
C PRO D 482 27.60 7.42 -22.78
N GLY D 483 28.45 8.30 -22.27
CA GLY D 483 28.48 9.67 -22.77
C GLY D 483 28.93 9.75 -24.23
N LEU D 484 28.11 10.31 -25.12
CA LEU D 484 28.40 10.33 -26.54
C LEU D 484 28.34 11.70 -27.19
N ASP D 485 27.73 12.69 -26.56
CA ASP D 485 27.36 13.99 -27.15
C ASP D 485 28.20 15.07 -26.49
N GLY D 486 28.00 16.29 -26.87
CA GLY D 486 28.68 17.37 -26.17
C GLY D 486 29.38 18.26 -27.14
N ASP D 487 30.30 19.08 -26.69
CA ASP D 487 30.91 19.88 -27.74
C ASP D 487 32.39 19.61 -27.78
N GLY D 488 33.11 20.38 -28.61
CA GLY D 488 34.56 20.12 -28.70
C GLY D 488 34.86 18.75 -29.29
N GLU D 489 35.89 18.11 -28.74
CA GLU D 489 36.37 16.80 -29.17
C GLU D 489 35.58 15.64 -28.54
N ARG D 490 34.70 15.92 -27.58
CA ARG D 490 34.00 14.87 -26.86
C ARG D 490 33.23 13.88 -27.74
N PRO D 491 32.38 14.33 -28.69
CA PRO D 491 31.71 13.35 -29.55
C PRO D 491 32.66 12.42 -30.27
N ARG D 492 33.72 12.99 -30.87
CA ARG D 492 34.75 12.25 -31.61
C ARG D 492 35.52 11.31 -30.72
N GLN D 493 35.82 11.74 -29.49
CA GLN D 493 36.47 10.83 -28.54
C GLN D 493 35.61 9.61 -28.28
N ALA D 494 34.31 9.82 -28.02
CA ALA D 494 33.40 8.69 -27.80
C ALA D 494 33.32 7.78 -29.07
N TYR D 495 33.18 8.38 -30.24
CA TYR D 495 33.20 7.60 -31.49
C TYR D 495 34.47 6.75 -31.64
N ASP D 496 35.66 7.36 -31.50
CA ASP D 496 36.94 6.61 -31.56
C ASP D 496 37.03 5.49 -30.53
N TYR D 497 36.46 5.68 -29.33
CA TYR D 497 36.44 4.58 -28.37
C TYR D 497 35.51 3.44 -28.83
N PHE D 498 34.28 3.75 -29.31
CA PHE D 498 33.23 2.71 -29.53
C PHE D 498 33.33 1.96 -30.88
N ARG D 499 33.83 2.62 -31.92
CA ARG D 499 33.88 1.99 -33.25
C ARG D 499 34.69 0.71 -33.26
N PRO D 500 35.87 0.63 -32.61
CA PRO D 500 36.59 -0.67 -32.55
C PRO D 500 35.82 -1.72 -31.80
N LEU D 501 35.01 -1.31 -30.81
CA LEU D 501 34.20 -2.27 -30.05
C LEU D 501 33.04 -2.77 -30.91
N TYR D 502 32.44 -1.88 -31.72
CA TYR D 502 31.46 -2.30 -32.69
C TYR D 502 32.06 -3.31 -33.67
N GLU D 503 33.28 -3.03 -34.16
CA GLU D 503 33.95 -3.95 -35.08
C GLU D 503 34.30 -5.24 -34.36
N LEU D 504 34.78 -5.15 -33.11
CA LEU D 504 35.13 -6.36 -32.36
C LEU D 504 33.91 -7.27 -32.15
N ALA D 505 32.75 -6.69 -31.90
CA ALA D 505 31.58 -7.58 -31.77
C ALA D 505 31.25 -8.26 -33.12
N HIS D 506 31.34 -7.51 -34.23
CA HIS D 506 31.06 -8.08 -35.54
C HIS D 506 31.99 -9.23 -35.85
N ALA D 507 33.25 -9.09 -35.42
CA ALA D 507 34.27 -10.06 -35.77
C ALA D 507 34.35 -11.22 -34.79
N SER D 508 33.81 -11.05 -33.56
CA SER D 508 33.81 -12.18 -32.63
C SER D 508 32.66 -13.17 -32.92
N ASP D 509 31.57 -12.70 -33.53
CA ASP D 509 30.35 -13.48 -33.70
C ASP D 509 30.32 -14.22 -35.03
N PRO D 510 30.47 -15.55 -35.04
CA PRO D 510 30.41 -16.27 -36.32
C PRO D 510 29.12 -16.07 -37.06
N GLN D 511 28.04 -15.73 -36.37
CA GLN D 511 26.80 -15.47 -37.09
C GLN D 511 26.75 -14.05 -37.65
N ASN D 512 27.73 -13.21 -37.30
CA ASN D 512 27.76 -11.79 -37.72
C ASN D 512 26.40 -11.08 -37.56
N ARG D 513 25.84 -11.12 -36.36
CA ARG D 513 24.56 -10.43 -36.12
C ARG D 513 24.76 -8.91 -35.95
N PRO D 514 23.69 -8.13 -36.14
CA PRO D 514 23.78 -6.67 -35.91
C PRO D 514 24.29 -6.34 -34.50
N VAL D 515 24.92 -5.18 -34.39
CA VAL D 515 25.49 -4.68 -33.13
C VAL D 515 24.86 -3.31 -32.86
N THR D 516 24.48 -3.04 -31.62
CA THR D 516 24.00 -1.72 -31.29
C THR D 516 24.71 -1.18 -30.05
N LEU D 517 24.36 0.04 -29.70
CA LEU D 517 24.80 0.62 -28.45
C LEU D 517 23.58 1.36 -27.92
N VAL D 518 23.23 1.17 -26.65
CA VAL D 518 21.96 1.66 -26.16
C VAL D 518 22.20 3.08 -25.64
N CYS D 519 21.56 4.04 -26.28
CA CYS D 519 21.89 5.45 -26.04
C CYS D 519 20.96 6.14 -25.00
N CYS D 520 21.54 6.94 -24.08
CA CYS D 520 20.77 7.70 -23.11
C CYS D 520 20.13 8.86 -23.80
N GLN D 521 19.10 9.41 -23.16
CA GLN D 521 18.48 10.66 -23.59
C GLN D 521 19.56 11.71 -23.70
N ASN D 522 19.86 12.23 -24.89
CA ASN D 522 20.97 13.19 -25.03
C ASN D 522 20.64 14.18 -26.15
N ASP D 523 21.64 15.00 -26.51
CA ASP D 523 21.57 15.88 -27.67
C ASP D 523 21.99 15.04 -28.86
N TYR D 524 20.95 14.55 -29.55
CA TYR D 524 21.16 13.63 -30.65
C TYR D 524 21.79 14.34 -31.85
N THR D 525 21.87 15.68 -31.85
CA THR D 525 22.54 16.37 -32.95
C THR D 525 24.05 16.47 -32.79
N THR D 526 24.63 16.34 -31.56
CA THR D 526 26.09 16.30 -31.38
C THR D 526 26.63 14.91 -31.05
N ASP D 527 25.78 13.97 -30.64
CA ASP D 527 26.08 12.54 -30.69
C ASP D 527 26.37 12.14 -32.14
N ILE D 528 27.55 11.60 -32.42
CA ILE D 528 27.85 11.10 -33.76
C ILE D 528 28.11 9.58 -33.76
N THR D 529 27.93 8.90 -32.64
CA THR D 529 28.22 7.47 -32.55
C THR D 529 26.97 6.60 -32.72
N GLU D 530 25.88 6.94 -31.99
CA GLU D 530 24.65 6.17 -32.07
C GLU D 530 24.20 5.93 -33.51
N ARG D 531 24.18 6.99 -34.36
CA ARG D 531 23.66 6.84 -35.73
C ARG D 531 24.45 5.86 -36.59
N THR D 532 25.65 5.47 -36.17
CA THR D 532 26.44 4.52 -36.94
C THR D 532 26.20 3.06 -36.53
N MET D 533 25.33 2.80 -35.56
CA MET D 533 25.04 1.42 -35.17
C MET D 533 24.18 0.74 -36.22
N ASP D 534 24.14 -0.61 -36.19
CA ASP D 534 23.30 -1.31 -37.17
C ASP D 534 21.81 -1.03 -36.97
N VAL D 535 21.39 -0.99 -35.71
CA VAL D 535 20.05 -0.61 -35.33
C VAL D 535 20.21 0.48 -34.30
N VAL D 536 19.38 1.54 -34.40
CA VAL D 536 19.42 2.60 -33.41
C VAL D 536 18.49 2.23 -32.23
N CYS D 537 19.08 2.18 -31.05
CA CYS D 537 18.40 1.82 -29.82
C CYS D 537 18.47 3.01 -28.88
N ILE D 538 17.32 3.66 -28.65
CA ILE D 538 17.26 4.87 -27.84
C ILE D 538 16.43 4.69 -26.55
N ASN D 539 16.99 5.20 -25.44
CA ASN D 539 16.38 5.35 -24.14
C ASN D 539 15.84 6.77 -24.07
N ARG D 540 14.51 6.95 -24.00
CA ARG D 540 13.94 8.28 -24.02
C ARG D 540 12.87 8.39 -22.93
N TYR D 541 12.87 9.48 -22.14
CA TYR D 541 11.91 9.62 -21.05
C TYR D 541 11.18 10.95 -21.15
N TYR D 542 10.70 11.26 -22.37
CA TYR D 542 9.92 12.45 -22.58
C TYR D 542 8.62 12.36 -21.79
N GLY D 543 8.25 13.44 -21.07
CA GLY D 543 7.11 13.43 -20.17
C GLY D 543 7.38 12.84 -18.78
N TRP D 544 8.53 12.22 -18.52
CA TRP D 544 8.94 11.79 -17.19
C TRP D 544 10.07 12.69 -16.62
N TYR D 545 11.32 12.50 -17.10
CA TYR D 545 12.47 13.30 -16.70
C TYR D 545 12.47 14.70 -17.30
N ASN D 546 11.60 14.99 -18.26
CA ASN D 546 11.49 16.33 -18.85
C ASN D 546 10.04 16.50 -19.23
N LEU D 547 9.65 17.74 -19.48
CA LEU D 547 8.28 18.02 -19.81
C LEU D 547 7.35 17.30 -18.82
N SER D 548 7.69 17.33 -17.53
CA SER D 548 7.13 16.32 -16.62
C SER D 548 5.58 16.36 -16.53
N GLY D 549 4.94 15.23 -16.79
CA GLY D 549 3.52 15.06 -16.65
C GLY D 549 2.69 15.51 -17.84
N ASP D 550 3.34 16.15 -18.83
CA ASP D 550 2.70 16.93 -19.89
C ASP D 550 2.77 16.06 -21.14
N LEU D 551 1.77 15.22 -21.35
CA LEU D 551 1.99 14.20 -22.38
C LEU D 551 1.95 14.79 -23.80
N ASP D 552 1.13 15.84 -24.01
CA ASP D 552 1.11 16.58 -25.27
C ASP D 552 2.47 17.15 -25.58
N ALA D 553 3.09 17.81 -24.61
CA ALA D 553 4.42 18.37 -24.88
C ALA D 553 5.40 17.26 -25.09
N ALA D 554 5.25 16.14 -24.38
CA ALA D 554 6.17 15.03 -24.51
C ALA D 554 6.11 14.39 -25.91
N CYS D 555 4.90 14.27 -26.47
CA CYS D 555 4.70 13.64 -27.77
C CYS D 555 5.19 14.53 -28.92
N HIS D 556 4.92 15.84 -28.83
CA HIS D 556 5.56 16.87 -29.66
C HIS D 556 7.10 16.74 -29.62
N ALA D 557 7.73 16.78 -28.42
CA ALA D 557 9.19 16.60 -28.35
C ALA D 557 9.61 15.32 -29.00
N LEU D 558 8.90 14.21 -28.67
CA LEU D 558 9.26 12.92 -29.27
C LEU D 558 9.25 13.03 -30.79
N ASN D 559 8.17 13.61 -31.34
CA ASN D 559 8.05 13.68 -32.80
C ASN D 559 9.16 14.53 -33.39
N ILE D 560 9.60 15.59 -32.70
CA ILE D 560 10.72 16.37 -33.19
C ILE D 560 11.96 15.48 -33.31
N GLU D 561 12.25 14.68 -32.27
CA GLU D 561 13.40 13.78 -32.35
C GLU D 561 13.19 12.67 -33.40
N LEU D 562 11.99 12.12 -33.52
CA LEU D 562 11.73 11.14 -34.56
C LEU D 562 11.93 11.75 -35.96
N ASP D 563 11.74 13.06 -36.11
CA ASP D 563 11.96 13.70 -37.39
C ASP D 563 13.47 13.67 -37.70
N PHE D 564 14.29 13.93 -36.71
CA PHE D 564 15.72 13.71 -36.87
C PHE D 564 16.01 12.30 -37.36
N TRP D 565 15.43 11.28 -36.71
CA TRP D 565 15.83 9.92 -37.01
C TRP D 565 15.24 9.43 -38.32
N GLU D 566 14.13 10.03 -38.77
CA GLU D 566 13.57 9.72 -40.07
C GLU D 566 14.58 10.04 -41.16
N ASN D 567 15.28 11.17 -41.01
CA ASN D 567 16.27 11.62 -42.01
C ASN D 567 17.55 10.79 -41.96
N ILE D 568 17.88 10.16 -40.82
CA ILE D 568 19.06 9.31 -40.69
C ILE D 568 18.89 8.00 -41.46
N GLY D 569 17.69 7.43 -41.51
CA GLY D 569 17.56 6.28 -42.42
C GLY D 569 17.93 4.91 -41.87
N LYS D 570 18.17 4.77 -40.54
CA LYS D 570 18.44 3.48 -39.91
C LYS D 570 17.17 2.92 -39.25
N PRO D 571 16.99 1.62 -39.13
CA PRO D 571 15.90 1.14 -38.28
C PRO D 571 16.11 1.66 -36.85
N VAL D 572 15.02 2.11 -36.22
CA VAL D 572 15.11 2.66 -34.87
C VAL D 572 14.18 1.87 -33.95
N MET D 573 14.56 1.71 -32.69
CA MET D 573 13.59 1.19 -31.69
C MET D 573 13.86 1.76 -30.27
N PHE D 574 12.82 1.73 -29.42
CA PHE D 574 12.97 2.05 -28.00
C PHE D 574 13.63 0.88 -27.31
N THR D 575 14.66 1.15 -26.49
CA THR D 575 15.09 0.16 -25.51
C THR D 575 14.75 0.54 -24.04
N GLU D 576 14.38 1.79 -23.76
CA GLU D 576 13.84 2.24 -22.47
C GLU D 576 12.90 3.40 -22.71
N TYR D 577 11.75 3.32 -22.04
CA TYR D 577 10.83 4.42 -21.79
C TYR D 577 9.81 3.97 -20.79
N GLY D 578 9.37 4.92 -19.94
CA GLY D 578 8.51 4.57 -18.82
C GLY D 578 8.43 5.67 -17.76
N ALA D 579 7.91 5.25 -16.60
CA ALA D 579 7.38 6.16 -15.57
C ALA D 579 7.30 5.39 -14.26
N ASP D 580 7.95 5.88 -13.22
CA ASP D 580 7.83 5.18 -11.95
C ASP D 580 6.35 5.15 -11.54
N THR D 581 5.94 4.04 -10.91
CA THR D 581 4.54 3.81 -10.71
C THR D 581 4.41 3.02 -9.42
N ILE D 582 3.76 3.58 -8.42
CA ILE D 582 3.51 2.79 -7.19
C ILE D 582 2.18 2.05 -7.34
N GLU D 583 2.20 0.73 -7.29
CA GLU D 583 0.92 0.05 -7.41
C GLU D 583 -0.04 0.47 -6.32
N GLY D 584 -1.31 0.73 -6.68
CA GLY D 584 -2.29 1.19 -5.72
C GLY D 584 -2.52 2.68 -5.72
N ILE D 585 -1.59 3.43 -6.28
CA ILE D 585 -1.77 4.86 -6.41
C ILE D 585 -2.61 5.08 -7.65
N HIS D 586 -3.75 5.78 -7.48
CA HIS D 586 -4.77 5.87 -8.51
C HIS D 586 -5.26 7.32 -8.55
N GLY D 587 -5.61 7.79 -9.74
CA GLY D 587 -6.36 9.04 -9.87
C GLY D 587 -7.25 9.02 -11.08
N THR D 588 -8.30 9.80 -11.05
CA THR D 588 -9.12 9.86 -12.25
C THR D 588 -8.39 10.59 -13.37
N HIS D 589 -7.51 11.52 -13.06
CA HIS D 589 -6.63 12.13 -14.06
C HIS D 589 -5.24 11.72 -13.64
N GLY D 590 -4.74 10.60 -14.13
CA GLY D 590 -3.50 10.06 -13.50
C GLY D 590 -2.34 11.03 -13.57
N GLU D 591 -1.72 11.33 -12.41
CA GLU D 591 -0.47 12.08 -12.26
C GLU D 591 0.69 11.15 -12.03
N MET D 592 1.90 11.69 -12.17
CA MET D 592 3.07 10.81 -12.12
C MET D 592 3.05 10.01 -10.83
N PHE D 593 3.41 8.73 -10.95
CA PHE D 593 3.48 7.69 -9.90
C PHE D 593 2.17 6.95 -9.79
N SER D 594 1.06 7.44 -10.37
CA SER D 594 -0.15 6.67 -10.36
C SER D 594 -0.12 5.57 -11.44
N GLU D 595 -0.96 4.56 -11.24
CA GLU D 595 -1.12 3.55 -12.29
C GLU D 595 -1.70 4.13 -13.56
N GLU D 596 -2.68 5.05 -13.45
CA GLU D 596 -3.27 5.58 -14.67
C GLU D 596 -2.24 6.35 -15.52
N PHE D 597 -1.33 7.10 -14.87
CA PHE D 597 -0.31 7.85 -15.61
C PHE D 597 0.61 6.92 -16.40
N GLN D 598 1.00 5.78 -15.81
CA GLN D 598 1.87 4.84 -16.51
C GLN D 598 1.17 4.29 -17.74
N ARG D 599 -0.07 3.94 -17.60
CA ARG D 599 -0.89 3.50 -18.73
C ARG D 599 -1.05 4.60 -19.77
N ASP D 600 -1.35 5.84 -19.35
CA ASP D 600 -1.49 6.91 -20.33
C ASP D 600 -0.15 7.20 -20.97
N TYR D 601 0.94 6.99 -20.23
CA TYR D 601 2.23 7.29 -20.81
C TYR D 601 2.45 6.44 -22.07
N TYR D 602 2.25 5.10 -21.95
CA TYR D 602 2.42 4.19 -23.07
C TYR D 602 1.36 4.37 -24.15
N ALA D 603 0.07 4.59 -23.77
CA ALA D 603 -0.96 4.86 -24.80
C ALA D 603 -0.53 6.01 -25.71
N ARG D 604 -0.14 7.15 -25.13
CA ARG D 604 0.25 8.32 -25.94
C ARG D 604 1.54 8.11 -26.70
N ILE D 605 2.56 7.61 -26.05
CA ILE D 605 3.83 7.46 -26.75
C ILE D 605 3.67 6.45 -27.87
N ASN D 606 3.02 5.31 -27.60
CA ASN D 606 2.95 4.23 -28.60
C ASN D 606 2.12 4.65 -29.79
N ALA D 607 1.14 5.55 -29.62
CA ALA D 607 0.44 6.00 -30.82
C ALA D 607 1.35 6.89 -31.69
N GLU D 608 2.43 7.49 -31.14
CA GLU D 608 3.29 8.27 -32.00
C GLU D 608 4.24 7.36 -32.81
N ILE D 609 4.89 6.39 -32.16
CA ILE D 609 5.77 5.54 -32.93
C ILE D 609 5.01 4.66 -33.92
N ASP D 610 3.72 4.40 -33.74
CA ASP D 610 2.94 3.67 -34.75
C ASP D 610 2.86 4.38 -36.11
N LYS D 611 3.02 5.71 -36.15
CA LYS D 611 3.05 6.49 -37.37
C LYS D 611 4.37 6.39 -38.16
N ARG D 612 5.41 5.77 -37.60
CA ARG D 612 6.70 5.72 -38.22
C ARG D 612 7.03 4.32 -38.72
N PRO D 613 7.09 4.10 -40.02
CA PRO D 613 7.38 2.74 -40.56
C PRO D 613 8.76 2.26 -40.30
N TRP D 614 9.70 3.12 -40.03
CA TRP D 614 11.06 2.71 -39.81
C TRP D 614 11.31 2.42 -38.32
N PHE D 615 10.31 2.60 -37.49
CA PHE D 615 10.51 2.41 -36.06
C PHE D 615 10.14 0.95 -35.77
N ILE D 616 11.15 0.11 -35.49
CA ILE D 616 10.98 -1.36 -35.59
C ILE D 616 10.84 -2.06 -34.25
N GLY D 617 10.57 -1.35 -33.16
CA GLY D 617 10.46 -2.07 -31.91
C GLY D 617 10.16 -1.15 -30.74
N GLU D 618 9.56 -1.76 -29.69
CA GLU D 618 9.19 -0.99 -28.49
C GLU D 618 9.60 -1.89 -27.35
N GLN D 619 10.77 -1.61 -26.77
CA GLN D 619 11.19 -2.30 -25.55
C GLN D 619 11.14 -1.23 -24.47
N LEU D 620 10.21 -1.39 -23.53
CA LEU D 620 10.02 -0.38 -22.51
C LEU D 620 10.92 -0.66 -21.31
N TRP D 621 10.94 0.29 -20.40
CA TRP D 621 11.64 0.12 -19.10
C TRP D 621 10.56 0.19 -17.97
N ASN D 622 10.38 -0.88 -17.17
CA ASN D 622 11.15 -2.10 -17.12
C ASN D 622 10.11 -3.19 -17.06
N PHE D 623 10.56 -4.42 -17.23
CA PHE D 623 9.66 -5.55 -17.01
C PHE D 623 9.12 -5.58 -15.57
N ALA D 624 9.95 -5.33 -14.58
CA ALA D 624 9.52 -5.44 -13.20
C ALA D 624 10.29 -4.48 -12.30
N ASP D 625 9.64 -4.08 -11.21
CA ASP D 625 10.33 -3.23 -10.26
C ASP D 625 11.56 -3.95 -9.70
N PHE D 626 12.63 -3.19 -9.40
CA PHE D 626 13.91 -3.79 -9.01
C PHE D 626 14.68 -2.86 -8.07
N ALA D 627 15.68 -3.39 -7.41
CA ALA D 627 16.37 -2.62 -6.37
C ALA D 627 17.50 -1.72 -6.92
N THR D 628 17.71 -0.60 -6.24
CA THR D 628 18.72 0.35 -6.61
C THR D 628 19.43 0.79 -5.34
N PHE D 629 20.55 1.47 -5.53
CA PHE D 629 21.12 2.26 -4.47
C PHE D 629 20.08 3.31 -3.99
N GLN D 630 20.03 3.55 -2.70
CA GLN D 630 18.93 4.35 -2.16
C GLN D 630 19.19 5.80 -2.48
N GLY D 631 18.10 6.55 -2.66
CA GLY D 631 18.14 7.98 -3.02
C GLY D 631 16.72 8.53 -3.12
N ILE D 632 16.65 9.83 -3.40
CA ILE D 632 15.38 10.53 -3.30
C ILE D 632 14.50 10.29 -4.50
N ILE D 633 15.00 9.72 -5.60
CA ILE D 633 14.10 9.42 -6.70
C ILE D 633 13.76 7.91 -6.79
N ARG D 634 14.23 7.10 -5.85
CA ARG D 634 14.05 5.65 -5.89
C ARG D 634 13.19 5.18 -4.70
N VAL D 635 11.89 5.01 -4.93
CA VAL D 635 11.00 4.64 -3.83
C VAL D 635 11.08 3.14 -3.57
N GLU D 636 12.02 2.69 -2.73
CA GLU D 636 12.32 1.25 -2.60
C GLU D 636 12.81 0.70 -3.96
N GLY D 637 13.73 1.40 -4.62
CA GLY D 637 14.29 0.93 -5.89
C GLY D 637 13.60 1.63 -7.05
N ASN D 638 13.69 1.03 -8.20
CA ASN D 638 13.20 1.65 -9.41
C ASN D 638 11.79 1.11 -9.57
N ARG D 639 10.83 1.96 -9.84
CA ARG D 639 9.45 1.56 -9.85
C ARG D 639 8.85 1.71 -11.25
N LYS D 640 9.69 1.73 -12.27
CA LYS D 640 9.13 1.77 -13.61
C LYS D 640 8.74 0.39 -14.15
N GLY D 641 8.75 -0.64 -13.32
CA GLY D 641 8.25 -1.91 -13.79
C GLY D 641 6.79 -1.84 -14.15
N ILE D 642 6.43 -2.56 -15.22
CA ILE D 642 5.04 -2.77 -15.54
C ILE D 642 4.44 -3.84 -14.63
N LEU D 643 5.31 -4.72 -14.08
CA LEU D 643 4.96 -5.55 -12.96
C LEU D 643 5.65 -5.03 -11.71
N THR D 644 5.05 -5.38 -10.58
CA THR D 644 5.71 -5.17 -9.32
C THR D 644 6.89 -6.11 -9.18
N ARG D 645 7.66 -5.89 -8.09
CA ARG D 645 8.83 -6.73 -7.84
C ARG D 645 8.44 -8.20 -7.65
N ASP D 646 7.21 -8.44 -7.19
CA ASP D 646 6.65 -9.78 -7.07
C ASP D 646 5.91 -10.21 -8.31
N ARG D 647 6.07 -9.50 -9.43
CA ARG D 647 5.61 -9.97 -10.75
C ARG D 647 4.10 -9.89 -10.90
N GLN D 648 3.41 -8.92 -10.16
CA GLN D 648 2.00 -8.65 -10.26
C GLN D 648 1.75 -7.50 -11.21
N PRO D 649 0.74 -7.64 -12.06
CA PRO D 649 0.49 -6.69 -13.16
C PRO D 649 -0.03 -5.34 -12.67
N LYS D 650 0.66 -4.26 -13.03
CA LYS D 650 -0.01 -2.98 -12.81
C LYS D 650 -1.01 -2.69 -13.93
N MET D 651 -1.78 -1.62 -13.80
CA MET D 651 -2.76 -1.32 -14.85
C MET D 651 -2.12 -1.32 -16.24
N ALA D 652 -0.92 -0.74 -16.36
CA ALA D 652 -0.25 -0.60 -17.67
C ALA D 652 0.07 -1.97 -18.29
N ALA D 653 0.45 -2.96 -17.45
CA ALA D 653 0.69 -4.32 -17.94
C ALA D 653 -0.56 -4.89 -18.63
N HIS D 654 -1.78 -4.62 -18.10
CA HIS D 654 -2.97 -5.10 -18.79
C HIS D 654 -3.17 -4.36 -20.10
N TRP D 655 -2.98 -3.06 -20.08
CA TRP D 655 -3.12 -2.25 -21.28
C TRP D 655 -2.13 -2.70 -22.35
N LEU D 656 -0.88 -2.95 -21.95
CA LEU D 656 0.15 -3.36 -22.89
C LEU D 656 -0.13 -4.74 -23.42
N ARG D 657 -0.65 -5.62 -22.59
CA ARG D 657 -0.98 -6.97 -22.99
C ARG D 657 -2.03 -6.94 -24.08
N GLU D 658 -3.00 -6.03 -23.93
CA GLU D 658 -4.04 -5.90 -24.93
C GLU D 658 -3.47 -5.33 -26.26
N ARG D 659 -2.68 -4.26 -26.21
CA ARG D 659 -2.03 -3.76 -27.42
C ARG D 659 -1.17 -4.84 -28.10
N TRP D 660 -0.35 -5.52 -27.31
CA TRP D 660 0.62 -6.43 -27.91
C TRP D 660 -0.06 -7.67 -28.51
N ALA D 661 -1.21 -8.06 -27.95
CA ALA D 661 -1.91 -9.19 -28.52
C ALA D 661 -2.38 -8.87 -29.92
N GLY D 662 -2.50 -7.61 -30.31
CA GLY D 662 -2.91 -7.27 -31.67
C GLY D 662 -1.78 -6.91 -32.64
N ILE D 663 -0.53 -7.14 -32.25
CA ILE D 663 0.63 -6.71 -33.02
C ILE D 663 1.40 -7.97 -33.35
N PRO D 664 1.55 -8.30 -34.64
CA PRO D 664 2.20 -9.57 -35.05
C PRO D 664 3.71 -9.45 -34.97
N ASP D 665 4.37 -10.58 -34.74
CA ASP D 665 5.83 -10.57 -34.75
C ASP D 665 6.38 -10.11 -36.11
N TYR D 666 5.75 -10.52 -37.19
CA TYR D 666 6.20 -10.21 -38.55
C TYR D 666 5.15 -9.39 -39.22
N GLY D 667 5.57 -8.30 -39.88
CA GLY D 667 4.70 -7.63 -40.85
C GLY D 667 3.83 -6.55 -40.30
N TYR D 668 3.99 -6.20 -39.04
CA TYR D 668 3.30 -5.02 -38.55
C TYR D 668 3.72 -3.74 -39.30
N LYS D 669 4.97 -3.60 -39.68
CA LYS D 669 5.34 -2.34 -40.37
C LYS D 669 5.92 -2.39 -41.80
#